data_7TJ9
#
_entry.id   7TJ9
#
_cell.length_a   1.00
_cell.length_b   1.00
_cell.length_c   1.00
_cell.angle_alpha   90.00
_cell.angle_beta   90.00
_cell.angle_gamma   90.00
#
_symmetry.space_group_name_H-M   'P 1'
#
loop_
_entity.id
_entity.type
_entity.pdbx_description
1 polymer 'Sodium channel protein type 7 subunit alpha'
2 polymer 'Sodium channel subunit beta-3'
3 branched 2-acetamido-2-deoxy-beta-D-glucopyranose-(1-4)-2-acetamido-2-deoxy-beta-D-glucopyranose
4 non-polymer '(1S)-2-{[(2-AMINOETHOXY)(HYDROXY)PHOSPHORYL]OXY}-1-[(PALMITOYLOXY)METHYL]ETHYL STEARATE'
5 non-polymer '(2S)-3-(hexadecanoyloxy)-2-[(9Z)-octadec-9-enoyloxy]propyl 2-(trimethylammonio)ethyl phosphate'
6 non-polymer 'PALMITIC ACID'
7 non-polymer 2-acetamido-2-deoxy-beta-D-glucopyranose
8 non-polymer CHOLESTEROL
9 non-polymer '2-{[(4-O-alpha-D-glucopyranosyl-alpha-D-glucopyranosyl)oxy]methyl}-4-{[(3beta,9beta,14beta,17beta,25R)-spirost-5-en-3-yl]oxy}butyl 4-O-alpha-D-glucopyranosyl-alpha-D-glucopyranoside'
#
loop_
_entity_poly.entity_id
_entity_poly.type
_entity_poly.pdbx_seq_one_letter_code
_entity_poly.pdbx_strand_id
1 'polypeptide(L)'
;MWSHPQFEKGGGSGGGSGGSAWSHPQFEKFFSFFDYKDDDDKGGSGGDYKDDDDKMLASPEPKGLVPFTKESFELIKQHI
AKTHNEDHEEEDLKPTPDLEVGKKLPFIYGNLSQGMVSEPLEDVDPYYYKKKNTFIVLNKNRTIFRFNAASILCTLSPFN
CIRRTTIKVLVHPFFQLFILISVLIDCVFMSLTNLPKWRPVLENTLLGIYTFEILVKLFARGVWAGSFSFLGDPWNWLDF
SVTVFEVIIRYSPLDFIPTLQTARTLRILKIIPLNQGLKSLVGVLIHCLKQLIGVIILTLFFLSIFSLIGMGLFMGNLKH
KCFRWPQENENETLHNRTGNPYYIRETENFYYLEGERYALLCGNRTDAGQCPEGYVCVKAGINPDQGFTNFDSFGWALFA
LFRLMAQDYPEVLYHQILYASGKVYMIFFVVVSFLFSFYMASLFLGILAMAYEEEKQRVGEISKKIEPKFQQTGKELQEG
NETDEAKTIQIEMKKRSPISTDTSLDVLEDATLRHKEELEKSKKICPLYWYKFAKTFLIWNCSPCWLKLKEFVHRIIMAP
FTDLFLIICIILNVCFLTLEHYPMSKQTNTLLNIGNLVFIGIFTAEMIFKIIAMHPYGYFQVGWNIFDSMIVFHGLIELC
LANVAGMALLRLFRMLRIFKLGKYWPTFQILMWSLSNSWVALKDLVLLLFTFIFFSAAFGMKLFGKNYEEFVCHIDKDCQ
LPRWHMHDFFHSFLNVFRILCGEWVETLWDCMEVAGQSWCIPFYLMVILIGNLLVLYLFLALVSSFSSCKDVTAEENNEA
KNLQLAVARIKKGINYVLLKILCKTQNVPKDTMDHVNEVYVKEDISDHTLSELSNTQDFLKDKEKSSGTEKNATENESQS
LIPSPSVSETVPIASGESDIENLDNKEIQSKSGDGGSKEKIKQSSSSECSTVDIAISEEEEMFYGGERSKHLKNGCRRGS
SLGQISGASKKGKIWQNIRKTCCKIVENNWFKCFIGLVTLLSTGTLAFEDIYMDQRKTIKILLEYADMIFTYIFILEMLL
KWMAYGFKAYFSNGWYRLDFVVVIVFCLSLIGKTREELKPLISMKFLRPLRVLSQFERMKVVVRALIKTTLPTLNVFLVC
LMIWLIFSIMGVDLFAGRFYECIDPTSGERFPSSEVMNKSRCESLLFNESMLWENAKMNFDNVGNGFLSLLQVATFNGWI
TIMNSAIDSVAVNIQPHFEVNIYMYCYFINFIIFGVFLPLSMLITVIIDNFNKHKIKLGGSNIFITVKQRKQYRRLKKLM
YEDSQRPVPRPLNKLQGFIFDVVTSQAFNVIVMVLICFQAIAMMIDTDVQSLQMSIALYWINSIFVMLYTMECILKLIAF
RCFYFTIAWNIFDFMVVIFSITGLCLPMTVGSYLVPPSLVQLILLSRIIHMLRLGKGPKVFHNLMLPLMLSLPALLNIIL
LIFLVMFIYAVFGMYNFAYVKKEAGINDVSNFETFGNSMLCLFQVAIFAGWDGMLDAIFNSKWSDCDPDKINPGTQVRGD
CGNPSVGIFYFVSYILISWLIIVNMYIVVVMEFLNIASKKKNKTLSEDDFRKFFQVWKRFDPDRTQYIDSSKLSDFAAAL
DPPLFMAKPNKGQLIALDLPMAVGDRIHCLDILLAFTKRVMGQDVRMEKVVSEIESGFLLANPFKITCEPITTTLKRKQE
AVSATIIQRAYKNYRLRRNDKNTSDIHMIDGDRDVHATKEGAYFDKAKEKSPIQSQI
;
A
2 'polypeptide(L)'
;MPAFNRLFPLASLVLIYWVSVCFPVCVEVPSETEAVQGNPMKLRCISCMKREEVEATTVVEWFYRPEGGKDFLIYEYRNG
HQEVESPFQGRLQWNGSKDLQDVSITVLNVTLNDSGLYTCNVSREFEFEAHRPFVKTTRLIPLRVTEEAGEDFTSVVSEI
MMYILLVFLTLWLLIEMIYCYRKVSKAEEAAQENASDYLAIPSENKENSAVPVEE
;
B
#
# COMPACT_ATOMS: atom_id res chain seq x y z
N CYS A 154 52.70 -20.56 -12.83
CA CYS A 154 53.78 -20.47 -13.81
C CYS A 154 53.64 -19.21 -14.65
N THR A 155 54.78 -18.64 -15.06
CA THR A 155 54.78 -17.43 -15.86
C THR A 155 56.00 -17.47 -16.78
N LEU A 156 56.25 -16.36 -17.46
CA LEU A 156 57.45 -16.15 -18.25
C LEU A 156 58.25 -15.00 -17.64
N SER A 157 59.53 -14.94 -17.97
CA SER A 157 60.43 -14.03 -17.28
C SER A 157 59.99 -12.59 -17.48
N PRO A 158 59.96 -11.77 -16.42
CA PRO A 158 59.76 -10.32 -16.62
C PRO A 158 60.78 -9.70 -17.54
N PHE A 159 61.89 -10.39 -17.78
CA PHE A 159 62.86 -10.03 -18.81
C PHE A 159 62.77 -11.09 -19.89
N ASN A 160 61.86 -10.89 -20.84
CA ASN A 160 61.76 -11.73 -22.01
C ASN A 160 61.10 -10.91 -23.12
N CYS A 161 61.53 -11.14 -24.35
CA CYS A 161 61.01 -10.35 -25.46
C CYS A 161 59.50 -10.52 -25.60
N ILE A 162 59.02 -11.76 -25.47
CA ILE A 162 57.59 -12.01 -25.63
C ILE A 162 56.80 -11.36 -24.49
N ARG A 163 57.22 -11.57 -23.26
CA ARG A 163 56.49 -10.99 -22.14
C ARG A 163 56.57 -9.47 -22.16
N ARG A 164 57.74 -8.93 -22.51
CA ARG A 164 57.88 -7.48 -22.55
C ARG A 164 56.93 -6.87 -23.57
N THR A 165 56.86 -7.44 -24.78
CA THR A 165 55.97 -6.88 -25.80
C THR A 165 54.52 -7.08 -25.44
N THR A 166 54.16 -8.22 -24.84
CA THR A 166 52.79 -8.42 -24.41
C THR A 166 52.40 -7.38 -23.36
N ILE A 167 53.29 -7.13 -22.40
CA ILE A 167 53.01 -6.10 -21.41
C ILE A 167 52.89 -4.73 -22.06
N LYS A 168 53.73 -4.49 -23.08
CA LYS A 168 53.66 -3.22 -23.79
C LYS A 168 52.28 -3.03 -24.40
N VAL A 169 51.76 -4.06 -25.07
CA VAL A 169 50.45 -3.96 -25.70
C VAL A 169 49.36 -3.83 -24.64
N LEU A 170 49.51 -4.52 -23.51
CA LEU A 170 48.45 -4.52 -22.52
C LEU A 170 48.21 -3.13 -21.95
N VAL A 171 49.27 -2.38 -21.68
CA VAL A 171 49.15 -1.12 -20.96
C VAL A 171 49.01 0.07 -21.91
N HIS A 172 48.81 -0.20 -23.18
CA HIS A 172 48.61 0.87 -24.16
C HIS A 172 47.12 1.20 -24.24
N PRO A 173 46.71 2.45 -23.97
CA PRO A 173 45.27 2.72 -23.88
C PRO A 173 44.46 2.41 -25.13
N PHE A 174 45.09 2.34 -26.30
CA PHE A 174 44.34 1.92 -27.48
C PHE A 174 43.80 0.50 -27.32
N PHE A 175 44.49 -0.34 -26.57
CA PHE A 175 44.04 -1.71 -26.36
C PHE A 175 42.75 -1.76 -25.55
N GLN A 176 42.72 -1.03 -24.45
CA GLN A 176 41.57 -1.01 -23.58
C GLN A 176 40.36 -0.39 -24.26
N LEU A 177 40.57 0.61 -25.10
CA LEU A 177 39.50 1.22 -25.88
C LEU A 177 39.02 0.29 -26.99
N PHE A 178 39.95 -0.40 -27.65
CA PHE A 178 39.56 -1.34 -28.69
C PHE A 178 38.67 -2.44 -28.13
N ILE A 179 39.09 -3.02 -27.00
CA ILE A 179 38.28 -4.07 -26.39
C ILE A 179 36.92 -3.55 -25.97
N LEU A 180 36.88 -2.33 -25.42
CA LEU A 180 35.62 -1.74 -25.00
C LEU A 180 34.68 -1.57 -26.19
N ILE A 181 35.19 -1.03 -27.29
CA ILE A 181 34.35 -0.81 -28.46
C ILE A 181 33.83 -2.12 -29.00
N SER A 182 34.69 -3.14 -29.06
CA SER A 182 34.24 -4.45 -29.52
C SER A 182 33.16 -5.00 -28.62
N VAL A 183 33.31 -4.83 -27.31
CA VAL A 183 32.28 -5.30 -26.38
C VAL A 183 30.96 -4.61 -26.64
N LEU A 184 30.98 -3.29 -26.85
CA LEU A 184 29.72 -2.58 -27.07
C LEU A 184 29.08 -2.98 -28.40
N ILE A 185 29.89 -3.24 -29.42
CA ILE A 185 29.34 -3.78 -30.66
C ILE A 185 28.66 -5.11 -30.41
N ASP A 186 29.31 -5.99 -29.62
CA ASP A 186 28.69 -7.26 -29.30
C ASP A 186 27.38 -7.06 -28.56
N CYS A 187 27.36 -6.14 -27.60
CA CYS A 187 26.13 -5.87 -26.85
C CYS A 187 25.00 -5.49 -27.80
N VAL A 188 25.25 -4.50 -28.67
CA VAL A 188 24.19 -4.03 -29.55
C VAL A 188 23.72 -5.17 -30.46
N PHE A 189 24.67 -5.84 -31.14
CA PHE A 189 24.31 -6.81 -32.15
C PHE A 189 23.82 -8.13 -31.59
N MET A 190 23.94 -8.34 -30.28
CA MET A 190 23.40 -9.52 -29.65
C MET A 190 22.05 -9.25 -29.01
N SER A 191 21.82 -8.05 -28.51
CA SER A 191 20.60 -7.77 -27.77
C SER A 191 19.66 -6.83 -28.52
N LEU A 192 20.10 -5.63 -28.84
CA LEU A 192 19.18 -4.60 -29.30
C LEU A 192 18.90 -4.68 -30.80
N THR A 193 19.51 -5.63 -31.50
CA THR A 193 19.33 -5.81 -32.93
C THR A 193 18.75 -7.18 -33.20
N ASN A 194 17.96 -7.27 -34.27
CA ASN A 194 17.30 -8.52 -34.63
C ASN A 194 17.33 -8.74 -36.14
N LEU A 195 17.42 -10.01 -36.52
CA LEU A 195 17.32 -10.49 -37.90
C LEU A 195 18.44 -9.99 -38.82
N PRO A 196 19.70 -10.13 -38.47
CA PRO A 196 20.76 -10.04 -39.48
C PRO A 196 20.98 -11.38 -40.17
N LYS A 197 21.78 -11.33 -41.25
CA LYS A 197 22.25 -12.51 -41.95
C LYS A 197 23.74 -12.75 -41.75
N TRP A 198 24.48 -11.76 -41.27
CA TRP A 198 25.92 -11.83 -41.12
C TRP A 198 26.37 -12.46 -39.80
N ARG A 199 25.43 -12.97 -39.00
CA ARG A 199 25.73 -13.39 -37.63
C ARG A 199 27.01 -14.22 -37.50
N PRO A 200 27.23 -15.26 -38.30
CA PRO A 200 28.44 -16.08 -38.07
C PRO A 200 29.74 -15.30 -38.19
N VAL A 201 29.85 -14.42 -39.17
CA VAL A 201 31.10 -13.69 -39.37
C VAL A 201 31.37 -12.76 -38.20
N LEU A 202 30.36 -11.98 -37.81
CA LEU A 202 30.53 -11.07 -36.67
C LEU A 202 30.83 -11.85 -35.40
N GLU A 203 30.10 -12.94 -35.17
CA GLU A 203 30.32 -13.73 -33.97
C GLU A 203 31.74 -14.28 -33.91
N ASN A 204 32.25 -14.80 -35.04
CA ASN A 204 33.58 -15.39 -35.03
C ASN A 204 34.68 -14.33 -34.95
N THR A 205 34.47 -13.17 -35.58
CA THR A 205 35.41 -12.08 -35.41
C THR A 205 35.50 -11.67 -33.95
N LEU A 206 34.34 -11.54 -33.28
CA LEU A 206 34.35 -11.19 -31.87
C LEU A 206 35.01 -12.28 -31.04
N LEU A 207 34.78 -13.55 -31.38
CA LEU A 207 35.43 -14.64 -30.67
C LEU A 207 36.95 -14.55 -30.80
N GLY A 208 37.42 -14.21 -32.00
CA GLY A 208 38.85 -14.00 -32.17
C GLY A 208 39.38 -12.85 -31.33
N ILE A 209 38.66 -11.73 -31.30
CA ILE A 209 39.11 -10.60 -30.50
C ILE A 209 39.19 -10.98 -29.03
N TYR A 210 38.16 -11.66 -28.53
CA TYR A 210 38.17 -12.07 -27.13
C TYR A 210 39.31 -13.03 -26.84
N THR A 211 39.55 -13.98 -27.75
CA THR A 211 40.65 -14.92 -27.54
C THR A 211 41.98 -14.20 -27.53
N PHE A 212 42.16 -13.21 -28.40
CA PHE A 212 43.38 -12.42 -28.39
C PHE A 212 43.56 -11.70 -27.07
N GLU A 213 42.46 -11.12 -26.55
CA GLU A 213 42.55 -10.46 -25.24
C GLU A 213 42.97 -11.44 -24.16
N ILE A 214 42.40 -12.64 -24.18
CA ILE A 214 42.75 -13.65 -23.18
C ILE A 214 44.23 -13.98 -23.28
N LEU A 215 44.71 -14.23 -24.49
CA LEU A 215 46.12 -14.63 -24.66
C LEU A 215 47.05 -13.52 -24.19
N VAL A 216 46.77 -12.29 -24.60
CA VAL A 216 47.63 -11.17 -24.22
C VAL A 216 47.68 -11.02 -22.71
N LYS A 217 46.50 -10.97 -22.08
CA LYS A 217 46.46 -10.76 -20.64
C LYS A 217 47.08 -11.93 -19.89
N LEU A 218 46.94 -13.15 -20.44
CA LEU A 218 47.55 -14.31 -19.82
C LEU A 218 49.06 -14.21 -19.83
N PHE A 219 49.65 -13.95 -21.01
CA PHE A 219 51.10 -13.90 -21.09
C PHE A 219 51.67 -12.74 -20.28
N ALA A 220 51.02 -11.58 -20.33
CA ALA A 220 51.55 -10.43 -19.61
C ALA A 220 51.61 -10.70 -18.11
N ARG A 221 50.48 -11.12 -17.53
CA ARG A 221 50.39 -11.26 -16.08
C ARG A 221 50.92 -12.58 -15.56
N GLY A 222 51.16 -13.57 -16.43
CA GLY A 222 51.50 -14.90 -15.97
C GLY A 222 50.26 -15.75 -15.81
N VAL A 223 50.27 -16.69 -14.86
CA VAL A 223 49.10 -17.52 -14.62
C VAL A 223 48.66 -17.44 -13.16
N TRP A 224 49.53 -17.87 -12.25
CA TRP A 224 49.17 -17.99 -10.84
C TRP A 224 50.28 -17.44 -9.95
N ALA A 225 50.73 -16.22 -10.24
CA ALA A 225 51.71 -15.58 -9.36
C ALA A 225 51.15 -15.35 -7.97
N GLY A 226 49.82 -15.43 -7.80
CA GLY A 226 49.17 -15.30 -6.52
C GLY A 226 48.41 -13.99 -6.35
N SER A 227 48.82 -12.96 -7.08
CA SER A 227 48.11 -11.68 -7.07
C SER A 227 48.68 -10.82 -8.18
N PHE A 228 47.82 -10.02 -8.79
CA PHE A 228 48.16 -9.26 -9.99
C PHE A 228 48.55 -10.18 -11.14
N SER A 229 48.10 -11.43 -11.09
CA SER A 229 48.28 -12.40 -12.16
C SER A 229 46.94 -12.66 -12.82
N PHE A 230 46.96 -13.48 -13.87
CA PHE A 230 45.74 -13.71 -14.65
C PHE A 230 44.62 -14.26 -13.78
N LEU A 231 44.93 -15.22 -12.92
CA LEU A 231 43.92 -15.78 -12.02
C LEU A 231 43.77 -14.96 -10.75
N GLY A 232 44.56 -13.91 -10.57
CA GLY A 232 44.36 -13.04 -9.42
C GLY A 232 43.06 -12.26 -9.51
N ASP A 233 42.70 -11.83 -10.71
CA ASP A 233 41.49 -11.04 -10.92
C ASP A 233 40.30 -11.97 -11.13
N PRO A 234 39.26 -11.91 -10.30
CA PRO A 234 38.11 -12.79 -10.53
C PRO A 234 37.39 -12.56 -11.85
N TRP A 235 37.47 -11.36 -12.42
CA TRP A 235 36.82 -11.11 -13.70
C TRP A 235 37.43 -11.97 -14.79
N ASN A 236 38.76 -12.11 -14.76
CA ASN A 236 39.43 -12.95 -15.75
C ASN A 236 38.90 -14.37 -15.71
N TRP A 237 38.49 -14.86 -14.55
CA TRP A 237 37.85 -16.18 -14.48
C TRP A 237 36.61 -16.22 -15.35
N LEU A 238 35.77 -15.19 -15.25
CA LEU A 238 34.56 -15.14 -16.06
C LEU A 238 34.89 -15.09 -17.55
N ASP A 239 35.82 -14.21 -17.92
CA ASP A 239 36.17 -14.09 -19.32
C ASP A 239 36.71 -15.41 -19.87
N PHE A 240 37.63 -16.04 -19.13
CA PHE A 240 38.21 -17.29 -19.57
C PHE A 240 37.14 -18.37 -19.71
N SER A 241 36.27 -18.49 -18.69
CA SER A 241 35.26 -19.54 -18.72
C SER A 241 34.36 -19.38 -19.95
N VAL A 242 33.87 -18.17 -20.18
CA VAL A 242 32.96 -17.98 -21.31
C VAL A 242 33.68 -18.21 -22.63
N THR A 243 34.91 -17.72 -22.74
CA THR A 243 35.66 -17.87 -23.99
C THR A 243 35.88 -19.34 -24.30
N VAL A 244 36.33 -20.11 -23.31
CA VAL A 244 36.59 -21.53 -23.53
C VAL A 244 35.31 -22.25 -23.88
N PHE A 245 34.21 -21.94 -23.18
CA PHE A 245 32.95 -22.59 -23.49
C PHE A 245 32.56 -22.32 -24.94
N GLU A 246 32.71 -21.08 -25.40
CA GLU A 246 32.32 -20.77 -26.77
C GLU A 246 33.24 -21.44 -27.78
N VAL A 247 34.55 -21.45 -27.50
CA VAL A 247 35.48 -22.12 -28.41
C VAL A 247 35.12 -23.59 -28.53
N ILE A 248 34.84 -24.24 -27.40
CA ILE A 248 34.40 -25.63 -27.43
C ILE A 248 33.18 -25.78 -28.33
N ILE A 249 32.08 -25.11 -27.96
CA ILE A 249 30.80 -25.40 -28.61
C ILE A 249 30.88 -25.11 -30.10
N ARG A 250 31.50 -23.99 -30.48
CA ARG A 250 31.44 -23.56 -31.88
C ARG A 250 32.15 -24.55 -32.80
N TYR A 251 33.28 -25.10 -32.37
CA TYR A 251 34.13 -25.93 -33.20
C TYR A 251 34.23 -27.37 -32.68
N SER A 252 33.09 -27.93 -32.30
CA SER A 252 33.04 -29.27 -31.75
C SER A 252 31.75 -29.92 -32.22
N PRO A 253 31.65 -31.25 -32.14
CA PRO A 253 30.40 -31.90 -32.59
C PRO A 253 29.17 -31.43 -31.84
N LEU A 254 29.31 -31.05 -30.57
CA LEU A 254 28.14 -30.69 -29.78
C LEU A 254 27.45 -29.46 -30.37
N ASP A 255 26.16 -29.33 -30.07
CA ASP A 255 25.34 -28.22 -30.54
C ASP A 255 24.47 -27.68 -29.42
N PHE A 256 25.09 -27.34 -28.30
CA PHE A 256 24.38 -26.65 -27.23
C PHE A 256 24.14 -25.21 -27.66
N ILE A 257 23.32 -25.01 -28.68
CA ILE A 257 23.20 -23.71 -29.34
C ILE A 257 22.42 -22.73 -28.47
N PRO A 258 21.17 -23.01 -28.07
CA PRO A 258 20.47 -22.06 -27.20
C PRO A 258 21.25 -21.76 -25.94
N THR A 259 21.91 -22.75 -25.36
CA THR A 259 22.72 -22.51 -24.18
C THR A 259 23.86 -21.55 -24.47
N LEU A 260 24.46 -21.67 -25.67
CA LEU A 260 25.63 -20.89 -25.99
C LEU A 260 25.32 -19.40 -25.93
N GLN A 261 24.28 -18.97 -26.65
CA GLN A 261 23.97 -17.55 -26.72
C GLN A 261 23.71 -16.97 -25.35
N THR A 262 22.96 -17.70 -24.51
CA THR A 262 22.77 -17.25 -23.14
C THR A 262 24.11 -16.95 -22.48
N ALA A 263 25.06 -17.87 -22.58
CA ALA A 263 26.37 -17.64 -21.97
C ALA A 263 27.00 -16.37 -22.51
N ARG A 264 26.85 -16.12 -23.80
CA ARG A 264 27.50 -14.96 -24.40
C ARG A 264 27.03 -13.67 -23.74
N THR A 265 25.78 -13.64 -23.27
CA THR A 265 25.27 -12.41 -22.65
C THR A 265 26.14 -11.99 -21.49
N LEU A 266 26.83 -12.93 -20.84
CA LEU A 266 27.66 -12.59 -19.70
C LEU A 266 28.73 -11.58 -20.07
N ARG A 267 29.13 -11.54 -21.34
CA ARG A 267 30.17 -10.61 -21.76
C ARG A 267 29.75 -9.17 -21.58
N ILE A 268 28.45 -8.91 -21.42
CA ILE A 268 28.01 -7.54 -21.14
C ILE A 268 28.66 -7.06 -19.86
N LEU A 269 28.81 -7.94 -18.88
CA LEU A 269 29.43 -7.54 -17.62
C LEU A 269 30.88 -7.15 -17.80
N LYS A 270 31.48 -7.45 -18.96
CA LYS A 270 32.82 -6.95 -19.23
C LYS A 270 32.90 -5.44 -19.19
N ILE A 271 31.77 -4.74 -19.36
CA ILE A 271 31.80 -3.29 -19.30
C ILE A 271 32.32 -2.81 -17.96
N ILE A 272 32.24 -3.64 -16.92
CA ILE A 272 32.61 -3.23 -15.58
C ILE A 272 34.13 -3.24 -15.41
N PRO A 273 34.84 -4.33 -15.69
CA PRO A 273 36.30 -4.30 -15.48
C PRO A 273 37.06 -3.40 -16.46
N LEU A 274 36.44 -3.01 -17.58
CA LEU A 274 37.11 -2.09 -18.49
C LEU A 274 36.99 -0.64 -18.06
N ASN A 275 36.14 -0.33 -17.09
CA ASN A 275 36.02 1.00 -16.50
C ASN A 275 36.51 0.91 -15.06
N GLN A 276 37.55 1.67 -14.74
CA GLN A 276 38.10 1.62 -13.39
C GLN A 276 37.11 2.13 -12.36
N GLY A 277 36.31 3.14 -12.71
CA GLY A 277 35.30 3.62 -11.79
C GLY A 277 34.30 2.55 -11.42
N LEU A 278 33.79 1.84 -12.42
CA LEU A 278 32.84 0.76 -12.15
C LEU A 278 33.51 -0.36 -11.36
N LYS A 279 34.77 -0.67 -11.67
CA LYS A 279 35.46 -1.72 -10.93
C LYS A 279 35.54 -1.37 -9.45
N SER A 280 35.98 -0.15 -9.15
CA SER A 280 36.07 0.27 -7.74
C SER A 280 34.69 0.27 -7.10
N LEU A 281 33.67 0.71 -7.83
CA LEU A 281 32.33 0.75 -7.26
C LEU A 281 31.84 -0.64 -6.91
N VAL A 282 32.12 -1.62 -7.78
CA VAL A 282 31.70 -2.98 -7.47
C VAL A 282 32.44 -3.51 -6.24
N GLY A 283 33.71 -3.15 -6.11
CA GLY A 283 34.45 -3.57 -4.92
C GLY A 283 33.84 -3.04 -3.65
N VAL A 284 33.52 -1.75 -3.61
CA VAL A 284 32.93 -1.18 -2.40
C VAL A 284 31.54 -1.78 -2.17
N LEU A 285 30.80 -2.06 -3.24
CA LEU A 285 29.49 -2.68 -3.05
C LEU A 285 29.62 -4.05 -2.42
N ILE A 286 30.63 -4.82 -2.82
CA ILE A 286 30.86 -6.11 -2.19
C ILE A 286 31.16 -5.93 -0.71
N HIS A 287 31.98 -4.92 -0.37
CA HIS A 287 32.29 -4.68 1.04
C HIS A 287 31.02 -4.39 1.84
N CYS A 288 30.16 -3.52 1.31
CA CYS A 288 28.90 -3.22 1.97
C CYS A 288 28.03 -4.47 2.12
N LEU A 289 28.03 -5.33 1.10
CA LEU A 289 27.26 -6.55 1.17
C LEU A 289 27.77 -7.46 2.28
N LYS A 290 29.09 -7.54 2.45
CA LYS A 290 29.64 -8.28 3.58
C LYS A 290 29.26 -7.65 4.90
N GLN A 291 29.03 -6.33 4.91
CA GLN A 291 28.52 -5.71 6.13
C GLN A 291 27.06 -6.05 6.39
N LEU A 292 26.30 -6.42 5.36
CA LEU A 292 24.87 -6.70 5.52
C LEU A 292 24.55 -8.13 5.98
N ILE A 293 25.55 -8.92 6.39
CA ILE A 293 25.36 -10.36 6.55
C ILE A 293 24.38 -10.65 7.68
N GLY A 294 24.61 -10.04 8.85
CA GLY A 294 23.76 -10.34 9.99
C GLY A 294 22.32 -9.94 9.75
N VAL A 295 22.10 -8.79 9.10
CA VAL A 295 20.75 -8.35 8.83
C VAL A 295 20.07 -9.31 7.87
N ILE A 296 20.81 -9.82 6.88
CA ILE A 296 20.22 -10.81 5.98
C ILE A 296 19.82 -12.06 6.77
N ILE A 297 20.69 -12.52 7.65
CA ILE A 297 20.39 -13.72 8.44
C ILE A 297 19.16 -13.50 9.30
N LEU A 298 19.05 -12.32 9.93
CA LEU A 298 17.92 -12.06 10.80
C LEU A 298 16.61 -11.97 10.02
N THR A 299 16.66 -11.37 8.83
CA THR A 299 15.47 -11.37 7.98
C THR A 299 15.07 -12.79 7.61
N LEU A 300 16.04 -13.64 7.29
CA LEU A 300 15.73 -15.04 6.98
C LEU A 300 15.09 -15.73 8.19
N PHE A 301 15.65 -15.51 9.37
CA PHE A 301 15.10 -16.05 10.60
C PHE A 301 13.63 -15.67 10.78
N PHE A 302 13.34 -14.37 10.68
CA PHE A 302 11.97 -13.91 10.91
C PHE A 302 11.02 -14.37 9.80
N LEU A 303 11.49 -14.39 8.55
CA LEU A 303 10.64 -14.87 7.47
C LEU A 303 10.28 -16.33 7.66
N SER A 304 11.24 -17.15 8.10
CA SER A 304 10.94 -18.55 8.38
C SER A 304 9.96 -18.69 9.53
N ILE A 305 10.16 -17.92 10.60
CA ILE A 305 9.26 -18.00 11.74
C ILE A 305 7.84 -17.65 11.33
N PHE A 306 7.68 -16.56 10.59
CA PHE A 306 6.34 -16.15 10.21
C PHE A 306 5.75 -17.01 9.09
N SER A 307 6.57 -17.70 8.32
CA SER A 307 6.03 -18.74 7.45
C SER A 307 5.44 -19.88 8.27
N LEU A 308 6.11 -20.27 9.35
CA LEU A 308 5.52 -21.26 10.24
C LEU A 308 4.21 -20.76 10.82
N ILE A 309 4.19 -19.51 11.30
CA ILE A 309 2.97 -18.93 11.85
C ILE A 309 1.87 -18.92 10.78
N GLY A 310 2.22 -18.62 9.54
CA GLY A 310 1.23 -18.59 8.48
C GLY A 310 0.67 -19.95 8.16
N MET A 311 1.53 -20.98 8.10
CA MET A 311 1.02 -22.33 7.90
C MET A 311 0.10 -22.74 9.04
N GLY A 312 0.48 -22.41 10.27
CA GLY A 312 -0.37 -22.72 11.40
C GLY A 312 -1.73 -22.08 11.31
N LEU A 313 -1.81 -20.89 10.72
CA LEU A 313 -3.06 -20.16 10.67
C LEU A 313 -3.85 -20.36 9.39
N PHE A 314 -3.18 -20.55 8.24
CA PHE A 314 -3.86 -20.50 6.96
C PHE A 314 -3.71 -21.76 6.11
N MET A 315 -3.03 -22.79 6.60
CA MET A 315 -2.77 -23.95 5.76
C MET A 315 -4.06 -24.53 5.23
N GLY A 316 -4.13 -24.72 3.92
CA GLY A 316 -5.29 -25.32 3.29
C GLY A 316 -6.44 -24.37 3.02
N ASN A 317 -6.42 -23.16 3.60
CA ASN A 317 -7.57 -22.28 3.49
C ASN A 317 -7.84 -21.87 2.05
N LEU A 318 -6.80 -21.58 1.28
CA LEU A 318 -7.03 -21.11 -0.07
C LEU A 318 -7.60 -22.19 -0.98
N LYS A 319 -7.84 -23.38 -0.45
CA LYS A 319 -8.61 -24.40 -1.16
C LYS A 319 -10.10 -24.32 -0.89
N HIS A 320 -10.54 -23.46 0.04
CA HIS A 320 -11.96 -23.30 0.28
C HIS A 320 -12.66 -22.83 -0.99
N LYS A 321 -13.80 -23.44 -1.28
CA LYS A 321 -14.64 -23.05 -2.40
C LYS A 321 -16.08 -23.10 -1.94
N CYS A 322 -16.99 -22.80 -2.85
CA CYS A 322 -18.42 -22.86 -2.55
C CYS A 322 -19.02 -23.92 -3.48
N PHE A 323 -19.10 -25.14 -2.96
CA PHE A 323 -19.53 -26.30 -3.72
C PHE A 323 -21.04 -26.28 -3.94
N ARG A 324 -21.48 -26.81 -5.08
CA ARG A 324 -22.90 -26.87 -5.40
C ARG A 324 -23.53 -28.04 -4.67
N TRP A 325 -24.42 -27.74 -3.72
CA TRP A 325 -25.06 -28.74 -2.88
C TRP A 325 -26.53 -28.42 -2.73
N PRO A 326 -27.43 -29.42 -2.81
CA PRO A 326 -27.18 -30.85 -3.04
C PRO A 326 -26.81 -31.17 -4.49
N GLN A 327 -26.05 -32.23 -4.68
CA GLN A 327 -25.59 -32.63 -6.01
C GLN A 327 -26.74 -32.79 -7.00
N THR A 338 -15.43 -26.49 -24.92
CA THR A 338 -14.27 -26.16 -25.74
C THR A 338 -13.74 -24.77 -25.42
N GLY A 339 -12.66 -24.39 -26.10
CA GLY A 339 -11.99 -23.13 -25.85
C GLY A 339 -10.50 -23.35 -25.61
N ASN A 340 -9.90 -22.54 -24.76
CA ASN A 340 -8.51 -22.74 -24.39
C ASN A 340 -8.44 -23.77 -23.27
N PRO A 341 -7.68 -24.86 -23.41
CA PRO A 341 -7.67 -25.87 -22.35
C PRO A 341 -7.07 -25.38 -21.04
N TYR A 342 -6.33 -24.27 -21.04
CA TYR A 342 -5.69 -23.76 -19.85
C TYR A 342 -6.46 -22.64 -19.18
N TYR A 343 -7.70 -22.38 -19.64
CA TYR A 343 -8.48 -21.27 -19.12
C TYR A 343 -9.94 -21.68 -18.88
N ILE A 344 -10.18 -22.94 -18.52
CA ILE A 344 -11.54 -23.38 -18.27
C ILE A 344 -11.93 -23.02 -16.84
N ARG A 345 -13.24 -22.96 -16.61
CA ARG A 345 -13.81 -22.70 -15.29
C ARG A 345 -14.89 -23.74 -15.03
N GLU A 346 -14.79 -24.43 -13.91
CA GLU A 346 -15.73 -25.49 -13.56
C GLU A 346 -17.00 -24.89 -12.96
N THR A 347 -17.65 -24.03 -13.74
CA THR A 347 -18.83 -23.33 -13.24
C THR A 347 -19.93 -24.31 -12.84
N GLU A 348 -19.94 -25.52 -13.40
CA GLU A 348 -21.01 -26.46 -13.09
C GLU A 348 -20.92 -26.98 -11.66
N ASN A 349 -19.79 -26.82 -10.99
CA ASN A 349 -19.61 -27.36 -9.64
C ASN A 349 -19.32 -26.30 -8.59
N PHE A 350 -18.61 -25.24 -8.93
CA PHE A 350 -18.28 -24.19 -8.00
C PHE A 350 -18.77 -22.85 -8.55
N TYR A 351 -18.98 -21.90 -7.64
CA TYR A 351 -19.48 -20.59 -8.01
C TYR A 351 -18.34 -19.71 -8.47
N TYR A 352 -18.55 -19.00 -9.59
CA TYR A 352 -17.59 -18.07 -10.15
C TYR A 352 -18.27 -16.73 -10.34
N LEU A 353 -17.63 -15.66 -9.86
CA LEU A 353 -18.11 -14.33 -10.18
C LEU A 353 -18.07 -14.13 -11.70
N GLU A 354 -18.78 -13.10 -12.16
CA GLU A 354 -18.99 -12.93 -13.60
C GLU A 354 -17.67 -12.93 -14.36
N GLY A 355 -16.71 -12.12 -13.93
CA GLY A 355 -15.50 -11.92 -14.70
C GLY A 355 -14.30 -12.71 -14.21
N GLU A 356 -14.29 -13.05 -12.92
CA GLU A 356 -13.10 -13.60 -12.30
C GLU A 356 -12.76 -14.96 -12.89
N ARG A 357 -11.49 -15.32 -12.76
CA ARG A 357 -10.95 -16.55 -13.34
C ARG A 357 -11.01 -17.73 -12.36
N TYR A 358 -10.81 -17.47 -11.08
CA TYR A 358 -10.73 -18.51 -10.08
C TYR A 358 -12.01 -18.57 -9.25
N ALA A 359 -12.26 -19.73 -8.67
CA ALA A 359 -13.47 -19.92 -7.89
C ALA A 359 -13.47 -18.98 -6.69
N LEU A 360 -14.67 -18.51 -6.34
CA LEU A 360 -14.82 -17.57 -5.24
C LEU A 360 -14.48 -18.24 -3.92
N LEU A 361 -13.62 -17.61 -3.13
CA LEU A 361 -13.25 -18.15 -1.84
C LEU A 361 -14.35 -17.86 -0.83
N CYS A 362 -14.57 -18.79 0.10
CA CYS A 362 -15.62 -18.62 1.09
C CYS A 362 -15.30 -19.45 2.33
N GLY A 363 -15.80 -18.97 3.47
CA GLY A 363 -15.47 -19.58 4.75
C GLY A 363 -16.71 -19.77 5.60
N ASN A 364 -16.56 -20.54 6.68
CA ASN A 364 -17.69 -20.86 7.59
C ASN A 364 -17.88 -19.79 8.69
N ARG A 365 -16.87 -19.02 9.06
CA ARG A 365 -17.04 -17.93 10.01
C ARG A 365 -17.97 -16.87 9.45
N THR A 366 -18.54 -16.08 10.35
CA THR A 366 -19.45 -15.02 9.93
C THR A 366 -18.71 -13.84 9.33
N ASP A 367 -17.45 -13.63 9.73
CA ASP A 367 -16.61 -12.59 9.14
C ASP A 367 -15.79 -13.11 7.97
N ALA A 368 -16.28 -14.12 7.28
CA ALA A 368 -15.61 -14.70 6.12
C ALA A 368 -16.55 -14.70 4.94
N GLY A 369 -16.01 -14.96 3.76
CA GLY A 369 -16.80 -14.95 2.55
C GLY A 369 -18.02 -15.83 2.65
N GLN A 370 -19.14 -15.36 2.14
CA GLN A 370 -20.40 -16.07 2.22
C GLN A 370 -20.73 -16.69 0.87
N CYS A 371 -21.32 -17.87 0.90
CA CYS A 371 -21.68 -18.56 -0.32
C CYS A 371 -23.00 -18.02 -0.87
N PRO A 372 -23.25 -18.17 -2.16
CA PRO A 372 -24.60 -17.94 -2.66
C PRO A 372 -25.55 -18.98 -2.11
N GLU A 373 -26.82 -18.91 -2.50
CA GLU A 373 -27.79 -19.89 -2.04
C GLU A 373 -27.75 -21.12 -2.94
N GLY A 374 -27.96 -22.29 -2.33
CA GLY A 374 -27.76 -23.53 -3.05
C GLY A 374 -26.32 -23.88 -3.24
N TYR A 375 -25.43 -23.32 -2.43
CA TYR A 375 -24.01 -23.62 -2.44
C TYR A 375 -23.56 -23.80 -1.01
N VAL A 376 -22.58 -24.67 -0.80
CA VAL A 376 -22.00 -24.89 0.52
C VAL A 376 -20.50 -24.78 0.43
N CYS A 377 -19.87 -24.36 1.53
CA CYS A 377 -18.43 -24.13 1.57
C CYS A 377 -17.72 -25.40 2.00
N VAL A 378 -16.88 -25.94 1.11
CA VAL A 378 -16.12 -27.15 1.39
C VAL A 378 -14.72 -26.97 0.83
N LYS A 379 -13.71 -27.31 1.62
CA LYS A 379 -12.34 -27.31 1.14
C LYS A 379 -12.17 -28.34 0.04
N ALA A 380 -11.81 -27.90 -1.15
CA ALA A 380 -11.67 -28.80 -2.29
C ALA A 380 -11.09 -28.03 -3.46
N GLY A 381 -10.43 -28.76 -4.36
CA GLY A 381 -9.93 -28.18 -5.58
C GLY A 381 -8.50 -27.66 -5.49
N ILE A 382 -8.18 -26.70 -6.35
CA ILE A 382 -6.84 -26.15 -6.46
C ILE A 382 -6.79 -24.79 -5.78
N ASN A 383 -5.57 -24.35 -5.47
CA ASN A 383 -5.36 -23.01 -4.96
C ASN A 383 -5.51 -21.99 -6.09
N PRO A 384 -5.65 -20.71 -5.75
CA PRO A 384 -5.69 -19.68 -6.78
C PRO A 384 -4.29 -19.38 -7.33
N ASP A 385 -4.27 -18.55 -8.38
CA ASP A 385 -3.02 -18.09 -8.99
C ASP A 385 -2.16 -19.25 -9.47
N GLN A 386 -2.79 -20.23 -10.09
CA GLN A 386 -2.11 -21.39 -10.68
C GLN A 386 -1.42 -22.25 -9.64
N GLY A 387 -1.82 -22.15 -8.38
CA GLY A 387 -1.22 -22.90 -7.32
C GLY A 387 -0.07 -22.22 -6.62
N PHE A 388 0.31 -21.01 -7.06
CA PHE A 388 1.46 -20.34 -6.48
C PHE A 388 1.14 -19.60 -5.19
N THR A 389 -0.12 -19.25 -4.97
CA THR A 389 -0.53 -18.55 -3.75
C THR A 389 -1.17 -19.56 -2.81
N ASN A 390 -0.49 -19.85 -1.71
CA ASN A 390 -1.00 -20.80 -0.73
C ASN A 390 -0.02 -20.84 0.44
N PHE A 391 -0.50 -21.37 1.56
CA PHE A 391 0.32 -21.60 2.74
C PHE A 391 0.42 -23.08 3.07
N ASP A 392 0.21 -23.95 2.09
CA ASP A 392 0.13 -25.39 2.32
C ASP A 392 1.47 -26.02 2.66
N SER A 393 2.57 -25.31 2.50
CA SER A 393 3.87 -25.92 2.78
C SER A 393 4.90 -24.83 2.96
N PHE A 394 5.95 -25.17 3.71
CA PHE A 394 7.13 -24.31 3.71
C PHE A 394 7.62 -24.19 2.29
N GLY A 395 8.30 -23.09 2.00
CA GLY A 395 8.66 -22.81 0.63
C GLY A 395 7.62 -21.93 -0.02
N TRP A 396 6.39 -22.41 -0.21
CA TRP A 396 5.37 -21.52 -0.73
C TRP A 396 4.93 -20.51 0.32
N ALA A 397 4.93 -20.90 1.58
CA ALA A 397 4.71 -19.93 2.65
C ALA A 397 5.84 -18.90 2.67
N LEU A 398 7.07 -19.33 2.43
CA LEU A 398 8.18 -18.40 2.35
C LEU A 398 8.02 -17.47 1.16
N PHE A 399 7.50 -17.99 0.05
CA PHE A 399 7.20 -17.16 -1.11
C PHE A 399 6.20 -16.07 -0.74
N ALA A 400 5.12 -16.44 -0.05
CA ALA A 400 4.11 -15.47 0.33
C ALA A 400 4.65 -14.45 1.29
N LEU A 401 5.45 -14.88 2.28
CA LEU A 401 5.98 -13.93 3.24
C LEU A 401 7.02 -13.00 2.62
N PHE A 402 7.76 -13.47 1.61
CA PHE A 402 8.68 -12.57 0.91
C PHE A 402 7.90 -11.58 0.05
N ARG A 403 6.84 -12.02 -0.60
CA ARG A 403 5.96 -11.10 -1.30
C ARG A 403 5.38 -10.07 -0.35
N LEU A 404 5.13 -10.45 0.89
CA LEU A 404 4.59 -9.50 1.86
C LEU A 404 5.65 -8.55 2.39
N MET A 405 6.90 -8.99 2.53
CA MET A 405 7.97 -8.06 2.88
C MET A 405 8.03 -6.92 1.88
N ALA A 406 7.99 -7.26 0.60
CA ALA A 406 8.06 -6.27 -0.47
C ALA A 406 6.75 -5.54 -0.68
N GLN A 407 5.67 -5.98 -0.04
CA GLN A 407 4.36 -5.37 -0.24
C GLN A 407 4.03 -5.31 -1.72
N ASP A 408 4.16 -6.45 -2.38
CA ASP A 408 3.98 -6.53 -3.82
C ASP A 408 2.61 -7.15 -4.08
N TYR A 409 1.73 -6.36 -4.69
CA TYR A 409 0.40 -6.83 -5.06
C TYR A 409 -0.28 -7.50 -3.86
N PRO A 410 -0.26 -6.87 -2.67
CA PRO A 410 -0.65 -7.59 -1.46
C PRO A 410 -2.15 -7.60 -1.24
N GLU A 411 -2.84 -6.61 -1.80
CA GLU A 411 -4.27 -6.48 -1.52
C GLU A 411 -5.06 -7.69 -1.99
N VAL A 412 -4.63 -8.32 -3.09
CA VAL A 412 -5.34 -9.51 -3.54
C VAL A 412 -5.11 -10.67 -2.58
N LEU A 413 -3.90 -10.78 -2.03
CA LEU A 413 -3.64 -11.80 -1.02
C LEU A 413 -4.46 -11.54 0.24
N TYR A 414 -4.57 -10.28 0.64
CA TYR A 414 -5.41 -9.93 1.78
C TYR A 414 -6.85 -10.35 1.53
N HIS A 415 -7.38 -10.03 0.35
CA HIS A 415 -8.76 -10.37 0.05
C HIS A 415 -8.97 -11.88 0.04
N GLN A 416 -8.02 -12.62 -0.54
CA GLN A 416 -8.13 -14.07 -0.59
C GLN A 416 -8.12 -14.68 0.81
N ILE A 417 -7.19 -14.25 1.66
CA ILE A 417 -7.08 -14.82 2.99
C ILE A 417 -8.27 -14.42 3.86
N LEU A 418 -8.74 -13.18 3.75
CA LEU A 418 -9.85 -12.76 4.58
C LEU A 418 -11.20 -13.22 4.04
N TYR A 419 -11.26 -13.70 2.80
CA TYR A 419 -12.46 -14.37 2.33
C TYR A 419 -12.51 -15.79 2.86
N ALA A 420 -11.44 -16.56 2.64
CA ALA A 420 -11.40 -17.94 3.07
C ALA A 420 -11.58 -18.04 4.57
N SER A 421 -10.78 -17.30 5.33
CA SER A 421 -10.90 -17.21 6.78
C SER A 421 -11.54 -15.88 7.14
N GLY A 422 -11.58 -15.57 8.43
CA GLY A 422 -12.28 -14.38 8.87
C GLY A 422 -11.46 -13.12 8.76
N LYS A 423 -12.15 -11.98 8.83
CA LYS A 423 -11.50 -10.68 8.80
C LYS A 423 -10.68 -10.41 10.04
N VAL A 424 -10.81 -11.24 11.08
CA VAL A 424 -10.04 -11.05 12.30
C VAL A 424 -8.58 -11.41 12.13
N TYR A 425 -8.20 -11.97 10.99
CA TYR A 425 -6.83 -12.38 10.75
C TYR A 425 -5.98 -11.27 10.17
N MET A 426 -6.54 -10.07 9.98
CA MET A 426 -5.78 -8.94 9.49
C MET A 426 -4.72 -8.47 10.48
N ILE A 427 -4.77 -8.94 11.73
CA ILE A 427 -3.68 -8.65 12.66
C ILE A 427 -2.39 -9.27 12.17
N PHE A 428 -2.47 -10.46 11.60
CA PHE A 428 -1.27 -11.10 11.05
C PHE A 428 -0.60 -10.19 10.03
N PHE A 429 -1.40 -9.62 9.13
CA PHE A 429 -0.84 -8.79 8.07
C PHE A 429 -0.35 -7.45 8.59
N VAL A 430 -1.05 -6.86 9.56
CA VAL A 430 -0.56 -5.61 10.14
C VAL A 430 0.76 -5.83 10.85
N VAL A 431 0.86 -6.92 11.61
CA VAL A 431 2.11 -7.21 12.31
C VAL A 431 3.23 -7.49 11.32
N VAL A 432 2.92 -8.22 10.25
CA VAL A 432 3.93 -8.50 9.23
C VAL A 432 4.41 -7.21 8.58
N SER A 433 3.48 -6.31 8.26
CA SER A 433 3.87 -5.03 7.70
C SER A 433 4.83 -4.31 8.64
N PHE A 434 4.43 -4.15 9.90
CA PHE A 434 5.28 -3.41 10.84
C PHE A 434 6.66 -4.04 10.98
N LEU A 435 6.73 -5.37 11.09
CA LEU A 435 7.99 -6.01 11.38
C LEU A 435 8.90 -6.08 10.15
N PHE A 436 8.33 -6.25 8.96
CA PHE A 436 9.11 -6.53 7.76
C PHE A 436 9.22 -5.33 6.83
N SER A 437 8.09 -4.75 6.44
CA SER A 437 8.15 -3.66 5.48
C SER A 437 8.70 -2.40 6.13
N PHE A 438 8.51 -2.25 7.43
CA PHE A 438 9.00 -1.08 8.16
C PHE A 438 10.36 -1.33 8.80
N TYR A 439 10.44 -2.30 9.71
CA TYR A 439 11.60 -2.37 10.59
C TYR A 439 12.80 -3.02 9.93
N MET A 440 12.61 -4.14 9.23
CA MET A 440 13.74 -4.76 8.55
C MET A 440 14.26 -3.85 7.44
N ALA A 441 13.36 -3.21 6.71
CA ALA A 441 13.77 -2.23 5.71
C ALA A 441 14.54 -1.09 6.36
N SER A 442 14.10 -0.62 7.52
CA SER A 442 14.84 0.42 8.21
C SER A 442 16.24 -0.05 8.57
N LEU A 443 16.38 -1.31 8.97
CA LEU A 443 17.71 -1.83 9.32
C LEU A 443 18.61 -1.91 8.11
N PHE A 444 18.08 -2.38 6.98
CA PHE A 444 18.85 -2.39 5.74
C PHE A 444 19.29 -0.98 5.36
N LEU A 445 18.36 -0.02 5.44
CA LEU A 445 18.68 1.35 5.09
C LEU A 445 19.76 1.92 6.00
N GLY A 446 19.66 1.66 7.29
CA GLY A 446 20.68 2.16 8.20
C GLY A 446 22.04 1.57 7.93
N ILE A 447 22.11 0.25 7.75
CA ILE A 447 23.39 -0.37 7.44
C ILE A 447 23.99 0.25 6.19
N LEU A 448 23.19 0.38 5.14
CA LEU A 448 23.72 0.88 3.88
C LEU A 448 24.15 2.34 3.98
N ALA A 449 23.37 3.16 4.68
CA ALA A 449 23.73 4.57 4.82
C ALA A 449 25.03 4.70 5.60
N MET A 450 25.20 3.90 6.65
CA MET A 450 26.42 3.98 7.42
C MET A 450 27.61 3.52 6.57
N ALA A 451 27.42 2.48 5.76
CA ALA A 451 28.50 2.03 4.88
C ALA A 451 28.89 3.12 3.89
N TYR A 452 27.89 3.79 3.30
CA TYR A 452 28.20 4.88 2.37
C TYR A 452 28.96 5.98 3.07
N GLU A 453 28.56 6.34 4.28
CA GLU A 453 29.28 7.37 5.02
C GLU A 453 30.71 6.96 5.27
N GLU A 454 30.93 5.71 5.69
CA GLU A 454 32.29 5.24 5.94
C GLU A 454 33.14 5.30 4.68
N GLU A 455 32.57 4.88 3.55
CA GLU A 455 33.32 4.97 2.30
C GLU A 455 33.65 6.41 1.95
N LYS A 456 32.69 7.32 2.10
CA LYS A 456 32.94 8.71 1.77
C LYS A 456 34.03 9.30 2.66
N GLN A 457 34.05 8.93 3.93
CA GLN A 457 35.10 9.41 4.83
C GLN A 457 36.45 8.78 4.47
N ARG A 458 36.45 7.55 3.98
CA ARG A 458 37.68 6.96 3.47
C ARG A 458 38.19 7.75 2.28
N VAL A 459 37.29 8.17 1.39
CA VAL A 459 37.66 8.96 0.22
C VAL A 459 37.55 10.44 0.56
N MET A 558 18.27 49.60 -19.00
CA MET A 558 18.27 48.34 -19.73
C MET A 558 18.57 47.15 -18.81
N ALA A 559 19.55 47.30 -17.94
CA ALA A 559 19.91 46.27 -16.97
C ALA A 559 19.08 46.32 -15.67
N PRO A 560 18.93 47.49 -15.04
CA PRO A 560 18.50 47.51 -13.63
C PRO A 560 17.00 47.44 -13.39
N PHE A 561 16.58 46.49 -12.55
CA PHE A 561 15.22 46.43 -12.02
C PHE A 561 14.16 46.42 -13.11
N THR A 562 14.53 46.01 -14.32
CA THR A 562 13.55 45.77 -15.38
C THR A 562 13.19 44.30 -15.52
N ASP A 563 13.97 43.42 -14.91
CA ASP A 563 13.77 41.98 -15.03
C ASP A 563 12.46 41.52 -14.41
N LEU A 564 11.81 42.35 -13.60
CA LEU A 564 10.47 42.01 -13.14
C LEU A 564 9.54 41.83 -14.33
N PHE A 565 9.72 42.63 -15.39
CA PHE A 565 8.93 42.46 -16.59
C PHE A 565 9.15 41.08 -17.18
N LEU A 566 10.41 40.65 -17.28
CA LEU A 566 10.71 39.36 -17.87
C LEU A 566 10.14 38.22 -17.02
N ILE A 567 10.26 38.32 -15.70
CA ILE A 567 9.77 37.24 -14.85
C ILE A 567 8.25 37.14 -14.95
N ILE A 568 7.56 38.29 -14.98
CA ILE A 568 6.11 38.25 -15.20
C ILE A 568 5.79 37.62 -16.54
N CYS A 569 6.58 37.95 -17.58
CA CYS A 569 6.33 37.38 -18.90
C CYS A 569 6.51 35.86 -18.88
N ILE A 570 7.54 35.38 -18.20
CA ILE A 570 7.77 33.94 -18.09
C ILE A 570 6.61 33.28 -17.36
N ILE A 571 6.16 33.87 -16.26
CA ILE A 571 5.07 33.27 -15.51
C ILE A 571 3.81 33.22 -16.35
N LEU A 572 3.52 34.30 -17.08
CA LEU A 572 2.34 34.29 -17.95
C LEU A 572 2.48 33.27 -19.07
N ASN A 573 3.70 33.06 -19.57
CA ASN A 573 3.89 32.02 -20.58
C ASN A 573 3.63 30.64 -20.00
N VAL A 574 4.07 30.40 -18.77
CA VAL A 574 3.76 29.14 -18.11
C VAL A 574 2.25 28.99 -17.97
N CYS A 575 1.56 30.07 -17.63
CA CYS A 575 0.10 30.03 -17.51
C CYS A 575 -0.54 29.69 -18.85
N PHE A 576 -0.03 30.25 -19.94
CA PHE A 576 -0.57 29.94 -21.25
C PHE A 576 -0.33 28.48 -21.62
N LEU A 577 0.86 27.96 -21.31
CA LEU A 577 1.14 26.55 -21.56
C LEU A 577 0.18 25.65 -20.78
N THR A 578 -0.07 25.99 -19.51
CA THR A 578 -0.96 25.20 -18.68
C THR A 578 -2.40 25.22 -19.17
N LEU A 579 -2.75 26.13 -20.07
CA LEU A 579 -4.13 26.33 -20.46
C LEU A 579 -4.56 25.46 -21.63
N GLU A 580 -3.64 24.81 -22.32
CA GLU A 580 -3.99 23.97 -23.46
C GLU A 580 -4.57 22.65 -22.99
N HIS A 581 -5.72 22.28 -23.54
CA HIS A 581 -6.50 21.16 -23.04
C HIS A 581 -7.27 20.54 -24.19
N TYR A 582 -8.25 19.70 -23.85
CA TYR A 582 -9.08 19.05 -24.84
C TYR A 582 -10.49 18.90 -24.29
N PRO A 583 -11.53 19.20 -25.07
CA PRO A 583 -11.49 19.70 -26.45
C PRO A 583 -11.12 21.16 -26.48
N MET A 584 -11.17 21.78 -27.65
CA MET A 584 -10.76 23.17 -27.78
C MET A 584 -11.33 23.74 -29.08
N SER A 585 -11.88 24.95 -28.99
CA SER A 585 -12.45 25.62 -30.14
C SER A 585 -11.36 26.32 -30.95
N LYS A 586 -11.78 27.02 -32.00
CA LYS A 586 -10.82 27.76 -32.82
C LYS A 586 -10.40 29.06 -32.14
N GLN A 587 -11.33 29.73 -31.45
CA GLN A 587 -11.00 31.00 -30.82
C GLN A 587 -9.97 30.81 -29.71
N THR A 588 -10.23 29.86 -28.80
CA THR A 588 -9.28 29.59 -27.73
C THR A 588 -8.00 28.95 -28.22
N ASN A 589 -7.96 28.51 -29.49
CA ASN A 589 -6.74 27.99 -30.07
C ASN A 589 -5.89 29.10 -30.67
N THR A 590 -6.52 29.99 -31.46
CA THR A 590 -5.78 31.12 -32.01
C THR A 590 -5.33 32.07 -30.91
N LEU A 591 -6.08 32.14 -29.80
CA LEU A 591 -5.61 32.92 -28.66
C LEU A 591 -4.25 32.44 -28.19
N LEU A 592 -4.11 31.12 -28.03
CA LEU A 592 -2.84 30.56 -27.58
C LEU A 592 -1.77 30.71 -28.64
N ASN A 593 -2.13 30.61 -29.92
CA ASN A 593 -1.15 30.85 -30.98
C ASN A 593 -0.60 32.27 -30.89
N ILE A 594 -1.48 33.25 -30.73
CA ILE A 594 -1.03 34.64 -30.65
C ILE A 594 -0.20 34.85 -29.39
N GLY A 595 -0.57 34.21 -28.29
CA GLY A 595 0.24 34.29 -27.09
C GLY A 595 1.65 33.77 -27.33
N ASN A 596 1.77 32.63 -28.02
CA ASN A 596 3.08 32.12 -28.35
C ASN A 596 3.87 33.13 -29.18
N LEU A 597 3.22 33.73 -30.17
CA LEU A 597 3.88 34.75 -30.97
C LEU A 597 4.41 35.89 -30.11
N VAL A 598 3.56 36.41 -29.23
CA VAL A 598 3.96 37.54 -28.40
C VAL A 598 5.15 37.18 -27.53
N PHE A 599 5.08 36.02 -26.86
CA PHE A 599 6.15 35.67 -25.93
C PHE A 599 7.46 35.39 -26.64
N ILE A 600 7.40 34.70 -27.79
CA ILE A 600 8.63 34.43 -28.52
C ILE A 600 9.22 35.72 -29.08
N GLY A 601 8.38 36.67 -29.49
CA GLY A 601 8.90 37.97 -29.89
C GLY A 601 9.59 38.69 -28.74
N ILE A 602 8.97 38.68 -27.57
CA ILE A 602 9.57 39.33 -26.41
C ILE A 602 10.94 38.73 -26.13
N PHE A 603 11.04 37.41 -26.17
CA PHE A 603 12.31 36.77 -25.83
C PHE A 603 13.36 36.95 -26.93
N THR A 604 12.92 37.02 -28.20
CA THR A 604 13.85 37.36 -29.27
C THR A 604 14.44 38.75 -29.04
N ALA A 605 13.59 39.71 -28.66
CA ALA A 605 14.08 41.04 -28.35
C ALA A 605 15.04 41.00 -27.17
N GLU A 606 14.71 40.22 -26.14
CA GLU A 606 15.61 40.04 -25.01
C GLU A 606 17.00 39.61 -25.47
N MET A 607 17.04 38.56 -26.29
CA MET A 607 18.33 38.04 -26.75
C MET A 607 19.07 39.08 -27.60
N ILE A 608 18.36 39.77 -28.50
CA ILE A 608 19.01 40.74 -29.37
C ILE A 608 19.62 41.87 -28.56
N PHE A 609 18.83 42.44 -27.63
CA PHE A 609 19.34 43.55 -26.84
C PHE A 609 20.51 43.11 -25.96
N LYS A 610 20.42 41.93 -25.36
CA LYS A 610 21.54 41.48 -24.54
C LYS A 610 22.78 41.23 -25.38
N ILE A 611 22.61 40.79 -26.62
CA ILE A 611 23.76 40.65 -27.50
C ILE A 611 24.37 42.01 -27.80
N ILE A 612 23.53 43.01 -28.02
CA ILE A 612 24.05 44.35 -28.31
C ILE A 612 24.83 44.87 -27.11
N ALA A 613 24.23 44.81 -25.92
CA ALA A 613 24.83 45.46 -24.75
C ALA A 613 26.17 44.85 -24.39
N MET A 614 26.21 43.52 -24.22
CA MET A 614 27.44 42.80 -24.00
C MET A 614 27.87 42.25 -25.35
N HIS A 615 28.98 42.75 -25.87
CA HIS A 615 29.39 42.42 -27.23
C HIS A 615 29.47 40.91 -27.35
N PRO A 616 29.55 40.37 -28.56
CA PRO A 616 29.01 39.01 -28.77
C PRO A 616 29.68 37.93 -27.94
N TYR A 617 31.02 37.88 -27.92
CA TYR A 617 31.68 36.94 -27.04
C TYR A 617 31.18 37.10 -25.61
N GLY A 618 30.82 38.32 -25.22
CA GLY A 618 30.36 38.54 -23.86
C GLY A 618 29.11 37.74 -23.54
N TYR A 619 28.17 37.68 -24.49
CA TYR A 619 26.92 36.99 -24.25
C TYR A 619 27.16 35.53 -23.85
N PHE A 620 27.74 34.76 -24.75
CA PHE A 620 27.88 33.33 -24.51
C PHE A 620 28.94 32.99 -23.48
N GLN A 621 29.50 33.92 -22.70
CA GLN A 621 30.40 33.53 -21.64
C GLN A 621 29.67 32.90 -20.47
N VAL A 622 28.37 33.19 -20.31
CA VAL A 622 27.61 32.70 -19.17
C VAL A 622 26.71 31.57 -19.63
N GLY A 623 26.29 30.74 -18.66
CA GLY A 623 25.55 29.54 -18.99
C GLY A 623 24.07 29.75 -19.21
N TRP A 624 23.47 30.75 -18.55
CA TRP A 624 22.04 30.96 -18.71
C TRP A 624 21.72 31.58 -20.05
N ASN A 625 22.64 32.39 -20.60
CA ASN A 625 22.40 32.99 -21.91
C ASN A 625 22.33 31.93 -22.99
N ILE A 626 23.13 30.86 -22.86
CA ILE A 626 23.05 29.77 -23.83
C ILE A 626 21.68 29.13 -23.79
N PHE A 627 21.15 28.89 -22.59
CA PHE A 627 19.83 28.29 -22.48
C PHE A 627 18.76 29.18 -23.08
N ASP A 628 18.83 30.48 -22.80
CA ASP A 628 17.83 31.39 -23.37
C ASP A 628 17.93 31.45 -24.89
N SER A 629 19.16 31.46 -25.43
CA SER A 629 19.35 31.43 -26.86
C SER A 629 18.78 30.16 -27.47
N MET A 630 18.99 29.03 -26.81
CA MET A 630 18.39 27.78 -27.26
C MET A 630 16.87 27.88 -27.28
N ILE A 631 16.30 28.52 -26.26
CA ILE A 631 14.85 28.72 -26.23
C ILE A 631 14.39 29.51 -27.45
N VAL A 632 15.05 30.64 -27.72
CA VAL A 632 14.62 31.47 -28.86
C VAL A 632 14.80 30.71 -30.16
N PHE A 633 15.94 30.03 -30.30
CA PHE A 633 16.26 29.31 -31.52
C PHE A 633 15.19 28.25 -31.80
N HIS A 634 14.84 27.46 -30.78
CA HIS A 634 13.81 26.44 -30.94
C HIS A 634 12.45 27.07 -31.24
N GLY A 635 12.11 28.15 -30.55
CA GLY A 635 10.82 28.77 -30.77
C GLY A 635 10.65 29.25 -32.19
N LEU A 636 11.68 29.89 -32.74
CA LEU A 636 11.60 30.39 -34.12
C LEU A 636 11.57 29.22 -35.11
N ILE A 637 12.44 28.23 -34.92
CA ILE A 637 12.47 27.09 -35.84
C ILE A 637 11.21 26.25 -35.74
N GLU A 638 10.40 26.46 -34.70
CA GLU A 638 9.07 25.84 -34.66
C GLU A 638 8.04 26.72 -35.35
N LEU A 639 7.95 27.99 -34.95
CA LEU A 639 7.05 28.94 -35.60
C LEU A 639 7.09 28.75 -37.10
N CYS A 640 8.29 28.75 -37.67
CA CYS A 640 8.46 28.23 -39.03
C CYS A 640 8.74 26.75 -38.94
N LEU A 641 8.39 26.02 -39.99
CA LEU A 641 8.58 24.58 -40.12
C LEU A 641 7.57 23.77 -39.31
N ALA A 642 6.76 24.39 -38.44
CA ALA A 642 5.79 23.60 -37.69
C ALA A 642 4.69 23.05 -38.59
N ASN A 643 4.12 23.90 -39.44
CA ASN A 643 2.93 23.50 -40.18
C ASN A 643 3.23 22.35 -41.13
N VAL A 644 4.36 22.40 -41.83
CA VAL A 644 4.64 21.42 -42.88
C VAL A 644 5.32 20.19 -42.28
N ALA A 645 5.04 19.04 -42.88
CA ALA A 645 5.68 17.76 -42.61
C ALA A 645 5.26 17.14 -41.28
N GLY A 646 4.36 17.78 -40.54
CA GLY A 646 4.01 17.27 -39.23
C GLY A 646 4.93 17.81 -38.16
N MET A 647 5.93 17.02 -37.78
CA MET A 647 6.92 17.42 -36.78
C MET A 647 6.23 17.99 -35.54
N ALA A 648 5.42 17.14 -34.91
CA ALA A 648 4.67 17.55 -33.73
C ALA A 648 5.49 17.48 -32.46
N LEU A 649 6.67 16.86 -32.48
CA LEU A 649 7.47 16.75 -31.27
C LEU A 649 8.25 18.02 -30.98
N LEU A 650 8.49 18.87 -31.98
CA LEU A 650 9.07 20.17 -31.70
C LEU A 650 8.24 20.92 -30.67
N ARG A 651 6.93 20.98 -30.88
CA ARG A 651 6.07 21.64 -29.90
C ARG A 651 6.32 21.10 -28.50
N LEU A 652 6.60 19.81 -28.40
CA LEU A 652 6.71 19.20 -27.09
C LEU A 652 7.87 19.76 -26.28
N PHE A 653 8.76 20.53 -26.89
CA PHE A 653 9.89 21.11 -26.17
C PHE A 653 9.62 22.53 -25.67
N ARG A 654 8.46 23.10 -25.99
CA ARG A 654 8.17 24.45 -25.50
C ARG A 654 8.19 24.52 -23.98
N MET A 655 7.88 23.41 -23.31
CA MET A 655 7.89 23.38 -21.86
C MET A 655 9.27 23.66 -21.30
N LEU A 656 10.32 23.54 -22.10
CA LEU A 656 11.64 23.93 -21.64
C LEU A 656 11.63 25.36 -21.13
N ARG A 657 10.76 26.20 -21.68
CA ARG A 657 10.74 27.60 -21.26
C ARG A 657 10.34 27.76 -19.81
N ILE A 658 9.64 26.78 -19.23
CA ILE A 658 9.35 26.85 -17.80
C ILE A 658 10.64 26.88 -17.00
N PHE A 659 11.66 26.16 -17.47
CA PHE A 659 12.95 26.17 -16.81
C PHE A 659 13.57 27.56 -16.79
N LYS A 660 13.17 28.50 -17.64
CA LYS A 660 13.70 29.84 -17.57
C LYS A 660 13.37 30.43 -16.23
N LEU A 661 12.19 30.10 -15.72
CA LEU A 661 11.79 30.62 -14.42
C LEU A 661 12.80 30.31 -13.33
N GLY A 662 13.74 29.39 -13.58
CA GLY A 662 14.70 29.01 -12.56
C GLY A 662 15.87 29.95 -12.40
N LYS A 663 16.09 30.85 -13.36
CA LYS A 663 17.22 31.75 -13.25
C LYS A 663 17.09 32.68 -12.06
N TYR A 664 15.86 33.00 -11.67
CA TYR A 664 15.59 33.88 -10.54
C TYR A 664 15.25 33.11 -9.27
N TRP A 665 15.39 31.79 -9.29
CA TRP A 665 15.00 30.94 -8.18
C TRP A 665 16.24 30.53 -7.41
N PRO A 666 16.47 31.06 -6.21
CA PRO A 666 17.67 30.63 -5.46
C PRO A 666 17.70 29.14 -5.18
N THR A 667 16.54 28.51 -4.99
CA THR A 667 16.53 27.10 -4.61
C THR A 667 16.87 26.19 -5.78
N PHE A 668 16.29 26.47 -6.95
CA PHE A 668 16.60 25.68 -8.14
C PHE A 668 18.09 25.74 -8.46
N GLN A 669 18.70 26.91 -8.30
CA GLN A 669 20.13 27.05 -8.58
C GLN A 669 20.96 26.18 -7.65
N ILE A 670 20.67 26.22 -6.34
CA ILE A 670 21.48 25.44 -5.41
C ILE A 670 21.27 23.95 -5.65
N LEU A 671 20.05 23.55 -6.03
CA LEU A 671 19.79 22.15 -6.32
C LEU A 671 20.62 21.69 -7.51
N MET A 672 20.61 22.46 -8.60
CA MET A 672 21.41 22.10 -9.76
C MET A 672 22.90 22.12 -9.42
N TRP A 673 23.31 23.04 -8.55
CA TRP A 673 24.70 23.09 -8.14
C TRP A 673 25.11 21.81 -7.43
N SER A 674 24.28 21.33 -6.51
CA SER A 674 24.58 20.08 -5.82
C SER A 674 24.67 18.93 -6.82
N LEU A 675 23.72 18.87 -7.75
CA LEU A 675 23.75 17.81 -8.75
C LEU A 675 25.05 17.83 -9.53
N SER A 676 25.43 19.00 -10.04
CA SER A 676 26.66 19.08 -10.83
C SER A 676 27.88 18.74 -9.99
N ASN A 677 27.92 19.22 -8.76
CA ASN A 677 29.09 18.97 -7.92
C ASN A 677 29.27 17.49 -7.64
N SER A 678 28.18 16.73 -7.50
CA SER A 678 28.29 15.30 -7.26
C SER A 678 28.19 14.47 -8.54
N TRP A 679 28.09 15.12 -9.70
CA TRP A 679 27.96 14.39 -10.96
C TRP A 679 29.01 13.30 -11.11
N VAL A 680 30.24 13.55 -10.65
CA VAL A 680 31.31 12.60 -10.88
C VAL A 680 30.99 11.26 -10.22
N ALA A 681 30.53 11.29 -8.97
CA ALA A 681 30.19 10.06 -8.27
C ALA A 681 28.87 9.48 -8.76
N LEU A 682 27.91 10.35 -9.09
CA LEU A 682 26.64 9.85 -9.59
C LEU A 682 26.80 9.13 -10.91
N LYS A 683 27.83 9.49 -11.69
CA LYS A 683 28.01 8.89 -13.01
C LYS A 683 28.34 7.41 -12.90
N ASP A 684 29.23 7.04 -11.99
CA ASP A 684 29.56 5.63 -11.83
C ASP A 684 28.35 4.83 -11.43
N LEU A 685 27.56 5.32 -10.47
CA LEU A 685 26.40 4.58 -10.02
C LEU A 685 25.37 4.43 -11.14
N VAL A 686 25.13 5.50 -11.90
CA VAL A 686 24.16 5.41 -12.99
C VAL A 686 24.65 4.44 -14.05
N LEU A 687 25.94 4.48 -14.38
CA LEU A 687 26.47 3.56 -15.37
C LEU A 687 26.39 2.12 -14.90
N LEU A 688 26.67 1.88 -13.62
CA LEU A 688 26.59 0.53 -13.08
C LEU A 688 25.15 0.01 -13.11
N LEU A 689 24.20 0.84 -12.70
CA LEU A 689 22.80 0.44 -12.73
C LEU A 689 22.34 0.16 -14.16
N PHE A 690 22.76 0.99 -15.12
CA PHE A 690 22.38 0.77 -16.50
C PHE A 690 23.00 -0.50 -17.06
N THR A 691 24.26 -0.76 -16.71
CA THR A 691 24.90 -2.01 -17.13
C THR A 691 24.15 -3.21 -16.60
N PHE A 692 23.79 -3.17 -15.32
CA PHE A 692 23.08 -4.29 -14.72
C PHE A 692 21.72 -4.49 -15.37
N ILE A 693 21.00 -3.40 -15.64
CA ILE A 693 19.69 -3.52 -16.25
C ILE A 693 19.80 -4.09 -17.66
N PHE A 694 20.78 -3.63 -18.43
CA PHE A 694 20.96 -4.12 -19.80
C PHE A 694 21.35 -5.59 -19.80
N PHE A 695 22.32 -5.97 -18.97
CA PHE A 695 22.72 -7.37 -18.88
C PHE A 695 21.54 -8.25 -18.48
N SER A 696 20.78 -7.81 -17.47
CA SER A 696 19.65 -8.61 -16.99
C SER A 696 18.59 -8.76 -18.06
N ALA A 697 18.28 -7.69 -18.78
CA ALA A 697 17.29 -7.77 -19.84
C ALA A 697 17.71 -8.77 -20.90
N ALA A 698 18.97 -8.69 -21.33
CA ALA A 698 19.45 -9.62 -22.36
C ALA A 698 19.46 -11.05 -21.85
N PHE A 699 19.95 -11.25 -20.63
CA PHE A 699 20.03 -12.58 -20.05
C PHE A 699 18.64 -13.20 -19.95
N GLY A 700 17.68 -12.44 -19.45
CA GLY A 700 16.32 -12.93 -19.36
C GLY A 700 15.73 -13.24 -20.72
N MET A 701 16.02 -12.41 -21.71
CA MET A 701 15.51 -12.69 -23.04
C MET A 701 16.04 -14.02 -23.55
N LYS A 702 17.35 -14.21 -23.46
CA LYS A 702 17.93 -15.46 -23.96
C LYS A 702 17.44 -16.66 -23.17
N LEU A 703 17.16 -16.49 -21.88
CA LEU A 703 16.67 -17.60 -21.07
C LEU A 703 15.22 -17.95 -21.34
N PHE A 704 14.36 -16.96 -21.55
CA PHE A 704 12.92 -17.22 -21.51
C PHE A 704 12.12 -16.76 -22.72
N GLY A 705 12.73 -16.21 -23.76
CA GLY A 705 11.92 -15.74 -24.88
C GLY A 705 11.30 -16.88 -25.66
N LYS A 706 12.10 -17.89 -25.97
CA LYS A 706 11.57 -19.07 -26.65
C LYS A 706 10.46 -19.70 -25.83
N ASN A 707 10.62 -19.73 -24.50
CA ASN A 707 9.59 -20.28 -23.63
C ASN A 707 8.32 -19.45 -23.69
N TYR A 708 8.45 -18.12 -23.69
CA TYR A 708 7.26 -17.28 -23.79
C TYR A 708 6.52 -17.51 -25.09
N GLU A 709 7.24 -17.64 -26.21
CA GLU A 709 6.56 -17.90 -27.46
C GLU A 709 6.06 -19.34 -27.57
N GLU A 710 6.86 -20.31 -27.10
CA GLU A 710 6.49 -21.72 -27.23
C GLU A 710 5.20 -22.00 -26.47
N PHE A 711 5.23 -21.79 -25.15
CA PHE A 711 4.06 -22.01 -24.31
C PHE A 711 3.25 -20.74 -24.12
N VAL A 712 2.90 -20.09 -25.22
CA VAL A 712 2.17 -18.82 -25.13
C VAL A 712 0.79 -19.05 -24.53
N CYS A 713 0.12 -20.12 -24.94
CA CYS A 713 -1.26 -20.33 -24.52
C CYS A 713 -1.38 -20.45 -23.02
N HIS A 714 -0.28 -20.73 -22.32
CA HIS A 714 -0.35 -20.87 -20.87
C HIS A 714 -0.65 -19.55 -20.18
N ILE A 715 -0.28 -18.43 -20.80
CA ILE A 715 -0.33 -17.14 -20.14
C ILE A 715 -1.18 -16.13 -20.89
N ASP A 716 -1.98 -16.57 -21.86
CA ASP A 716 -2.86 -15.64 -22.57
C ASP A 716 -3.92 -16.42 -23.30
N LYS A 717 -5.18 -16.24 -22.92
CA LYS A 717 -6.27 -16.76 -23.72
C LYS A 717 -6.29 -16.06 -25.07
N ASP A 718 -6.64 -16.80 -26.11
CA ASP A 718 -6.49 -16.43 -27.52
C ASP A 718 -5.05 -16.67 -27.98
N CYS A 719 -4.15 -17.09 -27.09
CA CYS A 719 -2.81 -17.55 -27.45
C CYS A 719 -2.04 -16.48 -28.22
N GLN A 720 -2.13 -15.24 -27.76
CA GLN A 720 -1.33 -14.14 -28.29
C GLN A 720 -0.42 -13.63 -27.17
N LEU A 721 0.72 -13.08 -27.56
CA LEU A 721 1.67 -12.65 -26.55
C LEU A 721 1.04 -11.60 -25.64
N PRO A 722 1.33 -11.61 -24.36
CA PRO A 722 0.69 -10.67 -23.44
C PRO A 722 1.39 -9.31 -23.46
N ARG A 723 0.94 -8.42 -22.59
CA ARG A 723 1.50 -7.08 -22.55
C ARG A 723 2.86 -7.02 -21.85
N TRP A 724 3.19 -8.01 -21.03
CA TRP A 724 4.47 -8.05 -20.34
C TRP A 724 5.06 -9.44 -20.52
N HIS A 725 6.29 -9.50 -21.03
CA HIS A 725 6.95 -10.75 -21.35
C HIS A 725 8.42 -10.46 -21.60
N MET A 726 9.14 -11.44 -22.13
CA MET A 726 10.56 -11.28 -22.43
C MET A 726 10.90 -11.91 -23.78
N HIS A 727 9.95 -11.92 -24.71
CA HIS A 727 10.21 -12.51 -26.02
C HIS A 727 11.27 -11.73 -26.79
N ASP A 728 11.24 -10.40 -26.72
CA ASP A 728 12.23 -9.57 -27.39
C ASP A 728 12.84 -8.62 -26.36
N PHE A 729 13.79 -7.80 -26.81
CA PHE A 729 14.66 -7.11 -25.88
C PHE A 729 13.98 -5.92 -25.23
N PHE A 730 13.14 -5.18 -25.96
CA PHE A 730 12.50 -4.02 -25.34
C PHE A 730 11.63 -4.45 -24.18
N HIS A 731 10.84 -5.50 -24.37
CA HIS A 731 9.98 -5.97 -23.30
C HIS A 731 10.79 -6.57 -22.17
N SER A 732 11.94 -7.17 -22.46
CA SER A 732 12.83 -7.63 -21.40
C SER A 732 13.33 -6.46 -20.56
N PHE A 733 13.76 -5.38 -21.23
CA PHE A 733 14.22 -4.19 -20.52
C PHE A 733 13.11 -3.63 -19.64
N LEU A 734 11.90 -3.56 -20.19
CA LEU A 734 10.77 -3.02 -19.42
C LEU A 734 10.43 -3.92 -18.25
N ASN A 735 10.48 -5.24 -18.44
CA ASN A 735 10.18 -6.16 -17.35
C ASN A 735 11.16 -5.97 -16.20
N VAL A 736 12.45 -5.90 -16.52
CA VAL A 736 13.44 -5.70 -15.46
C VAL A 736 13.20 -4.36 -14.78
N PHE A 737 12.92 -3.31 -15.56
CA PHE A 737 12.70 -1.99 -14.95
C PHE A 737 11.51 -2.02 -14.02
N ARG A 738 10.43 -2.69 -14.41
CA ARG A 738 9.29 -2.85 -13.52
C ARG A 738 9.71 -3.58 -12.26
N ILE A 739 10.49 -4.64 -12.39
CA ILE A 739 10.95 -5.38 -11.22
C ILE A 739 11.69 -4.46 -10.26
N LEU A 740 12.42 -3.47 -10.80
CA LEU A 740 13.15 -2.57 -9.91
C LEU A 740 12.26 -1.59 -9.18
N CYS A 741 11.00 -1.44 -9.60
CA CYS A 741 10.04 -0.56 -8.94
C CYS A 741 9.17 -1.31 -7.95
N GLY A 742 9.50 -2.56 -7.64
CA GLY A 742 8.55 -3.48 -7.07
C GLY A 742 7.86 -4.23 -8.19
N GLU A 743 6.60 -4.59 -8.02
CA GLU A 743 5.79 -5.10 -9.13
C GLU A 743 6.41 -6.32 -9.81
N TRP A 744 6.96 -7.25 -9.03
CA TRP A 744 7.61 -8.42 -9.59
C TRP A 744 6.84 -9.72 -9.39
N VAL A 745 5.60 -9.66 -8.93
CA VAL A 745 4.87 -10.89 -8.62
C VAL A 745 4.03 -11.36 -9.80
N GLU A 746 3.30 -10.48 -10.47
CA GLU A 746 2.40 -10.94 -11.52
C GLU A 746 3.17 -11.54 -12.68
N THR A 747 4.31 -10.95 -13.03
CA THR A 747 5.09 -11.45 -14.16
C THR A 747 5.87 -12.69 -13.79
N LEU A 748 6.21 -12.87 -12.51
CA LEU A 748 6.86 -14.10 -12.09
C LEU A 748 5.94 -15.29 -12.27
N TRP A 749 4.64 -15.11 -12.05
CA TRP A 749 3.69 -16.19 -12.28
C TRP A 749 3.74 -16.63 -13.72
N ASP A 750 3.76 -15.68 -14.66
CA ASP A 750 3.84 -16.03 -16.08
C ASP A 750 5.17 -16.70 -16.41
N CYS A 751 6.27 -16.17 -15.88
CA CYS A 751 7.56 -16.81 -16.08
C CYS A 751 7.51 -18.27 -15.66
N MET A 752 7.04 -18.54 -14.44
CA MET A 752 7.01 -19.90 -13.95
C MET A 752 6.03 -20.75 -14.75
N GLU A 753 4.94 -20.16 -15.22
CA GLU A 753 4.01 -20.93 -16.03
C GLU A 753 4.65 -21.39 -17.33
N VAL A 754 5.45 -20.53 -17.97
CA VAL A 754 6.05 -20.90 -19.24
C VAL A 754 7.38 -21.63 -19.04
N ALA A 755 8.24 -21.16 -18.14
CA ALA A 755 9.56 -21.77 -17.93
C ALA A 755 9.55 -22.79 -16.81
N GLY A 756 9.18 -22.39 -15.59
CA GLY A 756 9.11 -23.29 -14.46
C GLY A 756 9.72 -22.69 -13.21
N GLN A 757 9.27 -23.18 -12.05
CA GLN A 757 9.75 -22.66 -10.77
C GLN A 757 11.27 -22.68 -10.70
N SER A 758 11.86 -23.82 -11.06
CA SER A 758 13.28 -24.07 -10.80
C SER A 758 14.19 -23.12 -11.55
N TRP A 759 13.72 -22.50 -12.63
CA TRP A 759 14.54 -21.61 -13.43
C TRP A 759 14.23 -20.14 -13.22
N CYS A 760 12.96 -19.78 -13.06
CA CYS A 760 12.59 -18.38 -12.94
C CYS A 760 12.97 -17.82 -11.57
N ILE A 761 12.74 -18.58 -10.50
CA ILE A 761 12.93 -18.03 -9.16
C ILE A 761 14.34 -17.51 -8.96
N PRO A 762 15.40 -18.23 -9.35
CA PRO A 762 16.76 -17.68 -9.15
C PRO A 762 17.03 -16.42 -9.94
N PHE A 763 16.59 -16.36 -11.20
CA PHE A 763 16.84 -15.17 -12.01
C PHE A 763 16.14 -13.95 -11.41
N TYR A 764 14.87 -14.12 -11.05
CA TYR A 764 14.11 -13.02 -10.45
C TYR A 764 14.70 -12.61 -9.11
N LEU A 765 15.15 -13.57 -8.30
CA LEU A 765 15.79 -13.21 -7.04
C LEU A 765 17.07 -12.41 -7.29
N MET A 766 17.86 -12.82 -8.28
CA MET A 766 19.06 -12.07 -8.62
C MET A 766 18.71 -10.63 -8.99
N VAL A 767 17.74 -10.46 -9.89
CA VAL A 767 17.32 -9.13 -10.27
C VAL A 767 16.85 -8.35 -9.05
N ILE A 768 15.96 -8.94 -8.24
CA ILE A 768 15.37 -8.23 -7.11
C ILE A 768 16.45 -7.79 -6.14
N LEU A 769 17.30 -8.71 -5.71
CA LEU A 769 18.26 -8.40 -4.66
C LEU A 769 19.33 -7.43 -5.16
N ILE A 770 19.94 -7.70 -6.32
CA ILE A 770 21.02 -6.84 -6.77
C ILE A 770 20.48 -5.48 -7.20
N GLY A 771 19.32 -5.45 -7.85
CA GLY A 771 18.72 -4.18 -8.20
C GLY A 771 18.36 -3.36 -6.98
N ASN A 772 17.83 -3.99 -5.94
CA ASN A 772 17.55 -3.26 -4.71
C ASN A 772 18.81 -2.68 -4.12
N LEU A 773 19.88 -3.47 -4.06
CA LEU A 773 21.13 -2.95 -3.53
C LEU A 773 21.59 -1.73 -4.32
N LEU A 774 21.60 -1.83 -5.65
CA LEU A 774 22.10 -0.73 -6.47
C LEU A 774 21.20 0.50 -6.36
N VAL A 775 19.88 0.31 -6.39
CA VAL A 775 18.97 1.44 -6.32
C VAL A 775 19.05 2.13 -4.97
N LEU A 776 19.11 1.37 -3.88
CA LEU A 776 19.24 1.99 -2.57
C LEU A 776 20.57 2.71 -2.43
N TYR A 777 21.65 2.15 -2.97
CA TYR A 777 22.92 2.84 -2.92
C TYR A 777 22.88 4.14 -3.70
N LEU A 778 22.25 4.13 -4.88
CA LEU A 778 22.11 5.36 -5.65
C LEU A 778 21.28 6.38 -4.90
N PHE A 779 20.21 5.93 -4.24
CA PHE A 779 19.36 6.84 -3.48
C PHE A 779 20.13 7.47 -2.33
N LEU A 780 20.93 6.69 -1.61
CA LEU A 780 21.73 7.26 -0.54
C LEU A 780 22.76 8.23 -1.09
N ALA A 781 23.33 7.91 -2.25
CA ALA A 781 24.29 8.83 -2.88
C ALA A 781 23.62 10.15 -3.23
N LEU A 782 22.42 10.10 -3.79
CA LEU A 782 21.71 11.32 -4.12
C LEU A 782 21.41 12.13 -2.86
N VAL A 783 20.96 11.46 -1.79
CA VAL A 783 20.68 12.15 -0.54
C VAL A 783 21.94 12.82 -0.02
N SER A 784 23.07 12.11 -0.05
CA SER A 784 24.30 12.67 0.49
C SER A 784 24.85 13.78 -0.40
N SER A 785 24.54 13.76 -1.69
CA SER A 785 24.93 14.87 -2.55
C SER A 785 24.13 16.11 -2.23
N PHE A 786 22.80 15.95 -2.11
CA PHE A 786 21.96 17.10 -1.81
C PHE A 786 22.19 17.65 -0.41
N SER A 787 22.67 16.82 0.52
CA SER A 787 22.94 17.32 1.87
C SER A 787 24.01 18.39 1.85
N SER A 788 25.07 18.18 1.08
CA SER A 788 26.15 19.13 0.97
C SER A 788 25.69 20.40 0.25
N GLN A 976 -12.59 39.80 42.04
CA GLN A 976 -13.24 38.51 41.85
C GLN A 976 -12.31 37.37 42.19
N ASN A 977 -12.20 37.04 43.48
CA ASN A 977 -11.44 35.86 43.86
C ASN A 977 -12.01 34.60 43.22
N ILE A 978 -13.29 34.61 42.86
CA ILE A 978 -13.87 33.51 42.11
C ILE A 978 -13.08 33.28 40.83
N ARG A 979 -12.49 34.33 40.26
CA ARG A 979 -11.70 34.16 39.05
C ARG A 979 -10.49 33.26 39.32
N LYS A 980 -9.73 33.57 40.36
CA LYS A 980 -8.61 32.71 40.72
C LYS A 980 -9.10 31.33 41.13
N THR A 981 -10.30 31.25 41.68
CA THR A 981 -10.87 29.94 41.98
C THR A 981 -11.04 29.13 40.72
N CYS A 982 -11.57 29.74 39.67
CA CYS A 982 -11.71 29.06 38.39
C CYS A 982 -10.35 28.63 37.86
N CYS A 983 -9.37 29.52 37.96
CA CYS A 983 -8.01 29.17 37.52
C CYS A 983 -7.49 27.96 38.29
N LYS A 984 -7.82 27.87 39.57
CA LYS A 984 -7.44 26.69 40.34
C LYS A 984 -8.15 25.44 39.82
N ILE A 985 -9.45 25.55 39.54
CA ILE A 985 -10.19 24.37 39.07
C ILE A 985 -9.63 23.86 37.76
N VAL A 986 -9.39 24.77 36.81
CA VAL A 986 -9.08 24.34 35.46
C VAL A 986 -7.70 23.68 35.42
N GLU A 987 -6.75 24.19 36.19
CA GLU A 987 -5.40 23.65 36.17
C GLU A 987 -5.24 22.34 36.93
N ASN A 988 -6.25 21.92 37.68
CA ASN A 988 -6.10 20.73 38.51
C ASN A 988 -5.92 19.49 37.64
N ASN A 989 -5.19 18.52 38.17
CA ASN A 989 -4.86 17.34 37.37
C ASN A 989 -6.07 16.44 37.17
N TRP A 990 -7.02 16.44 38.10
CA TRP A 990 -8.20 15.59 37.93
C TRP A 990 -9.18 16.18 36.93
N PHE A 991 -9.29 17.51 36.86
CA PHE A 991 -10.11 18.12 35.82
C PHE A 991 -9.59 17.75 34.45
N LYS A 992 -8.28 17.80 34.26
CA LYS A 992 -7.69 17.39 32.99
C LYS A 992 -8.04 15.95 32.68
N CYS A 993 -7.93 15.05 33.67
CA CYS A 993 -8.21 13.65 33.41
C CYS A 993 -9.67 13.42 33.05
N PHE A 994 -10.59 14.10 33.75
CA PHE A 994 -12.00 13.96 33.42
C PHE A 994 -12.29 14.47 32.00
N ILE A 995 -11.72 15.61 31.63
CA ILE A 995 -11.96 16.14 30.30
C ILE A 995 -11.35 15.23 29.24
N GLY A 996 -10.20 14.63 29.53
CA GLY A 996 -9.61 13.68 28.60
C GLY A 996 -10.47 12.45 28.41
N LEU A 997 -11.01 11.93 29.51
CA LEU A 997 -11.95 10.81 29.40
C LEU A 997 -13.14 11.19 28.53
N VAL A 998 -13.67 12.39 28.73
CA VAL A 998 -14.83 12.82 27.95
C VAL A 998 -14.45 12.93 26.49
N THR A 999 -13.27 13.47 26.19
CA THR A 999 -12.82 13.57 24.81
C THR A 999 -12.72 12.21 24.16
N LEU A 1000 -12.11 11.25 24.87
CA LEU A 1000 -11.97 9.91 24.31
C LEU A 1000 -13.33 9.26 24.07
N LEU A 1001 -14.25 9.40 25.02
CA LEU A 1001 -15.57 8.81 24.83
C LEU A 1001 -16.30 9.46 23.66
N SER A 1002 -16.24 10.79 23.57
CA SER A 1002 -16.92 11.48 22.49
C SER A 1002 -16.37 11.08 21.14
N THR A 1003 -15.05 10.93 21.04
CA THR A 1003 -14.43 10.45 19.81
C THR A 1003 -14.91 9.04 19.50
N GLY A 1004 -14.76 8.12 20.45
CA GLY A 1004 -15.07 6.73 20.19
C GLY A 1004 -16.52 6.51 19.81
N THR A 1005 -17.43 7.34 20.31
CA THR A 1005 -18.82 7.17 19.98
C THR A 1005 -19.11 7.42 18.51
N LEU A 1006 -18.17 8.01 17.77
CA LEU A 1006 -18.40 8.24 16.35
C LEU A 1006 -18.31 6.96 15.54
N ALA A 1007 -17.62 5.94 16.05
CA ALA A 1007 -17.42 4.69 15.30
C ALA A 1007 -18.68 3.87 15.18
N PHE A 1008 -19.76 4.24 15.86
CA PHE A 1008 -21.01 3.49 15.83
C PHE A 1008 -21.94 3.93 14.73
N GLU A 1009 -21.55 4.89 13.90
CA GLU A 1009 -22.44 5.50 12.91
C GLU A 1009 -22.27 4.82 11.55
N ASP A 1010 -22.56 3.53 11.51
CA ASP A 1010 -22.37 2.73 10.32
C ASP A 1010 -23.72 2.17 9.84
N ILE A 1011 -23.67 1.34 8.80
CA ILE A 1011 -24.89 0.94 8.11
C ILE A 1011 -25.86 0.24 9.03
N TYR A 1012 -25.38 -0.33 10.14
CA TYR A 1012 -26.23 -1.02 11.09
C TYR A 1012 -26.85 -0.09 12.10
N MET A 1013 -26.95 1.20 11.80
CA MET A 1013 -27.32 2.17 12.82
C MET A 1013 -28.80 2.05 13.18
N ASP A 1014 -29.67 1.94 12.18
CA ASP A 1014 -31.09 1.79 12.47
C ASP A 1014 -31.42 0.44 13.06
N GLN A 1015 -30.50 -0.52 12.96
CA GLN A 1015 -30.69 -1.82 13.59
C GLN A 1015 -30.45 -1.75 15.10
N ARG A 1016 -29.60 -0.83 15.55
CA ARG A 1016 -29.28 -0.66 16.96
C ARG A 1016 -30.16 0.45 17.51
N LYS A 1017 -31.36 0.08 17.96
CA LYS A 1017 -32.38 1.08 18.26
C LYS A 1017 -32.06 1.86 19.53
N THR A 1018 -31.63 1.17 20.58
CA THR A 1018 -31.37 1.85 21.85
C THR A 1018 -30.04 2.61 21.82
N ILE A 1019 -29.04 2.07 21.13
CA ILE A 1019 -27.76 2.75 21.03
C ILE A 1019 -27.94 4.10 20.34
N LYS A 1020 -28.83 4.16 19.36
CA LYS A 1020 -29.07 5.42 18.66
C LYS A 1020 -29.54 6.50 19.64
N ILE A 1021 -30.49 6.17 20.51
CA ILE A 1021 -31.00 7.14 21.46
C ILE A 1021 -29.92 7.52 22.48
N LEU A 1022 -29.20 6.52 23.00
CA LEU A 1022 -28.15 6.83 23.96
C LEU A 1022 -27.14 7.79 23.35
N LEU A 1023 -26.75 7.57 22.10
CA LEU A 1023 -25.77 8.45 21.46
C LEU A 1023 -26.35 9.83 21.24
N GLU A 1024 -27.61 9.92 20.81
CA GLU A 1024 -28.18 11.24 20.60
C GLU A 1024 -28.19 12.07 21.87
N TYR A 1025 -28.40 11.44 23.03
CA TYR A 1025 -28.36 12.22 24.27
C TYR A 1025 -26.93 12.46 24.77
N ALA A 1026 -26.04 11.50 24.59
CA ALA A 1026 -24.66 11.70 24.99
C ALA A 1026 -24.02 12.84 24.21
N ASP A 1027 -24.49 13.10 22.99
CA ASP A 1027 -23.98 14.24 22.25
C ASP A 1027 -24.27 15.54 22.99
N MET A 1028 -25.49 15.70 23.49
CA MET A 1028 -25.84 16.89 24.26
C MET A 1028 -25.01 16.97 25.53
N ILE A 1029 -24.82 15.83 26.21
CA ILE A 1029 -24.01 15.84 27.43
C ILE A 1029 -22.59 16.31 27.13
N PHE A 1030 -21.98 15.79 26.06
CA PHE A 1030 -20.62 16.18 25.70
C PHE A 1030 -20.57 17.67 25.36
N THR A 1031 -21.56 18.15 24.61
CA THR A 1031 -21.61 19.58 24.30
C THR A 1031 -21.65 20.40 25.57
N TYR A 1032 -22.47 19.99 26.54
CA TYR A 1032 -22.57 20.74 27.79
C TYR A 1032 -21.23 20.77 28.52
N ILE A 1033 -20.57 19.61 28.62
CA ILE A 1033 -19.30 19.56 29.33
C ILE A 1033 -18.28 20.48 28.67
N PHE A 1034 -18.21 20.46 27.33
CA PHE A 1034 -17.20 21.26 26.66
C PHE A 1034 -17.53 22.75 26.71
N ILE A 1035 -18.80 23.12 26.70
CA ILE A 1035 -19.15 24.53 26.87
C ILE A 1035 -18.80 24.99 28.27
N LEU A 1036 -19.04 24.15 29.27
CA LEU A 1036 -18.62 24.50 30.62
C LEU A 1036 -17.11 24.70 30.69
N GLU A 1037 -16.35 23.83 30.01
CA GLU A 1037 -14.90 24.01 29.99
C GLU A 1037 -14.51 25.32 29.34
N MET A 1038 -15.16 25.67 28.22
CA MET A 1038 -14.83 26.93 27.56
C MET A 1038 -15.08 28.11 28.47
N LEU A 1039 -16.25 28.12 29.12
CA LEU A 1039 -16.58 29.23 30.02
C LEU A 1039 -15.60 29.31 31.18
N LEU A 1040 -15.25 28.16 31.76
CA LEU A 1040 -14.35 28.16 32.89
C LEU A 1040 -12.97 28.66 32.49
N LYS A 1041 -12.50 28.25 31.31
CA LYS A 1041 -11.22 28.76 30.82
C LYS A 1041 -11.30 30.26 30.56
N TRP A 1042 -12.40 30.73 29.99
CA TRP A 1042 -12.59 32.16 29.80
C TRP A 1042 -12.44 32.89 31.12
N MET A 1043 -13.15 32.44 32.14
CA MET A 1043 -13.08 33.10 33.43
C MET A 1043 -11.66 33.07 33.98
N ALA A 1044 -11.00 31.92 33.87
CA ALA A 1044 -9.69 31.77 34.49
C ALA A 1044 -8.65 32.70 33.87
N TYR A 1045 -8.52 32.67 32.54
CA TYR A 1045 -7.36 33.25 31.89
C TYR A 1045 -7.62 34.64 31.31
N GLY A 1046 -8.81 34.91 30.80
CA GLY A 1046 -9.09 36.19 30.19
C GLY A 1046 -9.01 36.13 28.68
N PHE A 1047 -10.10 36.51 28.02
CA PHE A 1047 -10.26 36.31 26.58
C PHE A 1047 -8.95 36.49 25.83
N LYS A 1048 -8.22 37.56 26.13
CA LYS A 1048 -6.98 37.81 25.40
C LYS A 1048 -6.00 36.66 25.58
N ALA A 1049 -5.87 36.15 26.80
CA ALA A 1049 -5.00 35.01 27.01
C ALA A 1049 -5.57 33.75 26.37
N TYR A 1050 -6.89 33.60 26.37
CA TYR A 1050 -7.50 32.43 25.78
C TYR A 1050 -7.23 32.37 24.29
N PHE A 1051 -7.70 33.37 23.53
CA PHE A 1051 -7.57 33.32 22.08
C PHE A 1051 -6.15 33.53 21.61
N SER A 1052 -5.23 33.90 22.51
CA SER A 1052 -3.83 34.05 22.13
C SER A 1052 -3.08 32.74 22.08
N ASN A 1053 -3.74 31.63 22.43
CA ASN A 1053 -3.12 30.31 22.44
C ASN A 1053 -3.63 29.52 21.24
N GLY A 1054 -2.71 28.85 20.55
CA GLY A 1054 -3.11 28.08 19.37
C GLY A 1054 -4.05 26.93 19.72
N TRP A 1055 -3.71 26.18 20.76
CA TRP A 1055 -4.50 24.99 21.09
C TRP A 1055 -5.92 25.37 21.51
N TYR A 1056 -6.06 26.43 22.30
CA TYR A 1056 -7.40 26.81 22.77
C TYR A 1056 -8.28 27.28 21.62
N ARG A 1057 -7.69 27.83 20.55
CA ARG A 1057 -8.47 28.12 19.36
C ARG A 1057 -9.01 26.84 18.74
N LEU A 1058 -8.20 25.79 18.72
CA LEU A 1058 -8.69 24.50 18.24
C LEU A 1058 -9.84 24.00 19.11
N ASP A 1059 -9.70 24.15 20.43
CA ASP A 1059 -10.81 23.80 21.32
C ASP A 1059 -12.07 24.60 20.97
N PHE A 1060 -11.92 25.89 20.73
CA PHE A 1060 -13.06 26.76 20.45
C PHE A 1060 -13.77 26.33 19.18
N VAL A 1061 -12.99 26.04 18.13
CA VAL A 1061 -13.60 25.59 16.89
C VAL A 1061 -14.26 24.24 17.08
N VAL A 1062 -13.71 23.38 17.93
CA VAL A 1062 -14.38 22.12 18.24
C VAL A 1062 -15.72 22.37 18.92
N VAL A 1063 -15.77 23.36 19.80
CA VAL A 1063 -17.04 23.72 20.44
C VAL A 1063 -18.04 24.18 19.38
N ILE A 1064 -17.59 25.01 18.46
CA ILE A 1064 -18.48 25.46 17.38
C ILE A 1064 -18.99 24.27 16.59
N VAL A 1065 -18.11 23.30 16.35
CA VAL A 1065 -18.47 22.10 15.61
C VAL A 1065 -19.55 21.33 16.35
N PHE A 1066 -19.41 21.14 17.65
CA PHE A 1066 -20.44 20.50 18.45
C PHE A 1066 -21.77 21.25 18.33
N CYS A 1067 -21.75 22.57 18.50
CA CYS A 1067 -22.98 23.35 18.47
C CYS A 1067 -23.65 23.26 17.10
N LEU A 1068 -22.86 23.38 16.04
CA LEU A 1068 -23.42 23.30 14.69
C LEU A 1068 -24.00 21.92 14.44
N SER A 1069 -23.36 20.87 14.96
CA SER A 1069 -23.93 19.54 14.83
C SER A 1069 -25.28 19.44 15.53
N LEU A 1070 -25.38 20.01 16.72
CA LEU A 1070 -26.66 19.99 17.43
C LEU A 1070 -27.74 20.72 16.64
N ILE A 1071 -27.47 21.97 16.23
CA ILE A 1071 -28.51 22.74 15.56
C ILE A 1071 -28.92 22.11 14.24
N GLY A 1072 -28.07 21.23 13.68
CA GLY A 1072 -28.37 20.67 12.38
C GLY A 1072 -29.51 19.66 12.37
N LYS A 1073 -29.85 19.10 13.53
CA LYS A 1073 -30.85 18.03 13.62
C LYS A 1073 -32.25 18.57 13.90
N THR A 1074 -32.55 19.78 13.47
CA THR A 1074 -33.89 20.37 13.62
C THR A 1074 -34.62 20.53 12.30
N ARG A 1075 -33.93 21.00 11.25
CA ARG A 1075 -34.56 21.25 9.96
C ARG A 1075 -33.76 20.53 8.87
N GLU A 1076 -34.46 19.79 8.02
CA GLU A 1076 -33.78 19.08 6.94
C GLU A 1076 -33.01 20.04 6.04
N GLU A 1077 -33.39 21.32 6.02
CA GLU A 1077 -32.56 22.32 5.34
C GLU A 1077 -31.20 22.44 6.01
N LEU A 1078 -31.17 22.41 7.35
CA LEU A 1078 -29.94 22.52 8.12
C LEU A 1078 -29.26 21.17 8.34
N LYS A 1079 -29.83 20.09 7.82
CA LYS A 1079 -29.22 18.77 7.97
C LYS A 1079 -27.75 18.72 7.56
N PRO A 1080 -27.29 19.34 6.47
CA PRO A 1080 -25.89 19.15 6.08
C PRO A 1080 -24.88 19.59 7.13
N LEU A 1081 -25.27 20.40 8.11
CA LEU A 1081 -24.33 20.77 9.17
C LEU A 1081 -23.88 19.56 9.96
N ILE A 1082 -24.71 18.51 10.00
CA ILE A 1082 -24.46 17.39 10.90
C ILE A 1082 -23.05 16.85 10.68
N SER A 1083 -22.66 16.68 9.42
CA SER A 1083 -21.41 16.02 9.11
C SER A 1083 -20.24 16.70 9.80
N MET A 1084 -20.36 17.99 10.10
CA MET A 1084 -19.26 18.71 10.75
C MET A 1084 -18.75 17.99 11.98
N LYS A 1085 -19.58 17.16 12.62
CA LYS A 1085 -19.16 16.51 13.86
C LYS A 1085 -17.96 15.61 13.65
N PHE A 1086 -17.63 15.27 12.41
CA PHE A 1086 -16.49 14.42 12.12
C PHE A 1086 -15.17 15.15 12.32
N LEU A 1087 -15.19 16.47 12.47
CA LEU A 1087 -14.02 17.20 12.92
C LEU A 1087 -13.78 17.02 14.42
N ARG A 1088 -14.71 16.40 15.12
CA ARG A 1088 -14.62 16.31 16.58
C ARG A 1088 -13.33 15.70 17.07
N PRO A 1089 -12.80 14.62 16.50
CA PRO A 1089 -11.60 14.00 17.07
C PRO A 1089 -10.40 14.92 17.12
N LEU A 1090 -10.42 16.06 16.44
CA LEU A 1090 -9.34 17.01 16.58
C LEU A 1090 -9.19 17.47 18.02
N ARG A 1091 -10.24 17.35 18.83
CA ARG A 1091 -10.12 17.65 20.25
C ARG A 1091 -9.02 16.82 20.89
N VAL A 1092 -8.90 15.57 20.47
CA VAL A 1092 -7.86 14.70 21.02
C VAL A 1092 -6.49 15.34 20.87
N LEU A 1093 -6.29 16.15 19.83
CA LEU A 1093 -4.99 16.77 19.62
C LEU A 1093 -4.66 17.74 20.75
N SER A 1094 -5.64 18.51 21.18
CA SER A 1094 -5.39 19.61 22.10
C SER A 1094 -5.30 19.19 23.55
N GLN A 1095 -5.74 17.98 23.90
CA GLN A 1095 -5.90 17.60 25.30
C GLN A 1095 -4.78 16.74 25.84
N PHE A 1096 -3.99 16.08 24.98
CA PHE A 1096 -2.98 15.14 25.43
C PHE A 1096 -1.59 15.65 25.05
N GLU A 1097 -0.69 15.69 26.04
CA GLU A 1097 0.62 16.25 25.82
C GLU A 1097 1.41 15.50 24.76
N ARG A 1098 1.11 14.22 24.57
CA ARG A 1098 1.84 13.42 23.58
C ARG A 1098 1.51 13.87 22.17
N MET A 1099 0.22 13.99 21.85
CA MET A 1099 -0.17 14.45 20.54
C MET A 1099 0.41 15.83 20.25
N LYS A 1100 0.54 16.66 21.28
CA LYS A 1100 1.07 18.00 21.09
C LYS A 1100 2.55 17.95 20.73
N VAL A 1101 3.33 17.10 21.39
CA VAL A 1101 4.74 17.01 21.03
C VAL A 1101 4.89 16.42 19.63
N VAL A 1102 4.03 15.47 19.26
CA VAL A 1102 4.18 14.89 17.93
C VAL A 1102 3.85 15.92 16.86
N VAL A 1103 2.79 16.70 17.06
CA VAL A 1103 2.45 17.72 16.07
C VAL A 1103 3.52 18.81 16.02
N ARG A 1104 4.07 19.18 17.18
CA ARG A 1104 5.17 20.13 17.20
C ARG A 1104 6.34 19.60 16.38
N ALA A 1105 6.69 18.33 16.57
CA ALA A 1105 7.85 17.77 15.87
C ALA A 1105 7.58 17.67 14.37
N LEU A 1106 6.38 17.27 13.97
CA LEU A 1106 6.07 17.22 12.56
C LEU A 1106 6.18 18.61 11.94
N ILE A 1107 5.73 19.65 12.65
CA ILE A 1107 5.88 21.01 12.15
C ILE A 1107 7.37 21.36 12.02
N LYS A 1108 8.15 21.05 13.05
CA LYS A 1108 9.56 21.41 13.02
C LYS A 1108 10.33 20.69 11.92
N THR A 1109 9.94 19.47 11.57
CA THR A 1109 10.71 18.71 10.60
C THR A 1109 10.22 18.90 9.17
N THR A 1110 8.91 18.92 8.95
CA THR A 1110 8.34 18.82 7.61
C THR A 1110 7.80 20.14 7.07
N LEU A 1111 7.86 21.22 7.83
CA LEU A 1111 7.38 22.50 7.31
C LEU A 1111 8.43 23.17 6.42
N PRO A 1112 9.70 23.15 6.80
CA PRO A 1112 10.72 23.81 5.96
C PRO A 1112 10.92 23.18 4.59
N THR A 1113 10.10 22.21 4.21
CA THR A 1113 10.18 21.58 2.91
C THR A 1113 9.27 22.24 1.87
N LEU A 1114 9.04 23.55 1.99
CA LEU A 1114 8.14 24.22 1.06
C LEU A 1114 8.83 24.60 -0.25
N ASN A 1115 10.08 25.04 -0.17
CA ASN A 1115 10.80 25.42 -1.40
C ASN A 1115 11.08 24.20 -2.26
N VAL A 1116 11.61 23.13 -1.65
CA VAL A 1116 11.88 21.93 -2.42
C VAL A 1116 10.58 21.37 -2.98
N PHE A 1117 9.50 21.46 -2.21
CA PHE A 1117 8.22 20.98 -2.71
C PHE A 1117 7.77 21.80 -3.90
N LEU A 1118 8.06 23.09 -3.92
CA LEU A 1118 7.72 23.92 -5.08
C LEU A 1118 8.52 23.50 -6.30
N VAL A 1119 9.81 23.19 -6.12
CA VAL A 1119 10.61 22.70 -7.23
C VAL A 1119 10.00 21.42 -7.79
N CYS A 1120 9.63 20.51 -6.89
CA CYS A 1120 9.03 19.25 -7.32
C CYS A 1120 7.72 19.47 -8.05
N LEU A 1121 6.92 20.43 -7.57
CA LEU A 1121 5.66 20.74 -8.24
C LEU A 1121 5.92 21.27 -9.65
N MET A 1122 6.95 22.08 -9.82
CA MET A 1122 7.30 22.54 -11.15
C MET A 1122 7.66 21.37 -12.06
N ILE A 1123 8.43 20.42 -11.55
CA ILE A 1123 8.78 19.25 -12.34
C ILE A 1123 7.53 18.49 -12.76
N TRP A 1124 6.63 18.26 -11.81
CA TRP A 1124 5.41 17.52 -12.11
C TRP A 1124 4.55 18.27 -13.12
N LEU A 1125 4.54 19.60 -13.05
CA LEU A 1125 3.78 20.40 -14.00
C LEU A 1125 4.38 20.29 -15.40
N ILE A 1126 5.70 20.28 -15.50
CA ILE A 1126 6.37 20.05 -16.78
C ILE A 1126 5.90 18.72 -17.37
N PHE A 1127 5.93 17.66 -16.56
CA PHE A 1127 5.53 16.35 -17.06
C PHE A 1127 4.05 16.29 -17.40
N SER A 1128 3.21 16.99 -16.64
CA SER A 1128 1.77 17.01 -16.93
C SER A 1128 1.49 17.71 -18.25
N ILE A 1129 2.16 18.84 -18.51
CA ILE A 1129 1.96 19.53 -19.78
C ILE A 1129 2.46 18.66 -20.92
N MET A 1130 3.63 18.05 -20.77
CA MET A 1130 4.12 17.10 -21.77
C MET A 1130 3.07 16.03 -22.06
N GLY A 1131 2.51 15.44 -21.00
CA GLY A 1131 1.57 14.35 -21.18
C GLY A 1131 0.27 14.80 -21.82
N VAL A 1132 -0.19 16.00 -21.50
CA VAL A 1132 -1.37 16.53 -22.17
C VAL A 1132 -1.08 16.68 -23.65
N ASP A 1133 0.09 17.22 -23.98
CA ASP A 1133 0.49 17.35 -25.37
C ASP A 1133 0.46 16.01 -26.08
N LEU A 1134 1.05 14.98 -25.45
CA LEU A 1134 1.20 13.69 -26.11
C LEU A 1134 -0.11 12.93 -26.21
N PHE A 1135 -0.98 13.05 -25.20
CA PHE A 1135 -2.08 12.10 -25.01
C PHE A 1135 -3.46 12.72 -24.98
N ALA A 1136 -3.58 14.05 -24.94
CA ALA A 1136 -4.87 14.67 -24.70
C ALA A 1136 -5.86 14.33 -25.81
N GLY A 1137 -7.03 13.86 -25.40
CA GLY A 1137 -8.08 13.54 -26.34
C GLY A 1137 -7.93 12.21 -27.04
N ARG A 1138 -6.89 11.44 -26.73
CA ARG A 1138 -6.57 10.25 -27.49
C ARG A 1138 -6.93 8.96 -26.78
N PHE A 1139 -7.36 9.02 -25.52
CA PHE A 1139 -7.69 7.82 -24.77
C PHE A 1139 -9.13 7.38 -24.97
N TYR A 1140 -9.87 8.04 -25.86
CA TYR A 1140 -11.22 7.61 -26.18
C TYR A 1140 -11.18 6.28 -26.93
N GLU A 1141 -12.17 5.44 -26.66
CA GLU A 1141 -12.22 4.10 -27.23
C GLU A 1141 -13.67 3.67 -27.42
N CYS A 1142 -13.89 2.74 -28.32
CA CYS A 1142 -15.20 2.14 -28.53
C CYS A 1142 -15.24 0.80 -27.83
N ILE A 1143 -16.16 0.65 -26.87
CA ILE A 1143 -16.24 -0.54 -26.04
C ILE A 1143 -17.64 -1.12 -26.15
N ASP A 1144 -17.80 -2.31 -25.58
CA ASP A 1144 -19.12 -2.91 -25.41
C ASP A 1144 -19.76 -2.34 -24.16
N PRO A 1145 -20.93 -1.70 -24.25
CA PRO A 1145 -21.46 -1.03 -23.06
C PRO A 1145 -21.63 -1.95 -21.87
N THR A 1146 -22.05 -3.20 -22.10
CA THR A 1146 -22.20 -4.13 -20.99
C THR A 1146 -20.88 -4.79 -20.61
N SER A 1147 -20.29 -5.55 -21.53
CA SER A 1147 -19.08 -6.30 -21.19
C SER A 1147 -17.91 -5.38 -20.89
N GLY A 1148 -17.83 -4.25 -21.59
CA GLY A 1148 -16.88 -3.22 -21.26
C GLY A 1148 -15.50 -3.36 -21.86
N GLU A 1149 -15.28 -4.35 -22.71
CA GLU A 1149 -13.97 -4.53 -23.33
C GLU A 1149 -13.91 -3.85 -24.69
N ARG A 1150 -12.73 -3.33 -25.01
CA ARG A 1150 -12.53 -2.60 -26.25
C ARG A 1150 -12.86 -3.48 -27.44
N PHE A 1151 -13.60 -2.92 -28.40
CA PHE A 1151 -13.87 -3.63 -29.63
C PHE A 1151 -12.56 -3.86 -30.38
N PRO A 1152 -12.37 -5.00 -31.04
CA PRO A 1152 -11.16 -5.18 -31.83
C PRO A 1152 -11.03 -4.09 -32.88
N SER A 1153 -9.82 -3.52 -32.97
CA SER A 1153 -9.62 -2.37 -33.83
C SER A 1153 -9.79 -2.70 -35.32
N SER A 1154 -9.85 -3.97 -35.68
CA SER A 1154 -10.01 -4.34 -37.07
C SER A 1154 -11.42 -4.12 -37.58
N GLU A 1155 -12.39 -3.87 -36.69
CA GLU A 1155 -13.76 -3.55 -37.09
C GLU A 1155 -14.08 -2.07 -36.90
N VAL A 1156 -13.90 -1.54 -35.69
CA VAL A 1156 -14.19 -0.15 -35.41
C VAL A 1156 -12.90 0.62 -35.68
N MET A 1157 -12.69 0.98 -36.94
CA MET A 1157 -11.46 1.64 -37.34
C MET A 1157 -11.35 3.04 -36.78
N ASN A 1158 -12.47 3.62 -36.39
CA ASN A 1158 -12.47 5.02 -35.87
C ASN A 1158 -13.79 5.30 -35.19
N LYS A 1159 -13.95 6.54 -34.75
CA LYS A 1159 -15.17 6.93 -34.04
C LYS A 1159 -16.39 6.82 -34.92
N SER A 1160 -16.29 7.28 -36.17
CA SER A 1160 -17.47 7.34 -37.03
C SER A 1160 -18.18 6.01 -37.10
N ARG A 1161 -17.43 4.92 -37.23
CA ARG A 1161 -18.05 3.59 -37.20
C ARG A 1161 -18.74 3.34 -35.86
N CYS A 1162 -18.07 3.68 -34.76
CA CYS A 1162 -18.65 3.41 -33.46
C CYS A 1162 -19.94 4.19 -33.25
N GLU A 1163 -19.89 5.50 -33.45
CA GLU A 1163 -21.06 6.34 -33.18
C GLU A 1163 -22.21 5.97 -34.11
N SER A 1164 -21.93 5.88 -35.41
CA SER A 1164 -22.99 5.65 -36.39
C SER A 1164 -23.50 4.22 -36.24
N LEU A 1165 -24.73 4.09 -35.77
CA LEU A 1165 -25.41 2.80 -35.72
C LEU A 1165 -26.10 2.59 -37.06
N LEU A 1166 -25.64 1.59 -37.81
CA LEU A 1166 -26.23 1.26 -39.10
C LEU A 1166 -26.69 -0.19 -39.19
N PHE A 1167 -26.24 -1.07 -38.29
CA PHE A 1167 -26.72 -2.44 -38.24
C PHE A 1167 -27.24 -2.79 -36.85
N ASN A 1168 -27.79 -1.80 -36.15
CA ASN A 1168 -28.42 -2.01 -34.84
C ASN A 1168 -27.54 -2.88 -33.95
N GLU A 1169 -26.37 -2.34 -33.61
CA GLU A 1169 -25.43 -2.99 -32.71
C GLU A 1169 -25.08 -2.03 -31.59
N SER A 1170 -24.95 -2.57 -30.38
CA SER A 1170 -24.67 -1.77 -29.20
C SER A 1170 -23.16 -1.50 -29.11
N MET A 1171 -22.79 -0.23 -29.06
CA MET A 1171 -21.40 0.15 -28.93
C MET A 1171 -21.27 1.62 -28.54
N LEU A 1172 -20.54 1.88 -27.46
CA LEU A 1172 -20.44 3.21 -26.86
C LEU A 1172 -19.02 3.72 -26.99
N TRP A 1173 -18.89 4.99 -27.39
CA TRP A 1173 -17.60 5.65 -27.52
C TRP A 1173 -17.41 6.58 -26.33
N GLU A 1174 -16.44 6.26 -25.48
CA GLU A 1174 -16.26 7.03 -24.26
C GLU A 1174 -14.78 7.05 -23.86
N ASN A 1175 -14.46 7.96 -22.95
CA ASN A 1175 -13.09 8.23 -22.55
C ASN A 1175 -12.60 7.14 -21.62
N ALA A 1176 -11.45 7.39 -21.01
CA ALA A 1176 -10.91 6.54 -19.96
C ALA A 1176 -11.06 7.23 -18.62
N LYS A 1177 -11.11 6.44 -17.56
CA LYS A 1177 -11.23 7.01 -16.22
C LYS A 1177 -10.04 7.90 -15.88
N MET A 1178 -8.85 7.46 -16.26
CA MET A 1178 -7.62 8.22 -16.03
C MET A 1178 -7.04 8.60 -17.38
N ASN A 1179 -7.11 9.88 -17.71
CA ASN A 1179 -6.66 10.37 -18.99
C ASN A 1179 -5.75 11.58 -18.79
N PHE A 1180 -5.35 12.20 -19.89
CA PHE A 1180 -4.46 13.35 -19.91
C PHE A 1180 -5.11 14.49 -20.68
N ASP A 1181 -6.41 14.72 -20.46
CA ASP A 1181 -7.14 15.71 -21.23
C ASP A 1181 -6.83 17.14 -20.83
N ASN A 1182 -6.27 17.34 -19.63
CA ASN A 1182 -5.83 18.65 -19.20
C ASN A 1182 -4.82 18.44 -18.09
N VAL A 1183 -4.25 19.54 -17.59
CA VAL A 1183 -3.18 19.41 -16.64
C VAL A 1183 -3.66 18.87 -15.30
N GLY A 1184 -4.95 19.00 -14.98
CA GLY A 1184 -5.49 18.45 -13.75
C GLY A 1184 -5.63 16.94 -13.81
N ASN A 1185 -6.31 16.45 -14.83
CA ASN A 1185 -6.30 15.03 -15.11
C ASN A 1185 -4.87 14.52 -15.21
N GLY A 1186 -3.98 15.32 -15.75
CA GLY A 1186 -2.59 14.91 -15.82
C GLY A 1186 -1.98 14.71 -14.44
N PHE A 1187 -2.27 15.63 -13.52
CA PHE A 1187 -1.74 15.50 -12.16
C PHE A 1187 -2.31 14.27 -11.48
N LEU A 1188 -3.59 13.96 -11.72
CA LEU A 1188 -4.16 12.77 -11.12
C LEU A 1188 -3.53 11.50 -11.70
N SER A 1189 -3.36 11.45 -13.01
CA SER A 1189 -2.71 10.30 -13.63
C SER A 1189 -1.29 10.14 -13.14
N LEU A 1190 -0.57 11.25 -12.98
CA LEU A 1190 0.81 11.14 -12.56
C LEU A 1190 0.94 10.75 -11.11
N LEU A 1191 0.02 11.19 -10.23
CA LEU A 1191 0.03 10.68 -8.87
C LEU A 1191 -0.24 9.19 -8.86
N GLN A 1192 -1.19 8.74 -9.69
CA GLN A 1192 -1.48 7.33 -9.77
C GLN A 1192 -0.31 6.53 -10.34
N VAL A 1193 0.56 7.18 -11.12
CA VAL A 1193 1.76 6.51 -11.62
C VAL A 1193 2.91 6.57 -10.62
N ALA A 1194 2.95 7.56 -9.74
CA ALA A 1194 4.07 7.72 -8.83
C ALA A 1194 4.01 6.73 -7.68
N THR A 1195 2.81 6.36 -7.26
CA THR A 1195 2.61 5.36 -6.23
C THR A 1195 2.44 3.96 -6.79
N PHE A 1196 2.43 3.83 -8.12
CA PHE A 1196 2.41 2.53 -8.81
C PHE A 1196 1.11 1.77 -8.58
N ASN A 1197 0.01 2.49 -8.36
CA ASN A 1197 -1.31 1.89 -8.29
C ASN A 1197 -2.11 2.36 -9.49
N GLY A 1198 -2.37 1.46 -10.43
CA GLY A 1198 -3.12 1.82 -11.61
C GLY A 1198 -2.29 2.35 -12.75
N TRP A 1199 -0.98 2.20 -12.68
CA TRP A 1199 -0.08 2.79 -13.67
C TRP A 1199 -0.03 1.91 -14.91
N ILE A 1200 -0.28 0.61 -14.74
CA ILE A 1200 -0.33 -0.30 -15.86
C ILE A 1200 -1.49 0.05 -16.79
N THR A 1201 -2.63 0.44 -16.21
CA THR A 1201 -3.76 0.84 -17.03
C THR A 1201 -3.45 2.10 -17.84
N ILE A 1202 -2.84 3.08 -17.19
CA ILE A 1202 -2.57 4.35 -17.86
C ILE A 1202 -1.56 4.15 -18.97
N MET A 1203 -0.52 3.34 -18.73
CA MET A 1203 0.46 3.09 -19.78
C MET A 1203 -0.12 2.21 -20.88
N ASN A 1204 -1.04 1.31 -20.54
CA ASN A 1204 -1.73 0.56 -21.57
C ASN A 1204 -2.49 1.49 -22.49
N SER A 1205 -3.18 2.47 -21.92
CA SER A 1205 -3.84 3.48 -22.74
C SER A 1205 -2.84 4.27 -23.56
N ALA A 1206 -1.72 4.66 -22.93
CA ALA A 1206 -0.74 5.50 -23.60
C ALA A 1206 -0.14 4.81 -24.82
N ILE A 1207 0.19 3.52 -24.70
CA ILE A 1207 0.89 2.81 -25.76
C ILE A 1207 -0.11 2.24 -26.76
N ASP A 1208 -1.36 2.66 -26.66
CA ASP A 1208 -2.39 2.24 -27.60
C ASP A 1208 -2.98 3.39 -28.39
N SER A 1209 -2.61 4.63 -28.08
CA SER A 1209 -3.21 5.80 -28.70
C SER A 1209 -2.68 6.02 -30.11
N VAL A 1210 -3.53 6.56 -30.98
CA VAL A 1210 -3.12 6.91 -32.33
C VAL A 1210 -3.39 8.38 -32.60
N ALA A 1211 -4.66 8.75 -32.63
CA ALA A 1211 -5.07 10.09 -33.04
C ALA A 1211 -6.21 10.53 -32.14
N VAL A 1212 -6.94 11.57 -32.55
CA VAL A 1212 -7.95 12.16 -31.68
C VAL A 1212 -9.33 11.57 -31.89
N ASN A 1213 -9.54 10.77 -32.95
CA ASN A 1213 -10.81 10.09 -33.12
C ASN A 1213 -10.63 8.66 -33.64
N ILE A 1214 -9.42 8.14 -33.66
CA ILE A 1214 -9.11 6.83 -34.22
C ILE A 1214 -9.09 5.80 -33.11
N GLN A 1215 -9.69 4.65 -33.36
CA GLN A 1215 -9.74 3.60 -32.37
C GLN A 1215 -8.32 3.17 -32.01
N PRO A 1216 -7.98 3.11 -30.73
CA PRO A 1216 -6.62 2.69 -30.35
C PRO A 1216 -6.35 1.25 -30.74
N HIS A 1217 -5.10 0.99 -31.13
CA HIS A 1217 -4.64 -0.32 -31.55
C HIS A 1217 -3.62 -0.86 -30.56
N PHE A 1218 -3.58 -2.18 -30.43
CA PHE A 1218 -2.77 -2.82 -29.40
C PHE A 1218 -1.29 -2.57 -29.64
N GLU A 1219 -0.64 -1.91 -28.69
CA GLU A 1219 0.81 -1.69 -28.70
C GLU A 1219 1.29 -1.23 -30.07
N VAL A 1220 0.68 -0.15 -30.55
CA VAL A 1220 1.09 0.46 -31.81
C VAL A 1220 2.02 1.63 -31.58
N ASN A 1221 2.17 2.12 -30.36
CA ASN A 1221 2.93 3.31 -30.05
C ASN A 1221 3.88 3.04 -28.89
N ILE A 1222 4.58 1.90 -28.96
CA ILE A 1222 5.23 1.28 -27.82
C ILE A 1222 6.29 2.15 -27.15
N TYR A 1223 6.80 3.14 -27.85
CA TYR A 1223 7.94 3.89 -27.31
C TYR A 1223 7.52 5.00 -26.36
N MET A 1224 6.21 5.24 -26.21
CA MET A 1224 5.77 6.15 -25.17
C MET A 1224 6.16 5.68 -23.78
N TYR A 1225 6.48 4.39 -23.61
CA TYR A 1225 7.05 3.94 -22.36
C TYR A 1225 8.20 4.83 -21.91
N CYS A 1226 8.86 5.48 -22.85
CA CYS A 1226 9.96 6.37 -22.48
C CYS A 1226 9.45 7.56 -21.68
N TYR A 1227 8.20 7.97 -21.91
CA TYR A 1227 7.61 9.04 -21.10
C TYR A 1227 7.57 8.65 -19.64
N PHE A 1228 7.04 7.46 -19.36
CA PHE A 1228 6.78 7.04 -17.98
C PHE A 1228 8.05 6.64 -17.26
N ILE A 1229 9.00 6.02 -17.97
CA ILE A 1229 10.29 5.72 -17.37
C ILE A 1229 10.97 7.00 -16.95
N ASN A 1230 10.96 8.01 -17.82
CA ASN A 1230 11.55 9.31 -17.48
C ASN A 1230 10.84 9.96 -16.31
N PHE A 1231 9.50 9.91 -16.29
CA PHE A 1231 8.79 10.47 -15.14
C PHE A 1231 9.23 9.78 -13.86
N ILE A 1232 9.24 8.45 -13.85
CA ILE A 1232 9.62 7.74 -12.64
C ILE A 1232 11.04 8.12 -12.21
N ILE A 1233 11.94 8.27 -13.18
CA ILE A 1233 13.33 8.57 -12.84
C ILE A 1233 13.47 9.99 -12.31
N PHE A 1234 12.77 10.95 -12.89
CA PHE A 1234 13.07 12.37 -12.68
C PHE A 1234 12.06 13.10 -11.82
N GLY A 1235 10.77 12.82 -11.94
CA GLY A 1235 9.75 13.44 -11.12
C GLY A 1235 9.22 12.56 -10.01
N VAL A 1236 9.84 11.41 -9.75
CA VAL A 1236 9.50 10.58 -8.60
C VAL A 1236 10.76 10.30 -7.79
N PHE A 1237 11.77 9.74 -8.44
CA PHE A 1237 12.95 9.26 -7.72
C PHE A 1237 13.78 10.42 -7.17
N LEU A 1238 14.06 11.41 -8.00
CA LEU A 1238 14.97 12.50 -7.62
C LEU A 1238 14.30 13.49 -6.67
N PRO A 1239 13.05 13.90 -6.94
CA PRO A 1239 12.31 14.67 -5.94
C PRO A 1239 12.28 14.01 -4.57
N LEU A 1240 12.15 12.70 -4.54
CA LEU A 1240 12.10 11.99 -3.28
C LEU A 1240 13.40 12.17 -2.50
N SER A 1241 14.53 12.07 -3.18
CA SER A 1241 15.80 12.30 -2.51
C SER A 1241 15.87 13.72 -1.98
N MET A 1242 15.42 14.68 -2.78
CA MET A 1242 15.40 16.07 -2.37
C MET A 1242 14.61 16.27 -1.08
N LEU A 1243 13.36 15.80 -1.08
CA LEU A 1243 12.51 15.95 0.09
C LEU A 1243 13.09 15.25 1.30
N ILE A 1244 13.53 14.00 1.13
CA ILE A 1244 14.01 13.24 2.26
C ILE A 1244 15.25 13.88 2.84
N THR A 1245 16.14 14.42 2.00
CA THR A 1245 17.33 15.03 2.54
C THR A 1245 16.98 16.28 3.32
N VAL A 1246 16.02 17.07 2.84
CA VAL A 1246 15.63 18.25 3.61
C VAL A 1246 15.06 17.84 4.96
N ILE A 1247 14.22 16.79 4.98
CA ILE A 1247 13.59 16.38 6.23
C ILE A 1247 14.63 15.83 7.20
N ILE A 1248 15.60 15.06 6.71
CA ILE A 1248 16.67 14.56 7.57
C ILE A 1248 17.48 15.73 8.13
N ASP A 1249 17.76 16.74 7.30
CA ASP A 1249 18.54 17.88 7.76
C ASP A 1249 17.80 18.63 8.85
N ASN A 1250 16.48 18.83 8.68
CA ASN A 1250 15.70 19.48 9.72
C ASN A 1250 15.69 18.65 10.99
N PHE A 1251 15.57 17.33 10.85
CA PHE A 1251 15.62 16.44 12.01
C PHE A 1251 16.91 16.66 12.80
N ASN A 1252 18.04 16.61 12.12
CA ASN A 1252 19.32 16.78 12.81
C ASN A 1252 19.45 18.18 13.40
N LYS A 1253 19.03 19.19 12.64
CA LYS A 1253 19.13 20.56 13.14
C LYS A 1253 18.35 20.72 14.44
N HIS A 1254 17.09 20.30 14.44
CA HIS A 1254 16.25 20.52 15.62
C HIS A 1254 16.72 19.64 16.77
N LYS A 1255 17.33 18.48 16.47
CA LYS A 1255 17.97 17.71 17.53
C LYS A 1255 19.11 18.51 18.17
N ILE A 1256 19.94 19.15 17.34
CA ILE A 1256 20.99 20.01 17.89
C ILE A 1256 20.41 21.16 18.68
N LYS A 1257 19.24 21.66 18.28
CA LYS A 1257 18.61 22.76 19.00
C LYS A 1257 18.26 22.37 20.43
N LEU A 1258 18.18 21.07 20.72
CA LEU A 1258 17.82 20.60 22.05
C LEU A 1258 18.94 19.87 22.77
N GLY A 1259 19.97 19.42 22.05
CA GLY A 1259 20.97 18.57 22.64
C GLY A 1259 20.38 17.25 23.09
N GLY A 1260 19.17 16.96 22.60
CA GLY A 1260 18.46 15.75 22.97
C GLY A 1260 18.23 14.87 21.76
N SER A 1261 18.48 13.56 21.91
CA SER A 1261 18.40 12.66 20.77
C SER A 1261 16.99 12.62 20.19
N ASN A 1262 15.98 12.56 21.05
CA ASN A 1262 14.60 12.34 20.63
C ASN A 1262 13.78 13.61 20.86
N ILE A 1263 12.95 13.95 19.87
CA ILE A 1263 12.04 15.08 19.98
C ILE A 1263 10.58 14.67 19.91
N PHE A 1264 10.27 13.42 19.58
CA PHE A 1264 8.90 12.97 19.50
C PHE A 1264 8.39 12.42 20.84
N ILE A 1265 9.21 12.46 21.88
CA ILE A 1265 8.84 11.99 23.21
C ILE A 1265 8.64 13.18 24.12
N THR A 1266 7.83 12.98 25.16
CA THR A 1266 7.55 14.02 26.12
C THR A 1266 8.60 14.00 27.23
N VAL A 1267 8.59 15.04 28.07
CA VAL A 1267 9.60 15.17 29.11
C VAL A 1267 9.54 13.98 30.05
N LYS A 1268 8.34 13.54 30.39
CA LYS A 1268 8.22 12.38 31.25
C LYS A 1268 8.82 11.13 30.61
N GLN A 1269 8.89 11.08 29.28
CA GLN A 1269 9.35 9.88 28.59
C GLN A 1269 10.85 9.82 28.42
N ARG A 1270 11.58 10.90 28.68
CA ARG A 1270 13.04 10.84 28.57
C ARG A 1270 13.63 9.94 29.64
N LYS A 1271 13.06 9.96 30.85
CA LYS A 1271 13.56 9.07 31.89
C LYS A 1271 13.28 7.62 31.53
N GLN A 1272 12.13 7.36 30.91
CA GLN A 1272 11.86 6.03 30.38
C GLN A 1272 12.89 5.62 29.34
N TYR A 1273 13.24 6.54 28.45
CA TYR A 1273 14.25 6.24 27.43
C TYR A 1273 15.58 5.88 28.09
N ARG A 1274 15.99 6.67 29.09
CA ARG A 1274 17.23 6.38 29.80
C ARG A 1274 17.17 5.02 30.46
N ARG A 1275 16.03 4.70 31.06
CA ARG A 1275 15.89 3.42 31.74
C ARG A 1275 16.00 2.25 30.77
N LEU A 1276 15.35 2.34 29.61
CA LEU A 1276 15.48 1.28 28.62
C LEU A 1276 16.92 1.16 28.14
N LYS A 1277 17.57 2.29 27.89
CA LYS A 1277 18.98 2.24 27.49
C LYS A 1277 19.81 1.51 28.54
N LYS A 1278 19.50 1.74 29.81
CA LYS A 1278 20.21 1.03 30.87
C LYS A 1278 19.93 -0.46 30.82
N LEU A 1279 18.66 -0.85 30.69
CA LEU A 1279 18.30 -2.26 30.77
C LEU A 1279 18.93 -3.06 29.63
N MET A 1280 18.81 -2.57 28.39
CA MET A 1280 19.33 -3.35 27.27
C MET A 1280 20.78 -3.04 26.95
N TYR A 1281 21.55 -2.58 27.92
CA TYR A 1281 22.99 -2.50 27.82
C TYR A 1281 23.69 -3.01 29.06
N GLU A 1282 22.95 -3.48 30.06
CA GLU A 1282 23.51 -3.82 31.37
C GLU A 1282 23.15 -5.24 31.74
N ASP A 1283 24.13 -5.95 32.29
CA ASP A 1283 23.90 -7.30 32.78
C ASP A 1283 23.01 -7.27 34.02
N SER A 1284 22.11 -8.25 34.12
CA SER A 1284 21.25 -8.34 35.29
C SER A 1284 22.08 -8.52 36.56
N GLN A 1285 23.12 -9.35 36.49
CA GLN A 1285 24.04 -9.59 37.60
C GLN A 1285 23.28 -9.79 38.91
N ARG A 1286 22.15 -10.50 38.85
CA ARG A 1286 21.32 -10.72 40.03
C ARG A 1286 20.97 -12.20 40.14
N PRO A 1287 21.97 -13.06 40.32
CA PRO A 1287 21.69 -14.48 40.55
C PRO A 1287 21.09 -14.70 41.94
N VAL A 1288 20.67 -15.93 42.17
CA VAL A 1288 20.04 -16.31 43.44
C VAL A 1288 20.95 -17.27 44.17
N PRO A 1289 20.87 -17.36 45.50
CA PRO A 1289 21.71 -18.30 46.23
C PRO A 1289 21.16 -19.71 46.13
N ARG A 1290 22.06 -20.66 45.97
CA ARG A 1290 21.65 -22.05 45.83
C ARG A 1290 21.26 -22.61 47.19
N PRO A 1291 20.10 -23.24 47.33
CA PRO A 1291 19.83 -23.94 48.59
C PRO A 1291 20.95 -24.92 48.85
N LEU A 1292 21.42 -24.94 50.09
CA LEU A 1292 22.47 -25.88 50.47
C LEU A 1292 22.05 -26.82 51.58
N ASN A 1293 21.58 -26.28 52.70
CA ASN A 1293 21.53 -27.07 53.93
C ASN A 1293 20.27 -27.92 54.02
N LYS A 1294 19.11 -27.38 53.62
CA LYS A 1294 17.87 -28.12 53.76
C LYS A 1294 17.89 -29.41 52.95
N LEU A 1295 18.42 -29.36 51.73
CA LEU A 1295 18.52 -30.53 50.87
C LEU A 1295 19.89 -30.51 50.18
N GLN A 1296 20.83 -31.29 50.69
CA GLN A 1296 22.16 -31.36 50.10
C GLN A 1296 22.12 -31.98 48.71
N GLY A 1297 21.51 -33.15 48.59
CA GLY A 1297 21.56 -33.89 47.34
C GLY A 1297 20.72 -33.17 46.32
N PHE A 1298 21.20 -31.98 45.94
CA PHE A 1298 20.33 -30.99 45.33
C PHE A 1298 21.23 -30.15 44.41
N ILE A 1299 21.32 -30.56 43.15
CA ILE A 1299 22.30 -30.00 42.23
C ILE A 1299 21.65 -28.80 41.56
N PHE A 1300 21.76 -27.66 42.26
CA PHE A 1300 21.47 -26.36 41.66
C PHE A 1300 22.30 -26.13 40.41
N ASP A 1301 23.53 -26.63 40.40
CA ASP A 1301 24.48 -26.23 39.37
C ASP A 1301 24.01 -26.63 37.99
N VAL A 1302 23.35 -27.79 37.88
CA VAL A 1302 22.98 -28.31 36.56
C VAL A 1302 22.17 -27.28 35.80
N VAL A 1303 21.17 -26.71 36.44
CA VAL A 1303 20.31 -25.74 35.75
C VAL A 1303 21.11 -24.51 35.33
N THR A 1304 22.00 -24.04 36.19
CA THR A 1304 22.77 -22.84 35.89
C THR A 1304 23.99 -23.12 35.01
N SER A 1305 24.24 -24.38 34.67
CA SER A 1305 25.35 -24.70 33.78
C SER A 1305 25.08 -24.17 32.38
N GLN A 1306 26.16 -23.77 31.69
CA GLN A 1306 26.02 -23.36 30.31
C GLN A 1306 25.49 -24.50 29.45
N ALA A 1307 25.93 -25.73 29.71
CA ALA A 1307 25.50 -26.85 28.89
C ALA A 1307 23.98 -26.98 28.88
N PHE A 1308 23.35 -26.86 30.04
CA PHE A 1308 21.90 -27.01 30.10
C PHE A 1308 21.21 -25.96 29.26
N ASN A 1309 21.66 -24.70 29.36
CA ASN A 1309 21.03 -23.63 28.60
C ASN A 1309 21.19 -23.87 27.10
N VAL A 1310 22.38 -24.28 26.66
CA VAL A 1310 22.61 -24.46 25.24
C VAL A 1310 21.80 -25.65 24.71
N ILE A 1311 21.69 -26.71 25.49
CA ILE A 1311 20.84 -27.82 25.07
C ILE A 1311 19.39 -27.37 24.95
N VAL A 1312 18.93 -26.54 25.89
CA VAL A 1312 17.57 -26.02 25.81
C VAL A 1312 17.38 -25.23 24.51
N MET A 1313 18.35 -24.37 24.18
CA MET A 1313 18.24 -23.55 22.98
C MET A 1313 18.22 -24.43 21.73
N VAL A 1314 19.08 -25.45 21.68
CA VAL A 1314 19.08 -26.35 20.54
C VAL A 1314 17.75 -27.08 20.44
N LEU A 1315 17.14 -27.40 21.57
CA LEU A 1315 15.81 -28.02 21.56
C LEU A 1315 14.78 -27.07 20.97
N ILE A 1316 14.85 -25.79 21.33
CA ILE A 1316 13.94 -24.80 20.74
C ILE A 1316 14.09 -24.78 19.23
N CYS A 1317 15.35 -24.75 18.76
CA CYS A 1317 15.60 -24.70 17.34
C CYS A 1317 15.09 -25.94 16.62
N PHE A 1318 15.31 -27.12 17.20
CA PHE A 1318 14.81 -28.35 16.59
C PHE A 1318 13.28 -28.39 16.58
N GLN A 1319 12.64 -27.89 17.62
CA GLN A 1319 11.19 -27.80 17.58
C GLN A 1319 10.74 -26.97 16.40
N ALA A 1320 11.42 -25.84 16.17
CA ALA A 1320 11.08 -25.00 15.02
C ALA A 1320 11.32 -25.73 13.70
N ILE A 1321 12.45 -26.44 13.58
CA ILE A 1321 12.77 -27.15 12.34
C ILE A 1321 11.71 -28.21 12.03
N ALA A 1322 11.30 -28.98 13.04
CA ALA A 1322 10.36 -30.07 12.79
C ALA A 1322 9.02 -29.56 12.28
N MET A 1323 8.72 -28.26 12.45
CA MET A 1323 7.46 -27.72 11.97
C MET A 1323 7.45 -27.62 10.44
N MET A 1324 8.61 -27.39 9.82
CA MET A 1324 8.65 -27.16 8.38
C MET A 1324 8.23 -28.39 7.59
N ILE A 1325 8.25 -29.58 8.20
CA ILE A 1325 7.93 -30.81 7.47
C ILE A 1325 6.43 -30.99 7.26
N ASP A 1326 5.60 -30.16 7.91
CA ASP A 1326 4.17 -30.28 7.75
C ASP A 1326 3.72 -29.76 6.39
N THR A 1327 2.65 -30.35 5.87
CA THR A 1327 2.07 -29.91 4.61
C THR A 1327 0.58 -30.21 4.63
N ASP A 1328 -0.13 -29.80 3.58
CA ASP A 1328 -1.57 -30.00 3.53
C ASP A 1328 -1.92 -31.41 3.10
N VAL A 1329 -1.51 -31.79 1.89
CA VAL A 1329 -1.65 -33.17 1.44
C VAL A 1329 -0.52 -33.96 2.10
N GLN A 1330 -0.86 -34.69 3.16
CA GLN A 1330 0.12 -35.37 3.99
C GLN A 1330 -0.31 -36.81 4.19
N SER A 1331 0.66 -37.70 4.35
CA SER A 1331 0.33 -39.09 4.62
C SER A 1331 -0.20 -39.22 6.05
N LEU A 1332 -0.80 -40.38 6.33
CA LEU A 1332 -1.33 -40.63 7.67
C LEU A 1332 -0.22 -40.92 8.66
N GLN A 1333 0.90 -41.48 8.20
CA GLN A 1333 2.01 -41.73 9.11
C GLN A 1333 2.69 -40.42 9.51
N MET A 1334 2.88 -39.50 8.57
CA MET A 1334 3.55 -38.25 8.87
C MET A 1334 2.75 -37.43 9.88
N SER A 1335 1.42 -37.46 9.78
CA SER A 1335 0.58 -36.71 10.71
C SER A 1335 0.84 -37.17 12.15
N ILE A 1336 0.76 -38.48 12.39
CA ILE A 1336 0.97 -38.99 13.74
C ILE A 1336 2.40 -38.78 14.18
N ALA A 1337 3.35 -38.88 13.25
CA ALA A 1337 4.75 -38.64 13.59
C ALA A 1337 4.92 -37.24 14.14
N LEU A 1338 4.37 -36.24 13.44
CA LEU A 1338 4.51 -34.86 13.91
C LEU A 1338 3.74 -34.64 15.21
N TYR A 1339 2.58 -35.28 15.36
CA TYR A 1339 1.87 -35.19 16.63
C TYR A 1339 2.75 -35.66 17.78
N TRP A 1340 3.43 -36.78 17.59
CA TRP A 1340 4.26 -37.32 18.66
C TRP A 1340 5.50 -36.46 18.89
N ILE A 1341 6.03 -35.83 17.84
CA ILE A 1341 7.15 -34.91 18.06
C ILE A 1341 6.71 -33.74 18.94
N ASN A 1342 5.55 -33.15 18.63
CA ASN A 1342 5.06 -32.07 19.48
C ASN A 1342 4.82 -32.56 20.90
N SER A 1343 4.26 -33.75 21.06
CA SER A 1343 4.02 -34.29 22.40
C SER A 1343 5.33 -34.45 23.17
N ILE A 1344 6.36 -34.98 22.50
CA ILE A 1344 7.64 -35.16 23.17
C ILE A 1344 8.24 -33.83 23.55
N PHE A 1345 8.03 -32.80 22.72
CA PHE A 1345 8.57 -31.49 23.09
C PHE A 1345 7.82 -30.89 24.27
N VAL A 1346 6.49 -31.11 24.34
CA VAL A 1346 5.76 -30.70 25.53
C VAL A 1346 6.32 -31.41 26.75
N MET A 1347 6.56 -32.71 26.62
CA MET A 1347 7.12 -33.50 27.71
C MET A 1347 8.45 -32.94 28.17
N LEU A 1348 9.33 -32.62 27.22
CA LEU A 1348 10.69 -32.20 27.53
C LEU A 1348 10.69 -30.80 28.14
N TYR A 1349 9.85 -29.90 27.65
CA TYR A 1349 9.73 -28.58 28.28
C TYR A 1349 9.15 -28.70 29.68
N THR A 1350 8.20 -29.62 29.89
CA THR A 1350 7.67 -29.82 31.23
C THR A 1350 8.76 -30.31 32.17
N MET A 1351 9.60 -31.23 31.69
CA MET A 1351 10.73 -31.68 32.51
C MET A 1351 11.66 -30.52 32.84
N GLU A 1352 11.96 -29.67 31.85
CA GLU A 1352 12.75 -28.47 32.11
C GLU A 1352 12.13 -27.65 33.23
N CYS A 1353 10.84 -27.35 33.12
CA CYS A 1353 10.19 -26.48 34.07
C CYS A 1353 10.22 -27.08 35.47
N ILE A 1354 9.94 -28.38 35.57
CA ILE A 1354 9.93 -29.02 36.88
C ILE A 1354 11.32 -29.01 37.50
N LEU A 1355 12.34 -29.32 36.70
CA LEU A 1355 13.69 -29.34 37.24
C LEU A 1355 14.10 -27.94 37.71
N LYS A 1356 13.75 -26.90 36.94
CA LYS A 1356 14.02 -25.54 37.36
C LYS A 1356 13.30 -25.22 38.66
N LEU A 1357 12.02 -25.59 38.74
CA LEU A 1357 11.26 -25.35 39.96
C LEU A 1357 11.93 -26.00 41.15
N ILE A 1358 12.49 -27.19 40.96
CA ILE A 1358 13.25 -27.81 42.05
C ILE A 1358 14.46 -26.95 42.37
N ALA A 1359 15.17 -26.47 41.35
CA ALA A 1359 16.45 -25.81 41.59
C ALA A 1359 16.29 -24.53 42.39
N PHE A 1360 15.41 -23.63 41.96
CA PHE A 1360 15.25 -22.34 42.63
C PHE A 1360 14.11 -22.46 43.64
N ARG A 1361 14.45 -22.32 44.92
CA ARG A 1361 13.45 -22.52 45.95
C ARG A 1361 12.46 -21.37 45.94
N CYS A 1362 11.58 -21.36 44.94
CA CYS A 1362 10.48 -20.40 44.77
C CYS A 1362 10.94 -19.05 44.27
N PHE A 1363 12.15 -18.98 43.72
CA PHE A 1363 12.56 -17.71 43.07
C PHE A 1363 12.22 -17.85 41.58
N TYR A 1364 11.72 -19.02 41.19
CA TYR A 1364 11.39 -19.25 39.79
C TYR A 1364 10.43 -18.20 39.25
N PHE A 1365 9.55 -17.69 40.09
CA PHE A 1365 8.52 -16.75 39.65
C PHE A 1365 8.98 -15.31 39.70
N THR A 1366 10.21 -15.05 40.12
CA THR A 1366 10.72 -13.69 40.17
C THR A 1366 11.12 -13.18 38.79
N ILE A 1367 11.60 -14.05 37.92
CA ILE A 1367 12.08 -13.66 36.60
C ILE A 1367 10.93 -13.67 35.62
N ALA A 1368 10.75 -12.57 34.90
CA ALA A 1368 9.60 -12.45 34.00
C ALA A 1368 9.62 -13.53 32.93
N TRP A 1369 10.79 -13.81 32.36
CA TRP A 1369 10.86 -14.81 31.31
C TRP A 1369 10.46 -16.19 31.82
N ASN A 1370 10.76 -16.49 33.08
CA ASN A 1370 10.34 -17.76 33.65
C ASN A 1370 8.83 -17.88 33.69
N ILE A 1371 8.14 -16.77 33.96
CA ILE A 1371 6.69 -16.77 33.91
C ILE A 1371 6.20 -17.08 32.50
N PHE A 1372 6.87 -16.53 31.49
CA PHE A 1372 6.52 -16.84 30.11
C PHE A 1372 6.68 -18.32 29.82
N ASP A 1373 7.81 -18.90 30.22
CA ASP A 1373 8.02 -20.33 30.00
C ASP A 1373 6.99 -21.17 30.75
N PHE A 1374 6.68 -20.78 31.98
CA PHE A 1374 5.70 -21.50 32.79
C PHE A 1374 4.33 -21.49 32.12
N MET A 1375 3.90 -20.32 31.65
CA MET A 1375 2.62 -20.22 30.95
C MET A 1375 2.64 -21.04 29.66
N VAL A 1376 3.77 -21.05 28.95
CA VAL A 1376 3.87 -21.86 27.76
C VAL A 1376 3.64 -23.33 28.10
N VAL A 1377 4.32 -23.80 29.15
CA VAL A 1377 4.19 -25.21 29.54
C VAL A 1377 2.74 -25.53 29.89
N ILE A 1378 2.11 -24.65 30.68
CA ILE A 1378 0.76 -24.93 31.16
C ILE A 1378 -0.22 -24.96 30.01
N PHE A 1379 -0.15 -23.96 29.12
CA PHE A 1379 -1.08 -23.92 28.00
C PHE A 1379 -0.84 -25.09 27.05
N SER A 1380 0.42 -25.47 26.85
CA SER A 1380 0.73 -26.58 25.97
C SER A 1380 0.17 -27.88 26.53
N ILE A 1381 0.36 -28.12 27.84
CA ILE A 1381 -0.20 -29.32 28.45
C ILE A 1381 -1.72 -29.30 28.36
N THR A 1382 -2.34 -28.16 28.66
CA THR A 1382 -3.77 -28.01 28.51
C THR A 1382 -4.23 -28.46 27.12
N GLY A 1383 -3.75 -27.76 26.09
CA GLY A 1383 -4.23 -28.02 24.75
C GLY A 1383 -3.91 -29.43 24.27
N LEU A 1384 -2.76 -29.96 24.68
CA LEU A 1384 -2.36 -31.28 24.19
C LEU A 1384 -3.31 -32.36 24.67
N CYS A 1385 -3.71 -32.32 25.94
CA CYS A 1385 -4.60 -33.32 26.51
C CYS A 1385 -5.93 -32.74 26.99
N LEU A 1386 -6.27 -31.53 26.57
CA LEU A 1386 -7.65 -31.05 26.76
C LEU A 1386 -8.65 -31.93 26.03
N PRO A 1387 -8.43 -32.31 24.78
CA PRO A 1387 -9.35 -33.23 24.11
C PRO A 1387 -9.13 -34.70 24.46
N MET A 1388 -8.29 -34.99 25.45
CA MET A 1388 -8.15 -36.36 25.92
C MET A 1388 -9.44 -36.87 26.55
N THR A 1389 -9.98 -36.10 27.49
CA THR A 1389 -11.18 -36.50 28.22
C THR A 1389 -12.32 -35.51 28.06
N VAL A 1390 -12.05 -34.21 28.22
CA VAL A 1390 -13.12 -33.23 28.19
C VAL A 1390 -13.78 -33.19 26.82
N GLY A 1391 -13.01 -33.41 25.76
CA GLY A 1391 -13.58 -33.45 24.43
C GLY A 1391 -14.27 -32.15 24.08
N SER A 1392 -13.60 -31.03 24.30
CA SER A 1392 -14.22 -29.71 24.17
C SER A 1392 -14.70 -29.50 22.74
N TYR A 1393 -15.35 -28.35 22.48
CA TYR A 1393 -15.83 -28.06 21.13
C TYR A 1393 -14.81 -28.48 20.10
N LEU A 1394 -13.57 -28.04 20.28
CA LEU A 1394 -12.40 -28.63 19.62
C LEU A 1394 -11.18 -27.86 20.08
N VAL A 1395 -10.03 -28.51 19.93
CA VAL A 1395 -8.73 -27.85 20.06
C VAL A 1395 -8.13 -27.79 18.66
N PRO A 1396 -7.89 -26.61 18.10
CA PRO A 1396 -7.36 -26.54 16.73
C PRO A 1396 -6.08 -27.35 16.62
N PRO A 1397 -5.92 -28.12 15.54
CA PRO A 1397 -4.76 -29.04 15.47
C PRO A 1397 -3.42 -28.34 15.58
N SER A 1398 -3.34 -27.07 15.17
CA SER A 1398 -2.09 -26.34 15.17
C SER A 1398 -1.91 -25.45 16.39
N LEU A 1399 -2.83 -25.52 17.36
CA LEU A 1399 -2.73 -24.63 18.51
C LEU A 1399 -1.54 -24.99 19.39
N VAL A 1400 -1.36 -26.27 19.69
CA VAL A 1400 -0.22 -26.69 20.50
C VAL A 1400 1.08 -26.42 19.76
N GLN A 1401 1.11 -26.71 18.46
CA GLN A 1401 2.28 -26.44 17.65
C GLN A 1401 2.66 -24.97 17.72
N LEU A 1402 1.68 -24.08 17.59
CA LEU A 1402 1.96 -22.65 17.64
C LEU A 1402 2.37 -22.22 19.04
N ILE A 1403 1.76 -22.79 20.08
CA ILE A 1403 2.11 -22.43 21.44
C ILE A 1403 3.56 -22.76 21.72
N LEU A 1404 4.02 -23.91 21.24
CA LEU A 1404 5.40 -24.31 21.48
C LEU A 1404 6.38 -23.39 20.75
N LEU A 1405 5.97 -22.82 19.62
CA LEU A 1405 6.90 -22.03 18.81
C LEU A 1405 7.28 -20.73 19.49
N SER A 1406 6.42 -20.19 20.34
CA SER A 1406 6.69 -18.88 20.94
C SER A 1406 8.01 -18.87 21.69
N ARG A 1407 8.43 -20.02 22.22
CA ARG A 1407 9.66 -20.05 22.99
C ARG A 1407 10.87 -19.63 22.16
N ILE A 1408 10.76 -19.67 20.83
CA ILE A 1408 11.87 -19.28 19.98
C ILE A 1408 12.15 -17.79 20.08
N ILE A 1409 11.22 -17.02 20.67
CA ILE A 1409 11.49 -15.64 21.02
C ILE A 1409 12.70 -15.53 21.94
N HIS A 1410 13.13 -16.66 22.51
CA HIS A 1410 14.32 -16.65 23.34
C HIS A 1410 15.59 -16.39 22.55
N MET A 1411 15.55 -16.55 21.23
CA MET A 1411 16.75 -16.35 20.42
C MET A 1411 17.13 -14.89 20.30
N LEU A 1412 16.25 -13.97 20.69
CA LEU A 1412 16.53 -12.55 20.64
C LEU A 1412 17.03 -12.00 21.96
N ARG A 1413 17.42 -12.88 22.88
CA ARG A 1413 17.92 -12.50 24.20
C ARG A 1413 19.43 -12.43 24.18
N LEU A 1414 20.00 -11.57 25.03
CA LEU A 1414 21.42 -11.28 24.96
C LEU A 1414 22.27 -12.52 25.19
N GLY A 1415 21.95 -13.30 26.23
CA GLY A 1415 22.80 -14.41 26.59
C GLY A 1415 22.45 -15.72 25.91
N LYS A 1416 21.23 -15.83 25.39
CA LYS A 1416 20.68 -17.11 24.94
C LYS A 1416 20.52 -17.17 23.43
N GLY A 1417 21.27 -16.37 22.69
CA GLY A 1417 21.15 -16.34 21.25
C GLY A 1417 22.34 -15.66 20.62
N PRO A 1418 22.38 -15.60 19.29
CA PRO A 1418 23.49 -14.94 18.62
C PRO A 1418 23.56 -13.49 19.05
N LYS A 1419 24.79 -13.00 19.24
CA LYS A 1419 24.92 -11.65 19.76
C LYS A 1419 24.42 -10.60 18.79
N VAL A 1420 24.40 -10.92 17.49
CA VAL A 1420 23.96 -9.94 16.51
C VAL A 1420 22.47 -9.65 16.66
N PHE A 1421 21.68 -10.66 16.98
CA PHE A 1421 20.24 -10.48 17.01
C PHE A 1421 19.84 -9.44 18.05
N HIS A 1422 20.47 -9.47 19.23
CA HIS A 1422 20.24 -8.43 20.22
C HIS A 1422 20.63 -7.05 19.69
N ASN A 1423 21.78 -6.96 19.04
CA ASN A 1423 22.23 -5.68 18.52
C ASN A 1423 21.26 -5.13 17.50
N LEU A 1424 20.73 -6.00 16.63
CA LEU A 1424 19.82 -5.58 15.59
C LEU A 1424 18.41 -5.36 16.11
N MET A 1425 18.11 -5.80 17.33
CA MET A 1425 16.85 -5.43 17.96
C MET A 1425 16.96 -4.15 18.76
N LEU A 1426 18.15 -3.73 19.15
CA LEU A 1426 18.29 -2.56 19.99
C LEU A 1426 17.56 -1.33 19.46
N PRO A 1427 17.66 -0.96 18.18
CA PRO A 1427 16.98 0.28 17.74
C PRO A 1427 15.49 0.29 18.02
N LEU A 1428 14.79 -0.83 17.82
CA LEU A 1428 13.35 -0.84 18.07
C LEU A 1428 13.06 -0.60 19.55
N MET A 1429 13.81 -1.25 20.44
CA MET A 1429 13.51 -1.12 21.86
C MET A 1429 13.99 0.20 22.41
N LEU A 1430 14.86 0.91 21.70
CA LEU A 1430 15.23 2.26 22.12
C LEU A 1430 14.34 3.33 21.53
N SER A 1431 13.70 3.08 20.39
CA SER A 1431 12.80 4.04 19.79
C SER A 1431 11.35 3.72 20.07
N LEU A 1432 11.08 2.72 20.90
CA LEU A 1432 9.71 2.35 21.22
C LEU A 1432 8.84 3.51 21.69
N PRO A 1433 9.31 4.42 22.55
CA PRO A 1433 8.43 5.55 22.94
C PRO A 1433 8.01 6.43 21.79
N ALA A 1434 8.97 6.90 20.99
CA ALA A 1434 8.65 7.77 19.86
C ALA A 1434 7.76 7.05 18.85
N LEU A 1435 8.03 5.76 18.62
CA LEU A 1435 7.19 4.99 17.73
C LEU A 1435 5.77 4.90 18.27
N LEU A 1436 5.62 4.73 19.58
CA LEU A 1436 4.28 4.69 20.17
C LEU A 1436 3.54 5.99 19.93
N ASN A 1437 4.21 7.12 20.15
CA ASN A 1437 3.56 8.41 19.94
C ASN A 1437 3.14 8.57 18.49
N ILE A 1438 4.05 8.30 17.55
CA ILE A 1438 3.74 8.50 16.14
C ILE A 1438 2.63 7.55 15.70
N ILE A 1439 2.65 6.32 16.19
CA ILE A 1439 1.62 5.36 15.83
C ILE A 1439 0.27 5.81 16.36
N LEU A 1440 0.23 6.37 17.57
CA LEU A 1440 -1.02 6.89 18.09
C LEU A 1440 -1.54 8.03 17.22
N LEU A 1441 -0.66 8.93 16.78
CA LEU A 1441 -1.12 10.01 15.89
C LEU A 1441 -1.63 9.46 14.57
N ILE A 1442 -0.93 8.46 14.01
CA ILE A 1442 -1.37 7.86 12.76
C ILE A 1442 -2.75 7.24 12.94
N PHE A 1443 -2.96 6.56 14.06
CA PHE A 1443 -4.27 5.96 14.33
C PHE A 1443 -5.34 7.03 14.43
N LEU A 1444 -5.02 8.16 15.06
CA LEU A 1444 -6.00 9.24 15.16
C LEU A 1444 -6.41 9.76 13.80
N VAL A 1445 -5.43 10.02 12.92
CA VAL A 1445 -5.75 10.53 11.59
C VAL A 1445 -6.55 9.51 10.80
N MET A 1446 -6.14 8.23 10.88
CA MET A 1446 -6.90 7.17 10.24
C MET A 1446 -8.33 7.11 10.77
N PHE A 1447 -8.51 7.37 12.06
CA PHE A 1447 -9.85 7.35 12.66
C PHE A 1447 -10.72 8.46 12.07
N ILE A 1448 -10.18 9.67 12.00
CA ILE A 1448 -10.93 10.78 11.42
C ILE A 1448 -11.35 10.44 9.99
N TYR A 1449 -10.38 9.97 9.18
CA TYR A 1449 -10.69 9.68 7.79
C TYR A 1449 -11.65 8.50 7.67
N ALA A 1450 -11.57 7.53 8.58
CA ALA A 1450 -12.48 6.40 8.54
C ALA A 1450 -13.90 6.85 8.80
N VAL A 1451 -14.09 7.72 9.79
CA VAL A 1451 -15.44 8.19 10.08
C VAL A 1451 -15.99 8.99 8.90
N PHE A 1452 -15.17 9.88 8.33
CA PHE A 1452 -15.60 10.65 7.18
C PHE A 1452 -15.94 9.75 6.00
N GLY A 1453 -15.12 8.73 5.75
CA GLY A 1453 -15.41 7.80 4.67
C GLY A 1453 -16.65 6.96 4.93
N MET A 1454 -16.87 6.57 6.18
CA MET A 1454 -18.12 5.89 6.51
C MET A 1454 -19.30 6.75 6.12
N TYR A 1455 -19.23 8.04 6.43
CA TYR A 1455 -20.33 8.93 6.06
C TYR A 1455 -20.49 9.02 4.55
N ASN A 1456 -19.39 9.13 3.81
CA ASN A 1456 -19.46 9.42 2.39
C ASN A 1456 -19.67 8.19 1.52
N PHE A 1457 -18.76 7.23 1.60
CA PHE A 1457 -18.61 6.18 0.59
C PHE A 1457 -19.24 4.86 0.99
N ALA A 1458 -20.02 4.81 2.05
CA ALA A 1458 -20.93 3.69 2.20
C ALA A 1458 -22.04 3.82 1.19
N TYR A 1459 -22.72 2.72 0.90
CA TYR A 1459 -23.81 2.68 -0.07
C TYR A 1459 -23.31 2.86 -1.49
N VAL A 1460 -22.03 3.12 -1.70
CA VAL A 1460 -21.48 3.14 -3.05
C VAL A 1460 -21.43 1.72 -3.59
N LYS A 1461 -21.87 1.55 -4.84
CA LYS A 1461 -21.97 0.21 -5.39
C LYS A 1461 -20.62 -0.48 -5.36
N LYS A 1462 -20.64 -1.80 -5.19
CA LYS A 1462 -19.43 -2.57 -5.02
C LYS A 1462 -18.82 -2.86 -6.38
N GLU A 1463 -17.61 -2.35 -6.60
CA GLU A 1463 -16.92 -2.46 -7.88
C GLU A 1463 -15.46 -2.74 -7.55
N ALA A 1464 -14.55 -2.41 -8.45
CA ALA A 1464 -13.20 -2.94 -8.43
C ALA A 1464 -12.60 -3.02 -7.04
N GLY A 1465 -12.46 -1.89 -6.36
CA GLY A 1465 -11.75 -1.86 -5.10
C GLY A 1465 -12.64 -2.00 -3.89
N ILE A 1466 -13.95 -1.89 -4.10
CA ILE A 1466 -14.94 -2.05 -3.05
C ILE A 1466 -15.50 -3.45 -3.16
N ASN A 1467 -15.36 -4.24 -2.10
CA ASN A 1467 -15.84 -5.62 -2.11
C ASN A 1467 -16.29 -5.96 -0.69
N ASP A 1468 -16.41 -7.26 -0.42
CA ASP A 1468 -17.00 -7.70 0.84
C ASP A 1468 -16.16 -7.29 2.04
N VAL A 1469 -14.84 -7.33 1.90
CA VAL A 1469 -13.96 -7.19 3.04
C VAL A 1469 -13.40 -5.78 3.17
N SER A 1470 -13.11 -5.13 2.05
CA SER A 1470 -12.58 -3.77 2.04
C SER A 1470 -13.65 -2.86 1.45
N ASN A 1471 -14.27 -2.07 2.32
CA ASN A 1471 -15.31 -1.12 1.96
C ASN A 1471 -15.47 -0.17 3.13
N PHE A 1472 -16.39 0.77 3.01
CA PHE A 1472 -16.62 1.79 4.03
C PHE A 1472 -17.96 1.59 4.72
N GLU A 1473 -18.31 0.33 4.97
CA GLU A 1473 -19.60 -0.03 5.54
C GLU A 1473 -19.59 0.00 7.06
N THR A 1474 -18.49 -0.40 7.70
CA THR A 1474 -18.38 -0.32 9.15
C THR A 1474 -17.06 0.36 9.50
N PHE A 1475 -16.74 0.40 10.79
CA PHE A 1475 -15.48 1.02 11.19
C PHE A 1475 -14.30 0.13 10.85
N GLY A 1476 -14.43 -1.18 11.08
CA GLY A 1476 -13.35 -2.09 10.78
C GLY A 1476 -13.07 -2.17 9.29
N ASN A 1477 -14.11 -2.22 8.47
CA ASN A 1477 -13.91 -2.25 7.03
C ASN A 1477 -13.21 -0.97 6.55
N SER A 1478 -13.65 0.18 7.06
CA SER A 1478 -13.05 1.43 6.63
C SER A 1478 -11.61 1.52 7.08
N MET A 1479 -11.31 1.03 8.28
CA MET A 1479 -9.93 1.06 8.74
C MET A 1479 -9.06 0.11 7.92
N LEU A 1480 -9.62 -1.01 7.48
CA LEU A 1480 -8.89 -1.89 6.58
C LEU A 1480 -8.58 -1.19 5.27
N CYS A 1481 -9.58 -0.49 4.71
CA CYS A 1481 -9.35 0.26 3.48
C CYS A 1481 -8.28 1.32 3.67
N LEU A 1482 -8.30 2.03 4.79
CA LEU A 1482 -7.31 3.09 4.99
C LEU A 1482 -5.92 2.52 5.17
N PHE A 1483 -5.79 1.42 5.91
CA PHE A 1483 -4.48 0.76 6.02
C PHE A 1483 -3.99 0.33 4.65
N GLN A 1484 -4.88 -0.25 3.85
CA GLN A 1484 -4.53 -0.67 2.50
C GLN A 1484 -4.06 0.52 1.67
N VAL A 1485 -4.69 1.68 1.85
CA VAL A 1485 -4.29 2.88 1.12
C VAL A 1485 -2.93 3.37 1.60
N ALA A 1486 -2.65 3.27 2.90
CA ALA A 1486 -1.42 3.85 3.43
C ALA A 1486 -0.19 3.15 2.88
N ILE A 1487 -0.30 1.88 2.51
CA ILE A 1487 0.82 1.14 1.94
C ILE A 1487 0.74 1.10 0.42
N PHE A 1488 -0.17 1.85 -0.18
CA PHE A 1488 -0.33 1.90 -1.62
C PHE A 1488 -0.75 0.55 -2.18
N ALA A 1489 -1.54 -0.19 -1.42
CA ALA A 1489 -1.99 -1.51 -1.82
C ALA A 1489 -3.33 -1.45 -2.56
N GLY A 1490 -3.43 -0.59 -3.56
CA GLY A 1490 -4.59 -0.61 -4.43
C GLY A 1490 -5.65 0.43 -4.11
N TRP A 1491 -5.24 1.66 -3.86
CA TRP A 1491 -6.20 2.75 -3.70
C TRP A 1491 -6.83 3.17 -5.02
N ASP A 1492 -6.31 2.70 -6.15
CA ASP A 1492 -6.89 3.07 -7.44
C ASP A 1492 -8.20 2.34 -7.70
N GLY A 1493 -8.35 1.13 -7.18
CA GLY A 1493 -9.64 0.45 -7.30
C GLY A 1493 -10.72 1.11 -6.47
N MET A 1494 -10.36 1.59 -5.30
CA MET A 1494 -11.31 2.32 -4.45
C MET A 1494 -11.86 3.53 -5.17
N LEU A 1495 -10.97 4.39 -5.67
CA LEU A 1495 -11.38 5.58 -6.39
C LEU A 1495 -12.10 5.22 -7.68
N ASP A 1496 -11.65 4.18 -8.37
CA ASP A 1496 -12.32 3.74 -9.58
C ASP A 1496 -13.77 3.37 -9.29
N ALA A 1497 -14.02 2.73 -8.15
CA ALA A 1497 -15.40 2.44 -7.75
C ALA A 1497 -16.16 3.72 -7.40
N ILE A 1498 -15.50 4.63 -6.68
CA ILE A 1498 -16.18 5.86 -6.27
C ILE A 1498 -16.56 6.71 -7.48
N PHE A 1499 -15.82 6.57 -8.58
CA PHE A 1499 -16.09 7.30 -9.81
C PHE A 1499 -17.22 6.70 -10.62
N ASN A 1500 -18.03 5.81 -10.03
CA ASN A 1500 -19.09 5.15 -10.79
C ASN A 1500 -20.00 6.17 -11.46
N SER A 1501 -20.20 7.33 -10.82
CA SER A 1501 -21.05 8.35 -11.41
C SER A 1501 -20.46 8.85 -12.73
N LYS A 1502 -19.15 9.06 -12.78
CA LYS A 1502 -18.50 9.43 -14.04
C LYS A 1502 -18.82 8.41 -15.12
N TRP A 1503 -18.91 7.14 -14.75
CA TRP A 1503 -19.10 6.03 -15.66
C TRP A 1503 -20.58 5.77 -15.98
N SER A 1504 -21.49 6.50 -15.35
CA SER A 1504 -22.93 6.37 -15.60
C SER A 1504 -23.42 4.96 -15.25
N ASP A 1505 -23.00 4.47 -14.08
CA ASP A 1505 -23.53 3.22 -13.55
C ASP A 1505 -23.80 3.41 -12.06
N CYS A 1506 -24.99 3.92 -11.75
CA CYS A 1506 -25.46 4.07 -10.38
C CYS A 1506 -26.89 4.57 -10.41
N ASP A 1507 -27.66 4.20 -9.40
CA ASP A 1507 -29.06 4.61 -9.29
C ASP A 1507 -29.18 5.62 -8.17
N PRO A 1508 -29.36 6.92 -8.47
CA PRO A 1508 -29.41 7.91 -7.39
C PRO A 1508 -30.67 7.86 -6.53
N ASP A 1509 -31.52 6.86 -6.70
CA ASP A 1509 -32.76 6.77 -5.95
C ASP A 1509 -33.06 5.39 -5.39
N LYS A 1510 -32.15 4.43 -5.55
CA LYS A 1510 -32.44 3.08 -5.07
C LYS A 1510 -32.58 3.08 -3.56
N ILE A 1511 -33.58 2.34 -3.08
CA ILE A 1511 -33.78 2.17 -1.65
C ILE A 1511 -32.73 1.21 -1.13
N ASN A 1512 -32.06 1.59 -0.05
CA ASN A 1512 -31.14 0.69 0.63
C ASN A 1512 -31.88 0.15 1.85
N PRO A 1513 -32.30 -1.11 1.86
CA PRO A 1513 -33.13 -1.59 2.96
C PRO A 1513 -32.45 -1.40 4.31
N GLY A 1514 -33.23 -0.95 5.29
CA GLY A 1514 -32.70 -0.81 6.63
C GLY A 1514 -31.90 0.44 6.87
N THR A 1515 -32.14 1.50 6.10
CA THR A 1515 -31.43 2.74 6.32
C THR A 1515 -32.15 3.85 5.55
N GLN A 1516 -32.14 5.05 6.14
CA GLN A 1516 -32.84 6.18 5.54
C GLN A 1516 -32.05 6.84 4.43
N VAL A 1517 -30.80 6.42 4.21
CA VAL A 1517 -29.98 7.00 3.15
C VAL A 1517 -30.38 6.40 1.82
N ARG A 1518 -30.64 7.25 0.84
CA ARG A 1518 -31.05 6.83 -0.49
C ARG A 1518 -29.94 7.13 -1.48
N GLY A 1519 -29.79 6.24 -2.47
CA GLY A 1519 -28.83 6.42 -3.53
C GLY A 1519 -27.79 5.32 -3.56
N ASP A 1520 -26.97 5.37 -4.62
CA ASP A 1520 -25.97 4.34 -4.85
C ASP A 1520 -24.67 4.93 -5.39
N CYS A 1521 -24.53 6.25 -5.43
CA CYS A 1521 -23.48 6.91 -6.19
C CYS A 1521 -22.46 7.54 -5.25
N GLY A 1522 -21.36 8.01 -5.84
CA GLY A 1522 -20.33 8.69 -5.11
C GLY A 1522 -20.02 10.04 -5.73
N ASN A 1523 -19.28 10.85 -4.98
CA ASN A 1523 -18.92 12.19 -5.43
C ASN A 1523 -17.45 12.20 -5.85
N PRO A 1524 -17.14 12.23 -7.14
CA PRO A 1524 -15.73 12.15 -7.54
C PRO A 1524 -14.86 13.25 -6.96
N SER A 1525 -15.41 14.46 -6.81
CA SER A 1525 -14.62 15.55 -6.23
C SER A 1525 -14.23 15.22 -4.81
N VAL A 1526 -15.20 14.78 -4.01
CA VAL A 1526 -14.92 14.37 -2.64
C VAL A 1526 -13.95 13.21 -2.63
N GLY A 1527 -14.10 12.28 -3.57
CA GLY A 1527 -13.18 11.14 -3.62
C GLY A 1527 -11.75 11.58 -3.87
N ILE A 1528 -11.55 12.45 -4.85
CA ILE A 1528 -10.21 12.92 -5.17
C ILE A 1528 -9.60 13.63 -3.95
N PHE A 1529 -10.35 14.57 -3.38
CA PHE A 1529 -9.82 15.29 -2.22
C PHE A 1529 -9.47 14.31 -1.11
N TYR A 1530 -10.41 13.42 -0.77
CA TYR A 1530 -10.20 12.39 0.24
C TYR A 1530 -8.88 11.69 0.06
N PHE A 1531 -8.71 11.03 -1.10
CA PHE A 1531 -7.57 10.15 -1.26
C PHE A 1531 -6.27 10.92 -1.37
N VAL A 1532 -6.25 12.03 -2.10
CA VAL A 1532 -5.01 12.80 -2.23
C VAL A 1532 -4.56 13.31 -0.87
N SER A 1533 -5.48 13.89 -0.11
CA SER A 1533 -5.14 14.40 1.21
C SER A 1533 -4.63 13.30 2.13
N TYR A 1534 -5.31 12.16 2.15
CA TYR A 1534 -4.87 11.08 3.02
C TYR A 1534 -3.50 10.57 2.60
N ILE A 1535 -3.28 10.39 1.30
CA ILE A 1535 -1.98 9.92 0.82
C ILE A 1535 -0.88 10.86 1.29
N LEU A 1536 -1.07 12.16 1.12
CA LEU A 1536 -0.03 13.11 1.50
C LEU A 1536 0.24 13.06 3.00
N ILE A 1537 -0.82 13.09 3.82
CA ILE A 1537 -0.62 13.16 5.27
C ILE A 1537 0.03 11.87 5.77
N SER A 1538 -0.50 10.73 5.35
CA SER A 1538 0.07 9.46 5.79
C SER A 1538 1.51 9.32 5.35
N TRP A 1539 1.82 9.74 4.12
CA TRP A 1539 3.20 9.67 3.64
C TRP A 1539 4.12 10.50 4.52
N LEU A 1540 3.73 11.71 4.88
CA LEU A 1540 4.60 12.56 5.71
C LEU A 1540 4.86 11.91 7.06
N ILE A 1541 3.81 11.42 7.72
CA ILE A 1541 3.99 10.85 9.05
C ILE A 1541 4.84 9.57 8.96
N ILE A 1542 4.57 8.72 7.98
CA ILE A 1542 5.31 7.46 7.87
C ILE A 1542 6.77 7.72 7.57
N VAL A 1543 7.05 8.70 6.72
CA VAL A 1543 8.44 9.05 6.45
C VAL A 1543 9.14 9.48 7.72
N ASN A 1544 8.45 10.25 8.56
CA ASN A 1544 9.07 10.65 9.83
C ASN A 1544 9.32 9.43 10.73
N MET A 1545 8.41 8.46 10.70
CA MET A 1545 8.64 7.19 11.41
C MET A 1545 9.95 6.55 10.97
N TYR A 1546 10.14 6.42 9.66
CA TYR A 1546 11.36 5.84 9.11
C TYR A 1546 12.58 6.62 9.57
N ILE A 1547 12.51 7.95 9.49
CA ILE A 1547 13.66 8.77 9.90
C ILE A 1547 14.00 8.49 11.35
N VAL A 1548 12.99 8.40 12.21
CA VAL A 1548 13.25 8.19 13.63
C VAL A 1548 13.98 6.88 13.85
N VAL A 1549 13.47 5.80 13.27
CA VAL A 1549 14.11 4.50 13.52
C VAL A 1549 15.53 4.48 12.96
N VAL A 1550 15.72 5.01 11.75
CA VAL A 1550 17.03 4.93 11.12
C VAL A 1550 18.04 5.80 11.87
N MET A 1551 17.62 6.98 12.33
CA MET A 1551 18.52 7.81 13.10
C MET A 1551 18.89 7.15 14.41
N GLU A 1552 17.94 6.47 15.06
CA GLU A 1552 18.28 5.73 16.26
C GLU A 1552 19.32 4.66 15.97
N PHE A 1553 19.14 3.92 14.87
CA PHE A 1553 20.10 2.88 14.52
C PHE A 1553 21.48 3.49 14.31
N LEU A 1554 21.55 4.59 13.58
CA LEU A 1554 22.85 5.23 13.33
C LEU A 1554 23.49 5.66 14.63
N ASN A 1555 22.69 6.23 15.54
CA ASN A 1555 23.23 6.66 16.82
C ASN A 1555 23.82 5.49 17.60
N ILE A 1556 23.09 4.37 17.65
CA ILE A 1556 23.59 3.21 18.38
C ILE A 1556 24.87 2.70 17.74
N ALA A 1557 24.88 2.59 16.41
CA ALA A 1557 26.07 2.08 15.72
C ALA A 1557 27.26 3.01 15.88
N SER A 1558 27.02 4.31 16.07
CA SER A 1558 28.11 5.25 16.15
C SER A 1558 29.04 5.00 17.34
N LYS A 1559 28.59 4.19 18.30
CA LYS A 1559 29.43 3.86 19.45
C LYS A 1559 30.34 2.67 19.14
N VAL B 25 -26.82 -2.06 -0.40
CA VAL B 25 -26.58 -2.37 1.00
C VAL B 25 -27.88 -2.83 1.64
N CYS B 26 -27.82 -3.94 2.36
CA CYS B 26 -28.97 -4.49 3.07
C CYS B 26 -28.62 -4.73 4.52
N VAL B 27 -29.50 -4.26 5.41
CA VAL B 27 -29.44 -4.58 6.82
C VAL B 27 -30.86 -4.95 7.24
N GLU B 28 -31.02 -6.17 7.76
CA GLU B 28 -32.33 -6.63 8.19
C GLU B 28 -32.70 -6.00 9.52
N VAL B 29 -33.90 -5.45 9.60
CA VAL B 29 -34.35 -4.79 10.82
C VAL B 29 -35.85 -5.03 10.98
N PRO B 30 -36.33 -5.46 12.15
CA PRO B 30 -37.75 -5.75 12.30
C PRO B 30 -38.59 -4.49 12.27
N SER B 31 -39.87 -4.67 11.96
CA SER B 31 -40.80 -3.56 11.86
C SER B 31 -41.35 -3.17 13.23
N GLU B 32 -41.78 -1.92 13.33
CA GLU B 32 -42.48 -1.49 14.53
C GLU B 32 -43.81 -2.22 14.65
N THR B 33 -44.12 -2.66 15.87
CA THR B 33 -45.35 -3.40 16.13
C THR B 33 -46.47 -2.52 16.67
N GLU B 34 -46.26 -1.21 16.76
CA GLU B 34 -47.21 -0.30 17.40
C GLU B 34 -47.61 0.79 16.41
N ALA B 35 -48.90 1.06 16.33
CA ALA B 35 -49.44 2.10 15.47
C ALA B 35 -50.43 2.94 16.25
N VAL B 36 -50.63 4.16 15.78
CA VAL B 36 -51.51 5.14 16.42
C VAL B 36 -52.68 5.41 15.50
N GLN B 37 -53.89 5.31 16.04
CA GLN B 37 -55.11 5.59 15.27
C GLN B 37 -54.94 6.86 14.45
N GLY B 38 -55.50 6.85 13.25
CA GLY B 38 -55.57 8.02 12.41
C GLY B 38 -54.33 8.29 11.57
N ASN B 39 -53.28 7.50 11.68
CA ASN B 39 -52.05 7.67 10.94
C ASN B 39 -51.81 6.54 9.96
N PRO B 40 -50.81 6.67 9.10
CA PRO B 40 -50.36 5.53 8.30
C PRO B 40 -49.33 4.71 9.05
N MET B 41 -49.30 3.41 8.73
CA MET B 41 -48.39 2.47 9.37
C MET B 41 -47.57 1.76 8.29
N LYS B 42 -46.28 1.57 8.57
CA LYS B 42 -45.41 0.84 7.66
C LYS B 42 -45.09 -0.52 8.27
N LEU B 43 -45.56 -1.59 7.61
CA LEU B 43 -45.23 -2.95 8.02
C LEU B 43 -43.94 -3.34 7.31
N ARG B 44 -42.82 -2.96 7.91
CA ARG B 44 -41.52 -3.21 7.30
C ARG B 44 -41.26 -4.70 7.18
N CYS B 45 -40.54 -5.08 6.13
CA CYS B 45 -40.14 -6.46 5.92
C CYS B 45 -38.92 -6.46 5.01
N ILE B 46 -37.79 -6.90 5.53
CA ILE B 46 -36.54 -6.92 4.78
C ILE B 46 -36.06 -8.36 4.72
N SER B 47 -35.98 -8.91 3.51
CA SER B 47 -35.48 -10.26 3.27
C SER B 47 -34.51 -10.17 2.11
N CYS B 48 -33.21 -10.27 2.39
CA CYS B 48 -32.22 -10.03 1.36
C CYS B 48 -31.25 -11.19 1.23
N MET B 49 -30.66 -11.28 0.04
CA MET B 49 -29.86 -12.41 -0.39
C MET B 49 -28.50 -12.40 0.29
N LYS B 50 -27.91 -13.59 0.39
CA LYS B 50 -26.55 -13.71 0.92
C LYS B 50 -25.56 -12.98 0.02
N ARG B 51 -25.66 -13.21 -1.29
CA ARG B 51 -24.87 -12.50 -2.28
C ARG B 51 -25.77 -11.57 -3.06
N GLU B 52 -25.30 -10.35 -3.28
CA GLU B 52 -26.04 -9.33 -4.01
C GLU B 52 -25.60 -9.23 -5.47
N GLU B 53 -24.65 -10.04 -5.91
CA GLU B 53 -24.34 -10.13 -7.33
C GLU B 53 -25.39 -10.90 -8.10
N VAL B 54 -26.21 -11.67 -7.41
CA VAL B 54 -27.05 -12.69 -8.03
C VAL B 54 -28.42 -12.09 -8.32
N GLU B 55 -28.99 -12.49 -9.45
CA GLU B 55 -30.36 -12.13 -9.82
C GLU B 55 -31.29 -13.29 -9.47
N ALA B 56 -32.57 -12.96 -9.31
CA ALA B 56 -33.56 -13.94 -8.89
C ALA B 56 -34.93 -13.54 -9.40
N THR B 57 -35.87 -14.47 -9.26
CA THR B 57 -37.28 -14.23 -9.58
C THR B 57 -38.05 -14.33 -8.27
N THR B 58 -38.45 -13.17 -7.74
CA THR B 58 -39.00 -13.09 -6.39
C THR B 58 -40.51 -13.14 -6.42
N VAL B 59 -41.09 -13.94 -5.53
CA VAL B 59 -42.54 -14.00 -5.32
C VAL B 59 -42.80 -13.54 -3.89
N VAL B 60 -43.61 -12.51 -3.75
CA VAL B 60 -43.91 -11.89 -2.46
C VAL B 60 -45.39 -12.05 -2.17
N GLU B 61 -45.71 -12.29 -0.90
CA GLU B 61 -47.09 -12.45 -0.49
C GLU B 61 -47.24 -11.92 0.93
N TRP B 62 -48.30 -11.14 1.16
CA TRP B 62 -48.65 -10.61 2.46
C TRP B 62 -49.97 -11.21 2.91
N PHE B 63 -50.03 -11.65 4.15
CA PHE B 63 -51.26 -12.20 4.71
C PHE B 63 -51.60 -11.46 5.99
N TYR B 64 -52.89 -11.42 6.31
CA TYR B 64 -53.40 -10.76 7.49
C TYR B 64 -54.32 -11.71 8.25
N ARG B 65 -54.36 -11.57 9.56
CA ARG B 65 -55.16 -12.48 10.37
C ARG B 65 -55.80 -11.80 11.58
N PRO B 66 -57.11 -11.58 11.58
CA PRO B 66 -57.80 -11.26 12.83
C PRO B 66 -57.77 -12.44 13.79
N GLU B 67 -58.20 -12.19 15.02
CA GLU B 67 -58.20 -13.26 16.02
C GLU B 67 -59.05 -14.45 15.56
N GLY B 68 -60.09 -14.19 14.79
CA GLY B 68 -60.89 -15.23 14.18
C GLY B 68 -60.59 -15.48 12.73
N GLY B 69 -59.50 -14.92 12.19
CA GLY B 69 -59.19 -15.06 10.78
C GLY B 69 -58.45 -16.34 10.46
N LYS B 70 -58.24 -16.54 9.16
CA LYS B 70 -57.66 -17.78 8.65
C LYS B 70 -56.49 -17.50 7.72
N ASP B 71 -55.83 -16.35 7.88
CA ASP B 71 -54.62 -16.02 7.12
C ASP B 71 -54.90 -15.98 5.62
N PHE B 72 -55.68 -14.99 5.19
CA PHE B 72 -55.93 -14.76 3.77
C PHE B 72 -55.12 -13.56 3.28
N LEU B 73 -54.57 -13.69 2.07
CA LEU B 73 -53.60 -12.72 1.57
C LEU B 73 -54.28 -11.40 1.19
N ILE B 74 -53.47 -10.33 1.19
CA ILE B 74 -53.95 -8.98 0.92
C ILE B 74 -53.09 -8.29 -0.13
N TYR B 75 -52.05 -8.97 -0.59
CA TYR B 75 -51.11 -8.37 -1.54
C TYR B 75 -50.20 -9.46 -2.06
N GLU B 76 -49.62 -9.25 -3.23
CA GLU B 76 -48.65 -10.20 -3.74
C GLU B 76 -47.95 -9.63 -4.97
N TYR B 77 -46.67 -9.96 -5.12
CA TYR B 77 -45.89 -9.65 -6.30
C TYR B 77 -45.55 -10.95 -7.00
N ARG B 78 -46.03 -11.11 -8.23
CA ARG B 78 -45.69 -12.27 -9.04
C ARG B 78 -45.70 -11.82 -10.49
N ASN B 79 -44.52 -11.69 -11.09
CA ASN B 79 -44.40 -11.12 -12.42
C ASN B 79 -45.06 -9.75 -12.48
N GLY B 80 -44.82 -8.94 -11.46
CA GLY B 80 -45.41 -7.64 -11.33
C GLY B 80 -46.48 -7.61 -10.25
N HIS B 81 -46.77 -6.40 -9.78
CA HIS B 81 -47.81 -6.22 -8.78
C HIS B 81 -49.15 -6.67 -9.33
N GLN B 82 -49.86 -7.48 -8.56
CA GLN B 82 -51.18 -7.95 -8.93
C GLN B 82 -52.25 -7.23 -8.11
N GLU B 83 -53.49 -7.37 -8.57
CA GLU B 83 -54.65 -6.79 -7.90
C GLU B 83 -55.41 -7.91 -7.20
N VAL B 84 -55.59 -7.77 -5.89
CA VAL B 84 -56.09 -8.83 -5.03
C VAL B 84 -57.24 -8.26 -4.21
N GLU B 85 -58.47 -8.63 -4.56
CA GLU B 85 -59.62 -8.19 -3.79
C GLU B 85 -59.49 -8.66 -2.35
N SER B 86 -59.79 -7.77 -1.41
CA SER B 86 -59.79 -8.07 0.01
C SER B 86 -60.38 -6.90 0.79
N PRO B 87 -60.56 -7.03 2.09
CA PRO B 87 -60.99 -5.88 2.88
C PRO B 87 -60.03 -4.71 2.75
N PHE B 88 -58.79 -4.98 2.35
CA PHE B 88 -57.76 -3.96 2.28
C PHE B 88 -57.66 -3.29 0.92
N GLN B 89 -58.54 -3.64 -0.02
CA GLN B 89 -58.50 -3.01 -1.34
C GLN B 89 -58.63 -1.50 -1.21
N GLY B 90 -57.71 -0.79 -1.86
CA GLY B 90 -57.81 0.63 -2.04
C GLY B 90 -57.03 1.44 -1.02
N ARG B 91 -56.68 0.87 0.12
CA ARG B 91 -55.95 1.59 1.15
C ARG B 91 -54.66 0.87 1.51
N LEU B 92 -54.01 0.28 0.52
CA LEU B 92 -52.74 -0.39 0.69
C LEU B 92 -51.75 0.21 -0.29
N GLN B 93 -50.49 0.33 0.14
CA GLN B 93 -49.49 1.03 -0.64
C GLN B 93 -48.22 0.19 -0.70
N TRP B 94 -47.41 0.44 -1.70
CA TRP B 94 -46.17 -0.30 -1.94
C TRP B 94 -44.98 0.62 -1.71
N ASN B 95 -44.05 0.17 -0.86
CA ASN B 95 -42.85 0.96 -0.51
C ASN B 95 -41.61 0.08 -0.58
N GLY B 96 -41.53 -0.81 -1.57
CA GLY B 96 -40.40 -1.70 -1.72
C GLY B 96 -39.37 -1.16 -2.69
N SER B 97 -38.46 -2.05 -3.08
CA SER B 97 -37.33 -1.71 -3.93
C SER B 97 -37.47 -2.39 -5.28
N LYS B 98 -36.85 -1.79 -6.30
CA LYS B 98 -36.89 -2.39 -7.63
C LYS B 98 -36.37 -3.82 -7.61
N ASP B 99 -35.28 -4.06 -6.87
CA ASP B 99 -34.74 -5.40 -6.74
C ASP B 99 -35.53 -6.28 -5.79
N LEU B 100 -36.72 -5.83 -5.36
CA LEU B 100 -37.58 -6.63 -4.50
C LEU B 100 -36.83 -7.16 -3.29
N GLN B 101 -35.79 -6.44 -2.89
CA GLN B 101 -34.99 -6.83 -1.74
C GLN B 101 -35.54 -6.27 -0.44
N ASP B 102 -36.41 -5.26 -0.53
CA ASP B 102 -37.20 -4.76 0.58
C ASP B 102 -38.65 -4.74 0.13
N VAL B 103 -39.50 -5.46 0.84
CA VAL B 103 -40.86 -5.70 0.39
C VAL B 103 -41.83 -5.06 1.37
N SER B 104 -41.42 -3.93 1.94
CA SER B 104 -42.25 -3.23 2.92
C SER B 104 -43.55 -2.75 2.28
N ILE B 105 -44.61 -2.76 3.08
CA ILE B 105 -45.95 -2.41 2.63
C ILE B 105 -46.55 -1.43 3.63
N THR B 106 -47.27 -0.43 3.14
CA THR B 106 -47.82 0.62 3.99
C THR B 106 -49.33 0.58 3.96
N VAL B 107 -49.93 0.79 5.12
CA VAL B 107 -51.39 0.79 5.27
C VAL B 107 -51.85 2.19 5.65
N LEU B 108 -53.01 2.58 5.13
CA LEU B 108 -53.48 3.98 5.33
C LEU B 108 -54.66 4.01 6.31
N ASN B 109 -54.66 5.00 7.21
CA ASN B 109 -55.77 5.15 8.19
C ASN B 109 -55.98 3.86 8.97
N VAL B 110 -54.93 3.32 9.58
CA VAL B 110 -55.10 2.13 10.46
C VAL B 110 -56.22 2.42 11.46
N THR B 111 -57.21 1.54 11.56
CA THR B 111 -58.33 1.73 12.46
C THR B 111 -58.13 0.86 13.67
N LEU B 112 -58.92 1.07 14.70
CA LEU B 112 -58.71 0.29 15.91
C LEU B 112 -58.85 -1.20 15.69
N ASN B 113 -59.81 -1.59 14.86
CA ASN B 113 -60.12 -3.03 14.71
C ASN B 113 -58.97 -3.78 14.03
N ASP B 114 -58.47 -3.28 12.92
CA ASP B 114 -57.44 -4.01 12.15
C ASP B 114 -56.15 -4.19 12.98
N SER B 115 -55.83 -5.43 13.38
CA SER B 115 -54.69 -5.68 14.26
C SER B 115 -54.39 -7.16 14.18
N GLY B 116 -53.31 -7.57 14.83
CA GLY B 116 -53.02 -8.98 14.97
C GLY B 116 -51.80 -9.43 14.20
N LEU B 117 -51.98 -10.31 13.22
CA LEU B 117 -50.87 -10.95 12.52
C LEU B 117 -50.80 -10.48 11.08
N TYR B 118 -49.64 -9.94 10.70
CA TYR B 118 -49.30 -9.65 9.32
C TYR B 118 -48.10 -10.49 8.94
N THR B 119 -48.16 -11.13 7.78
CA THR B 119 -47.16 -12.12 7.39
C THR B 119 -46.54 -11.74 6.05
N CYS B 120 -45.23 -11.50 6.07
CA CYS B 120 -44.44 -11.21 4.87
C CYS B 120 -43.72 -12.50 4.51
N ASN B 121 -44.38 -13.28 3.65
CA ASN B 121 -43.86 -14.60 3.22
C ASN B 121 -43.25 -14.40 1.84
N VAL B 122 -41.94 -14.51 1.76
CA VAL B 122 -41.24 -14.19 0.52
C VAL B 122 -40.48 -15.43 0.05
N SER B 123 -40.62 -15.78 -1.22
CA SER B 123 -39.94 -16.92 -1.81
C SER B 123 -39.27 -16.49 -3.11
N ARG B 124 -38.00 -16.87 -3.28
CA ARG B 124 -37.25 -16.51 -4.47
C ARG B 124 -36.45 -17.69 -4.97
N GLU B 125 -36.17 -17.70 -6.28
CA GLU B 125 -35.44 -18.77 -6.94
C GLU B 125 -34.38 -18.18 -7.85
N PHE B 126 -33.22 -18.83 -7.89
CA PHE B 126 -32.04 -18.30 -8.57
C PHE B 126 -31.73 -19.11 -9.82
N GLU B 127 -30.82 -18.57 -10.63
CA GLU B 127 -30.41 -19.17 -11.89
C GLU B 127 -28.90 -19.35 -11.91
N PHE B 128 -28.45 -20.58 -12.20
CA PHE B 128 -27.02 -20.86 -12.21
C PHE B 128 -26.60 -21.81 -13.33
N GLU B 129 -27.46 -22.05 -14.33
CA GLU B 129 -27.13 -22.83 -15.53
C GLU B 129 -27.00 -24.32 -15.24
N ALA B 130 -27.02 -24.72 -13.98
CA ALA B 130 -26.98 -26.13 -13.62
C ALA B 130 -28.07 -26.50 -12.62
N HIS B 131 -28.42 -25.61 -11.71
CA HIS B 131 -29.43 -25.87 -10.72
C HIS B 131 -30.14 -24.57 -10.39
N ARG B 132 -31.35 -24.69 -9.84
CA ARG B 132 -32.21 -23.55 -9.55
C ARG B 132 -32.65 -23.63 -8.10
N PRO B 133 -31.81 -23.19 -7.17
CA PRO B 133 -32.18 -23.26 -5.75
C PRO B 133 -33.46 -22.48 -5.47
N PHE B 134 -34.23 -23.00 -4.52
CA PHE B 134 -35.44 -22.35 -4.03
C PHE B 134 -35.31 -22.08 -2.54
N VAL B 135 -35.77 -20.91 -2.11
CA VAL B 135 -35.71 -20.51 -0.72
C VAL B 135 -36.99 -19.77 -0.36
N LYS B 136 -37.44 -19.97 0.88
CA LYS B 136 -38.54 -19.22 1.44
C LYS B 136 -38.12 -18.76 2.83
N THR B 137 -38.35 -17.49 3.14
CA THR B 137 -38.04 -16.93 4.44
C THR B 137 -39.25 -16.17 4.94
N THR B 138 -39.91 -16.71 5.96
CA THR B 138 -41.11 -16.10 6.51
C THR B 138 -40.74 -15.01 7.50
N ARG B 139 -41.60 -13.99 7.57
CA ARG B 139 -41.44 -12.92 8.54
C ARG B 139 -42.81 -12.46 8.98
N LEU B 140 -43.04 -12.46 10.28
CA LEU B 140 -44.35 -12.18 10.84
C LEU B 140 -44.29 -10.91 11.69
N ILE B 141 -45.41 -10.20 11.73
CA ILE B 141 -45.50 -8.90 12.40
C ILE B 141 -46.72 -8.89 13.31
N PRO B 142 -46.56 -8.79 14.62
CA PRO B 142 -47.73 -8.62 15.49
C PRO B 142 -48.10 -7.16 15.64
N LEU B 143 -49.28 -6.77 15.21
CA LEU B 143 -49.69 -5.37 15.18
C LEU B 143 -50.81 -5.15 16.16
N ARG B 144 -50.64 -4.16 17.04
CA ARG B 144 -51.66 -3.78 18.02
C ARG B 144 -51.75 -2.26 18.03
N VAL B 145 -52.63 -1.71 17.20
CA VAL B 145 -52.90 -0.28 17.19
C VAL B 145 -53.70 0.08 18.43
N THR B 146 -53.52 1.31 18.90
CA THR B 146 -54.15 1.79 20.12
C THR B 146 -54.61 3.22 19.93
N GLU B 147 -55.46 3.67 20.84
CA GLU B 147 -56.08 4.99 20.70
C GLU B 147 -55.04 6.10 20.75
N GLU B 148 -54.07 5.99 21.66
CA GLU B 148 -52.97 6.95 21.69
C GLU B 148 -51.77 6.28 22.36
N ALA B 149 -50.79 5.90 21.57
CA ALA B 149 -49.56 5.33 22.10
C ALA B 149 -48.61 6.46 22.47
N GLY B 150 -48.20 6.50 23.74
CA GLY B 150 -47.31 7.54 24.22
C GLY B 150 -45.86 7.24 23.88
N GLU B 151 -44.99 8.07 24.42
CA GLU B 151 -43.56 7.89 24.21
C GLU B 151 -43.14 6.50 24.67
N ASP B 152 -42.29 5.86 23.87
CA ASP B 152 -41.85 4.51 24.18
C ASP B 152 -41.02 4.50 25.46
N PHE B 153 -41.04 3.36 26.14
CA PHE B 153 -40.44 3.27 27.47
C PHE B 153 -38.96 3.60 27.44
N THR B 154 -38.23 3.07 26.46
CA THR B 154 -36.78 3.23 26.44
C THR B 154 -36.38 4.69 26.37
N SER B 155 -37.04 5.46 25.50
CA SER B 155 -36.66 6.85 25.32
C SER B 155 -36.90 7.67 26.59
N VAL B 156 -37.99 7.39 27.31
CA VAL B 156 -38.30 8.16 28.50
C VAL B 156 -37.24 7.93 29.58
N VAL B 157 -36.88 6.67 29.82
CA VAL B 157 -35.85 6.39 30.81
C VAL B 157 -34.51 6.95 30.35
N SER B 158 -34.24 6.93 29.05
CA SER B 158 -33.00 7.55 28.57
C SER B 158 -32.98 9.04 28.85
N GLU B 159 -34.11 9.71 28.65
CA GLU B 159 -34.19 11.14 28.93
C GLU B 159 -34.02 11.41 30.42
N ILE B 160 -34.60 10.57 31.27
CA ILE B 160 -34.40 10.71 32.70
C ILE B 160 -32.93 10.56 33.04
N MET B 161 -32.26 9.58 32.44
CA MET B 161 -30.83 9.40 32.65
C MET B 161 -30.07 10.66 32.26
N MET B 162 -30.38 11.22 31.09
CA MET B 162 -29.69 12.43 30.66
C MET B 162 -29.88 13.53 31.69
N TYR B 163 -31.11 13.74 32.14
CA TYR B 163 -31.38 14.84 33.05
C TYR B 163 -30.67 14.66 34.38
N ILE B 164 -30.70 13.45 34.94
CA ILE B 164 -30.04 13.24 36.22
C ILE B 164 -28.53 13.44 36.06
N LEU B 165 -27.96 12.95 34.96
CA LEU B 165 -26.52 13.10 34.78
C LEU B 165 -26.14 14.56 34.58
N LEU B 166 -26.92 15.31 33.82
CA LEU B 166 -26.66 16.73 33.63
C LEU B 166 -26.71 17.46 34.97
N VAL B 167 -27.74 17.17 35.77
CA VAL B 167 -27.88 17.82 37.07
C VAL B 167 -26.70 17.46 37.97
N PHE B 168 -26.30 16.19 37.97
CA PHE B 168 -25.19 15.79 38.83
C PHE B 168 -23.90 16.46 38.43
N LEU B 169 -23.66 16.59 37.12
CA LEU B 169 -22.43 17.25 36.66
C LEU B 169 -22.41 18.71 37.09
N THR B 170 -23.52 19.43 36.85
CA THR B 170 -23.55 20.84 37.24
C THR B 170 -23.44 20.99 38.75
N LEU B 171 -24.05 20.06 39.50
CA LEU B 171 -23.93 20.09 40.95
C LEU B 171 -22.49 19.89 41.38
N TRP B 172 -21.78 18.95 40.76
CA TRP B 172 -20.38 18.71 41.10
C TRP B 172 -19.54 19.95 40.82
N LEU B 173 -19.79 20.60 39.68
CA LEU B 173 -19.08 21.84 39.37
C LEU B 173 -19.36 22.89 40.42
N LEU B 174 -20.63 23.06 40.81
CA LEU B 174 -20.97 24.05 41.81
C LEU B 174 -20.32 23.76 43.16
N ILE B 175 -20.33 22.49 43.57
CA ILE B 175 -19.72 22.12 44.84
C ILE B 175 -18.24 22.46 44.84
N GLU B 176 -17.53 22.11 43.76
CA GLU B 176 -16.09 22.39 43.79
C GLU B 176 -15.80 23.87 43.63
N MET B 177 -16.65 24.62 42.93
CA MET B 177 -16.47 26.07 42.91
C MET B 177 -16.59 26.64 44.32
N ILE B 178 -17.62 26.24 45.06
CA ILE B 178 -17.78 26.75 46.43
C ILE B 178 -16.59 26.33 47.28
N TYR B 179 -16.22 25.05 47.20
CA TYR B 179 -15.12 24.54 48.02
C TYR B 179 -13.85 25.32 47.77
N CYS B 180 -13.45 25.44 46.51
CA CYS B 180 -12.20 26.11 46.20
C CYS B 180 -12.28 27.61 46.47
N TYR B 181 -13.45 28.23 46.31
CA TYR B 181 -13.55 29.64 46.67
C TYR B 181 -13.30 29.83 48.16
N ARG B 182 -13.91 29.00 48.99
CA ARG B 182 -13.67 29.08 50.42
C ARG B 182 -12.19 28.92 50.72
N LYS B 183 -11.57 27.86 50.19
CA LYS B 183 -10.18 27.58 50.50
C LYS B 183 -9.27 28.71 50.04
N VAL B 184 -9.46 29.20 48.82
CA VAL B 184 -8.61 30.26 48.29
C VAL B 184 -8.77 31.52 49.11
N SER B 185 -10.01 31.96 49.34
CA SER B 185 -10.21 33.21 50.03
C SER B 185 -9.66 33.15 51.45
N LYS B 186 -9.65 31.97 52.08
CA LYS B 186 -8.93 31.86 53.34
C LYS B 186 -7.44 31.76 53.07
#